data_1RXE
# 
_entry.id   1RXE 
# 
_audit_conform.dict_name       mmcif_pdbx.dic 
_audit_conform.dict_version    5.397 
_audit_conform.dict_location   http://mmcif.pdb.org/dictionaries/ascii/mmcif_pdbx.dic 
# 
loop_
_database_2.database_id 
_database_2.database_code 
_database_2.pdbx_database_accession 
_database_2.pdbx_DOI 
PDB   1RXE         pdb_00001rxe 10.2210/pdb1rxe/pdb 
RCSB  RCSB021116   ?            ?                   
WWPDB D_1000021116 ?            ?                   
# 
loop_
_pdbx_audit_revision_history.ordinal 
_pdbx_audit_revision_history.data_content_type 
_pdbx_audit_revision_history.major_revision 
_pdbx_audit_revision_history.minor_revision 
_pdbx_audit_revision_history.revision_date 
1 'Structure model' 1 0 2004-06-01 
2 'Structure model' 1 1 2008-04-29 
3 'Structure model' 1 2 2011-07-13 
4 'Structure model' 1 3 2021-10-27 
5 'Structure model' 1 4 2024-10-30 
# 
_pdbx_audit_revision_details.ordinal             1 
_pdbx_audit_revision_details.revision_ordinal    1 
_pdbx_audit_revision_details.data_content_type   'Structure model' 
_pdbx_audit_revision_details.provider            repository 
_pdbx_audit_revision_details.type                'Initial release' 
_pdbx_audit_revision_details.description         ? 
_pdbx_audit_revision_details.details             ? 
# 
loop_
_pdbx_audit_revision_group.ordinal 
_pdbx_audit_revision_group.revision_ordinal 
_pdbx_audit_revision_group.data_content_type 
_pdbx_audit_revision_group.group 
1 2 'Structure model' 'Version format compliance' 
2 3 'Structure model' 'Version format compliance' 
3 4 'Structure model' 'Data collection'           
4 4 'Structure model' 'Database references'       
5 4 'Structure model' 'Derived calculations'      
6 5 'Structure model' 'Data collection'           
7 5 'Structure model' 'Structure summary'         
# 
loop_
_pdbx_audit_revision_category.ordinal 
_pdbx_audit_revision_category.revision_ordinal 
_pdbx_audit_revision_category.data_content_type 
_pdbx_audit_revision_category.category 
1  4 'Structure model' database_2                
2  4 'Structure model' diffrn_source             
3  4 'Structure model' pdbx_struct_conn_angle    
4  4 'Structure model' struct_conn               
5  4 'Structure model' struct_ref_seq_dif        
6  4 'Structure model' struct_site               
7  5 'Structure model' chem_comp_atom            
8  5 'Structure model' chem_comp_bond            
9  5 'Structure model' pdbx_entry_details        
10 5 'Structure model' pdbx_modification_feature 
# 
loop_
_pdbx_audit_revision_item.ordinal 
_pdbx_audit_revision_item.revision_ordinal 
_pdbx_audit_revision_item.data_content_type 
_pdbx_audit_revision_item.item 
1  4 'Structure model' '_database_2.pdbx_DOI'                        
2  4 'Structure model' '_database_2.pdbx_database_accession'         
3  4 'Structure model' '_diffrn_source.pdbx_synchrotron_site'        
4  4 'Structure model' '_pdbx_struct_conn_angle.ptnr1_auth_comp_id'  
5  4 'Structure model' '_pdbx_struct_conn_angle.ptnr1_auth_seq_id'   
6  4 'Structure model' '_pdbx_struct_conn_angle.ptnr1_label_asym_id' 
7  4 'Structure model' '_pdbx_struct_conn_angle.ptnr1_label_atom_id' 
8  4 'Structure model' '_pdbx_struct_conn_angle.ptnr1_label_comp_id' 
9  4 'Structure model' '_pdbx_struct_conn_angle.ptnr1_label_seq_id'  
10 4 'Structure model' '_pdbx_struct_conn_angle.ptnr3_auth_comp_id'  
11 4 'Structure model' '_pdbx_struct_conn_angle.ptnr3_auth_seq_id'   
12 4 'Structure model' '_pdbx_struct_conn_angle.ptnr3_label_asym_id' 
13 4 'Structure model' '_pdbx_struct_conn_angle.ptnr3_label_atom_id' 
14 4 'Structure model' '_pdbx_struct_conn_angle.ptnr3_label_comp_id' 
15 4 'Structure model' '_pdbx_struct_conn_angle.ptnr3_label_seq_id'  
16 4 'Structure model' '_pdbx_struct_conn_angle.value'               
17 4 'Structure model' '_struct_conn.pdbx_dist_value'                
18 4 'Structure model' '_struct_conn.pdbx_leaving_atom_flag'         
19 4 'Structure model' '_struct_conn.ptnr1_auth_comp_id'             
20 4 'Structure model' '_struct_conn.ptnr1_auth_seq_id'              
21 4 'Structure model' '_struct_conn.ptnr1_label_asym_id'            
22 4 'Structure model' '_struct_conn.ptnr1_label_atom_id'            
23 4 'Structure model' '_struct_conn.ptnr1_label_comp_id'            
24 4 'Structure model' '_struct_conn.ptnr1_label_seq_id'             
25 4 'Structure model' '_struct_conn.ptnr2_auth_comp_id'             
26 4 'Structure model' '_struct_conn.ptnr2_auth_seq_id'              
27 4 'Structure model' '_struct_conn.ptnr2_label_asym_id'            
28 4 'Structure model' '_struct_conn.ptnr2_label_atom_id'            
29 4 'Structure model' '_struct_conn.ptnr2_label_comp_id'            
30 4 'Structure model' '_struct_conn.ptnr2_label_seq_id'             
31 4 'Structure model' '_struct_ref_seq_dif.details'                 
32 4 'Structure model' '_struct_site.pdbx_auth_asym_id'              
33 4 'Structure model' '_struct_site.pdbx_auth_comp_id'              
34 4 'Structure model' '_struct_site.pdbx_auth_seq_id'               
# 
_pdbx_database_status.status_code                     REL 
_pdbx_database_status.entry_id                        1RXE 
_pdbx_database_status.recvd_initial_deposition_date   2003-12-18 
_pdbx_database_status.deposit_site                    RCSB 
_pdbx_database_status.process_site                    RCSB 
_pdbx_database_status.status_code_sf                  REL 
_pdbx_database_status.SG_entry                        . 
_pdbx_database_status.pdb_format_compatible           Y 
_pdbx_database_status.status_code_mr                  ? 
_pdbx_database_status.status_code_cs                  ? 
_pdbx_database_status.status_code_nmr_data            ? 
_pdbx_database_status.methods_development_category    ? 
# 
loop_
_pdbx_database_related.db_name 
_pdbx_database_related.db_id 
_pdbx_database_related.details 
_pdbx_database_related.content_type 
PDB 1LJL 'wild-type ArsC in its reduced state' unspecified 
PDB 1RXI 'ArsC triple mutant C10S/C15A/C82S'   unspecified 
# 
loop_
_audit_author.name 
_audit_author.pdbx_ordinal 
'Messens, J.'        1 
'Van Molle, I.'      2 
'Vanhaesebrouck, P.' 3 
'Limbourg, M.'       4 
'Van Belle, K.'      5 
'Wahni, K.'          6 
'Martins, J.C.'      7 
'Loris, R.'          8 
'Wyns, L.'           9 
# 
_citation.id                        primary 
_citation.title                     
'The structure of a triple mutant of pI258 arsenate reductase from Staphylococcus aureus and its 5-thio-2-nitrobenzoic acid adduct.' 
_citation.journal_abbrev            'Acta Crystallogr.,Sect.D' 
_citation.journal_volume            60 
_citation.page_first                1180 
_citation.page_last                 1184 
_citation.year                      2004 
_citation.journal_id_ASTM           ABCRE6 
_citation.country                   DK 
_citation.journal_id_ISSN           0907-4449 
_citation.journal_id_CSD            0766 
_citation.book_publisher            ? 
_citation.pdbx_database_id_PubMed   15159594 
_citation.pdbx_database_id_DOI      10.1107/S0907444904007334 
# 
loop_
_citation_author.citation_id 
_citation_author.name 
_citation_author.ordinal 
_citation_author.identifier_ORCID 
primary 'Messens, J.'        1 ? 
primary 'Van Molle, I.'      2 ? 
primary 'Vanhaesebrouck, P.' 3 ? 
primary 'Van Belle, K.'      4 ? 
primary 'Wahni, K.'          5 ? 
primary 'Martins, J.C.'      6 ? 
primary 'Wyns, L.'           7 ? 
primary 'Loris, R.'          8 ? 
# 
loop_
_entity.id 
_entity.type 
_entity.src_method 
_entity.pdbx_description 
_entity.formula_weight 
_entity.pdbx_number_of_molecules 
_entity.pdbx_ec 
_entity.pdbx_mutation 
_entity.pdbx_fragment 
_entity.details 
1 polymer     man 'Arsenate reductase'              14767.542 1   1.20.4.1 'C10S, C15A, C82S' ? ? 
2 non-polymer syn 'POTASSIUM ION'                   39.098    1   ?        ?                  ? ? 
3 non-polymer syn 'PERCHLORATE ION'                 99.451    1   ?        ?                  ? ? 
4 non-polymer syn '5-MERCAPTO-2-NITRO-BENZOIC ACID' 199.184   1   ?        ?                  ? ? 
5 water       nat water                             18.015    125 ?        ?                  ? ? 
# 
_entity_name_com.entity_id   1 
_entity_name_com.name        'ARSC, Arsenical pump modifier' 
# 
_entity_poly.entity_id                      1 
_entity_poly.type                           'polypeptide(L)' 
_entity_poly.nstd_linkage                   no 
_entity_poly.nstd_monomer                   no 
_entity_poly.pdbx_seq_one_letter_code       
;MDKKTIYFISTGNSARSQMAEGWGKEILGEGWNVYSAGIETHGVNPKAIEAMKEVDIDISNHTSDLIDNDILKQSDLVVT
LSSDADNNCPILPPNVKKEHWGFDDPAGKEWSEFQRVRDEIKLAIEKFKLR
;
_entity_poly.pdbx_seq_one_letter_code_can   
;MDKKTIYFISTGNSARSQMAEGWGKEILGEGWNVYSAGIETHGVNPKAIEAMKEVDIDISNHTSDLIDNDILKQSDLVVT
LSSDADNNCPILPPNVKKEHWGFDDPAGKEWSEFQRVRDEIKLAIEKFKLR
;
_entity_poly.pdbx_strand_id                 A 
_entity_poly.pdbx_target_identifier         ? 
# 
loop_
_pdbx_entity_nonpoly.entity_id 
_pdbx_entity_nonpoly.name 
_pdbx_entity_nonpoly.comp_id 
2 'POTASSIUM ION'                   K   
3 'PERCHLORATE ION'                 LCP 
4 '5-MERCAPTO-2-NITRO-BENZOIC ACID' MNB 
5 water                             HOH 
# 
loop_
_entity_poly_seq.entity_id 
_entity_poly_seq.num 
_entity_poly_seq.mon_id 
_entity_poly_seq.hetero 
1 1   MET n 
1 2   ASP n 
1 3   LYS n 
1 4   LYS n 
1 5   THR n 
1 6   ILE n 
1 7   TYR n 
1 8   PHE n 
1 9   ILE n 
1 10  SER n 
1 11  THR n 
1 12  GLY n 
1 13  ASN n 
1 14  SER n 
1 15  ALA n 
1 16  ARG n 
1 17  SER n 
1 18  GLN n 
1 19  MET n 
1 20  ALA n 
1 21  GLU n 
1 22  GLY n 
1 23  TRP n 
1 24  GLY n 
1 25  LYS n 
1 26  GLU n 
1 27  ILE n 
1 28  LEU n 
1 29  GLY n 
1 30  GLU n 
1 31  GLY n 
1 32  TRP n 
1 33  ASN n 
1 34  VAL n 
1 35  TYR n 
1 36  SER n 
1 37  ALA n 
1 38  GLY n 
1 39  ILE n 
1 40  GLU n 
1 41  THR n 
1 42  HIS n 
1 43  GLY n 
1 44  VAL n 
1 45  ASN n 
1 46  PRO n 
1 47  LYS n 
1 48  ALA n 
1 49  ILE n 
1 50  GLU n 
1 51  ALA n 
1 52  MET n 
1 53  LYS n 
1 54  GLU n 
1 55  VAL n 
1 56  ASP n 
1 57  ILE n 
1 58  ASP n 
1 59  ILE n 
1 60  SER n 
1 61  ASN n 
1 62  HIS n 
1 63  THR n 
1 64  SER n 
1 65  ASP n 
1 66  LEU n 
1 67  ILE n 
1 68  ASP n 
1 69  ASN n 
1 70  ASP n 
1 71  ILE n 
1 72  LEU n 
1 73  LYS n 
1 74  GLN n 
1 75  SER n 
1 76  ASP n 
1 77  LEU n 
1 78  VAL n 
1 79  VAL n 
1 80  THR n 
1 81  LEU n 
1 82  SER n 
1 83  SER n 
1 84  ASP n 
1 85  ALA n 
1 86  ASP n 
1 87  ASN n 
1 88  ASN n 
1 89  CYS n 
1 90  PRO n 
1 91  ILE n 
1 92  LEU n 
1 93  PRO n 
1 94  PRO n 
1 95  ASN n 
1 96  VAL n 
1 97  LYS n 
1 98  LYS n 
1 99  GLU n 
1 100 HIS n 
1 101 TRP n 
1 102 GLY n 
1 103 PHE n 
1 104 ASP n 
1 105 ASP n 
1 106 PRO n 
1 107 ALA n 
1 108 GLY n 
1 109 LYS n 
1 110 GLU n 
1 111 TRP n 
1 112 SER n 
1 113 GLU n 
1 114 PHE n 
1 115 GLN n 
1 116 ARG n 
1 117 VAL n 
1 118 ARG n 
1 119 ASP n 
1 120 GLU n 
1 121 ILE n 
1 122 LYS n 
1 123 LEU n 
1 124 ALA n 
1 125 ILE n 
1 126 GLU n 
1 127 LYS n 
1 128 PHE n 
1 129 LYS n 
1 130 LEU n 
1 131 ARG n 
# 
_entity_src_gen.entity_id                          1 
_entity_src_gen.pdbx_src_id                        1 
_entity_src_gen.pdbx_alt_source_flag               sample 
_entity_src_gen.pdbx_seq_type                      ? 
_entity_src_gen.pdbx_beg_seq_num                   ? 
_entity_src_gen.pdbx_end_seq_num                   ? 
_entity_src_gen.gene_src_common_name               ? 
_entity_src_gen.gene_src_genus                     Staphylococcus 
_entity_src_gen.pdbx_gene_src_gene                 'ARSC, SAP018' 
_entity_src_gen.gene_src_species                   ? 
_entity_src_gen.gene_src_strain                    ? 
_entity_src_gen.gene_src_tissue                    ? 
_entity_src_gen.gene_src_tissue_fraction           ? 
_entity_src_gen.gene_src_details                   ? 
_entity_src_gen.pdbx_gene_src_fragment             ? 
_entity_src_gen.pdbx_gene_src_scientific_name      'Staphylococcus aureus' 
_entity_src_gen.pdbx_gene_src_ncbi_taxonomy_id     1280 
_entity_src_gen.pdbx_gene_src_variant              ? 
_entity_src_gen.pdbx_gene_src_cell_line            ? 
_entity_src_gen.pdbx_gene_src_atcc                 ? 
_entity_src_gen.pdbx_gene_src_organ                ? 
_entity_src_gen.pdbx_gene_src_organelle            ? 
_entity_src_gen.pdbx_gene_src_cell                 ? 
_entity_src_gen.pdbx_gene_src_cellular_location    ? 
_entity_src_gen.host_org_common_name               ? 
_entity_src_gen.pdbx_host_org_scientific_name      'Escherichia coli' 
_entity_src_gen.pdbx_host_org_ncbi_taxonomy_id     562 
_entity_src_gen.host_org_genus                     Escherichia 
_entity_src_gen.pdbx_host_org_gene                 ? 
_entity_src_gen.pdbx_host_org_organ                ? 
_entity_src_gen.host_org_species                   ? 
_entity_src_gen.pdbx_host_org_tissue               ? 
_entity_src_gen.pdbx_host_org_tissue_fraction      ? 
_entity_src_gen.pdbx_host_org_strain               ? 
_entity_src_gen.pdbx_host_org_variant              ? 
_entity_src_gen.pdbx_host_org_cell_line            ? 
_entity_src_gen.pdbx_host_org_atcc                 ? 
_entity_src_gen.pdbx_host_org_culture_collection   ? 
_entity_src_gen.pdbx_host_org_cell                 ? 
_entity_src_gen.pdbx_host_org_organelle            ? 
_entity_src_gen.pdbx_host_org_cellular_location    ? 
_entity_src_gen.pdbx_host_org_vector_type          ? 
_entity_src_gen.pdbx_host_org_vector               ? 
_entity_src_gen.host_org_details                   ? 
_entity_src_gen.expression_system_id               ? 
_entity_src_gen.plasmid_name                       ? 
_entity_src_gen.plasmid_details                    ? 
_entity_src_gen.pdbx_description                   ? 
# 
loop_
_chem_comp.id 
_chem_comp.type 
_chem_comp.mon_nstd_flag 
_chem_comp.name 
_chem_comp.pdbx_synonyms 
_chem_comp.formula 
_chem_comp.formula_weight 
ALA 'L-peptide linking' y ALANINE                           ? 'C3 H7 N O2'     89.093  
ARG 'L-peptide linking' y ARGININE                          ? 'C6 H15 N4 O2 1' 175.209 
ASN 'L-peptide linking' y ASPARAGINE                        ? 'C4 H8 N2 O3'    132.118 
ASP 'L-peptide linking' y 'ASPARTIC ACID'                   ? 'C4 H7 N O4'     133.103 
CYS 'L-peptide linking' y CYSTEINE                          ? 'C3 H7 N O2 S'   121.158 
GLN 'L-peptide linking' y GLUTAMINE                         ? 'C5 H10 N2 O3'   146.144 
GLU 'L-peptide linking' y 'GLUTAMIC ACID'                   ? 'C5 H9 N O4'     147.129 
GLY 'peptide linking'   y GLYCINE                           ? 'C2 H5 N O2'     75.067  
HIS 'L-peptide linking' y HISTIDINE                         ? 'C6 H10 N3 O2 1' 156.162 
HOH non-polymer         . WATER                             ? 'H2 O'           18.015  
ILE 'L-peptide linking' y ISOLEUCINE                        ? 'C6 H13 N O2'    131.173 
K   non-polymer         . 'POTASSIUM ION'                   ? 'K 1'            39.098  
LCP non-polymer         . 'PERCHLORATE ION'                 ? 'Cl O4 -1'       99.451  
LEU 'L-peptide linking' y LEUCINE                           ? 'C6 H13 N O2'    131.173 
LYS 'L-peptide linking' y LYSINE                            ? 'C6 H15 N2 O2 1' 147.195 
MET 'L-peptide linking' y METHIONINE                        ? 'C5 H11 N O2 S'  149.211 
MNB non-polymer         . '5-MERCAPTO-2-NITRO-BENZOIC ACID' ? 'C7 H5 N O4 S'   199.184 
PHE 'L-peptide linking' y PHENYLALANINE                     ? 'C9 H11 N O2'    165.189 
PRO 'L-peptide linking' y PROLINE                           ? 'C5 H9 N O2'     115.130 
SER 'L-peptide linking' y SERINE                            ? 'C3 H7 N O3'     105.093 
THR 'L-peptide linking' y THREONINE                         ? 'C4 H9 N O3'     119.119 
TRP 'L-peptide linking' y TRYPTOPHAN                        ? 'C11 H12 N2 O2'  204.225 
TYR 'L-peptide linking' y TYROSINE                          ? 'C9 H11 N O3'    181.189 
VAL 'L-peptide linking' y VALINE                            ? 'C5 H11 N O2'    117.146 
# 
loop_
_pdbx_poly_seq_scheme.asym_id 
_pdbx_poly_seq_scheme.entity_id 
_pdbx_poly_seq_scheme.seq_id 
_pdbx_poly_seq_scheme.mon_id 
_pdbx_poly_seq_scheme.ndb_seq_num 
_pdbx_poly_seq_scheme.pdb_seq_num 
_pdbx_poly_seq_scheme.auth_seq_num 
_pdbx_poly_seq_scheme.pdb_mon_id 
_pdbx_poly_seq_scheme.auth_mon_id 
_pdbx_poly_seq_scheme.pdb_strand_id 
_pdbx_poly_seq_scheme.pdb_ins_code 
_pdbx_poly_seq_scheme.hetero 
A 1 1   MET 1   1   1   MET MET A . n 
A 1 2   ASP 2   2   2   ASP ASP A . n 
A 1 3   LYS 3   3   3   LYS LYS A . n 
A 1 4   LYS 4   4   4   LYS LYS A . n 
A 1 5   THR 5   5   5   THR THR A . n 
A 1 6   ILE 6   6   6   ILE ILE A . n 
A 1 7   TYR 7   7   7   TYR TYR A . n 
A 1 8   PHE 8   8   8   PHE PHE A . n 
A 1 9   ILE 9   9   9   ILE ILE A . n 
A 1 10  SER 10  10  10  SER SER A . n 
A 1 11  THR 11  11  11  THR THR A . n 
A 1 12  GLY 12  12  12  GLY GLY A . n 
A 1 13  ASN 13  13  13  ASN ASN A . n 
A 1 14  SER 14  14  14  SER SER A . n 
A 1 15  ALA 15  15  15  ALA ALA A . n 
A 1 16  ARG 16  16  16  ARG ARG A . n 
A 1 17  SER 17  17  17  SER SER A . n 
A 1 18  GLN 18  18  18  GLN GLN A . n 
A 1 19  MET 19  19  19  MET MET A . n 
A 1 20  ALA 20  20  20  ALA ALA A . n 
A 1 21  GLU 21  21  21  GLU GLU A . n 
A 1 22  GLY 22  22  22  GLY GLY A . n 
A 1 23  TRP 23  23  23  TRP TRP A . n 
A 1 24  GLY 24  24  24  GLY GLY A . n 
A 1 25  LYS 25  25  25  LYS LYS A . n 
A 1 26  GLU 26  26  26  GLU GLU A . n 
A 1 27  ILE 27  27  27  ILE ILE A . n 
A 1 28  LEU 28  28  28  LEU LEU A . n 
A 1 29  GLY 29  29  29  GLY GLY A . n 
A 1 30  GLU 30  30  30  GLU GLU A . n 
A 1 31  GLY 31  31  31  GLY GLY A . n 
A 1 32  TRP 32  32  32  TRP TRP A . n 
A 1 33  ASN 33  33  33  ASN ASN A . n 
A 1 34  VAL 34  34  34  VAL VAL A . n 
A 1 35  TYR 35  35  35  TYR TYR A . n 
A 1 36  SER 36  36  36  SER SER A . n 
A 1 37  ALA 37  37  37  ALA ALA A . n 
A 1 38  GLY 38  38  38  GLY GLY A . n 
A 1 39  ILE 39  39  39  ILE ILE A . n 
A 1 40  GLU 40  40  40  GLU GLU A . n 
A 1 41  THR 41  41  41  THR THR A . n 
A 1 42  HIS 42  42  42  HIS HIS A . n 
A 1 43  GLY 43  43  43  GLY GLY A . n 
A 1 44  VAL 44  44  44  VAL VAL A . n 
A 1 45  ASN 45  45  45  ASN ASN A . n 
A 1 46  PRO 46  46  46  PRO PRO A . n 
A 1 47  LYS 47  47  47  LYS LYS A . n 
A 1 48  ALA 48  48  48  ALA ALA A . n 
A 1 49  ILE 49  49  49  ILE ILE A . n 
A 1 50  GLU 50  50  50  GLU GLU A . n 
A 1 51  ALA 51  51  51  ALA ALA A . n 
A 1 52  MET 52  52  52  MET MET A . n 
A 1 53  LYS 53  53  53  LYS LYS A . n 
A 1 54  GLU 54  54  54  GLU GLU A . n 
A 1 55  VAL 55  55  55  VAL VAL A . n 
A 1 56  ASP 56  56  56  ASP ASP A . n 
A 1 57  ILE 57  57  57  ILE ILE A . n 
A 1 58  ASP 58  58  58  ASP ASP A . n 
A 1 59  ILE 59  59  59  ILE ILE A . n 
A 1 60  SER 60  60  60  SER SER A . n 
A 1 61  ASN 61  61  61  ASN ASN A . n 
A 1 62  HIS 62  62  62  HIS HIS A . n 
A 1 63  THR 63  63  63  THR THR A . n 
A 1 64  SER 64  64  64  SER SER A . n 
A 1 65  ASP 65  65  65  ASP ASP A . n 
A 1 66  LEU 66  66  66  LEU LEU A . n 
A 1 67  ILE 67  67  67  ILE ILE A . n 
A 1 68  ASP 68  68  68  ASP ASP A . n 
A 1 69  ASN 69  69  69  ASN ASN A . n 
A 1 70  ASP 70  70  70  ASP ASP A . n 
A 1 71  ILE 71  71  71  ILE ILE A . n 
A 1 72  LEU 72  72  72  LEU LEU A . n 
A 1 73  LYS 73  73  73  LYS LYS A . n 
A 1 74  GLN 74  74  74  GLN GLN A . n 
A 1 75  SER 75  75  75  SER SER A . n 
A 1 76  ASP 76  76  76  ASP ASP A . n 
A 1 77  LEU 77  77  77  LEU LEU A . n 
A 1 78  VAL 78  78  78  VAL VAL A . n 
A 1 79  VAL 79  79  79  VAL VAL A . n 
A 1 80  THR 80  80  80  THR THR A . n 
A 1 81  LEU 81  81  81  LEU LEU A . n 
A 1 82  SER 82  82  82  SER SER A . n 
A 1 83  SER 83  83  83  SER SER A . n 
A 1 84  ASP 84  84  84  ASP ASP A . n 
A 1 85  ALA 85  85  85  ALA ALA A . n 
A 1 86  ASP 86  86  86  ASP ASP A . n 
A 1 87  ASN 87  87  87  ASN ASN A . n 
A 1 88  ASN 88  88  88  ASN ASN A . n 
A 1 89  CYS 89  89  89  CYS CYS A . n 
A 1 90  PRO 90  90  90  PRO PRO A . n 
A 1 91  ILE 91  91  91  ILE ILE A . n 
A 1 92  LEU 92  92  92  LEU LEU A . n 
A 1 93  PRO 93  93  93  PRO PRO A . n 
A 1 94  PRO 94  94  94  PRO PRO A . n 
A 1 95  ASN 95  95  95  ASN ASN A . n 
A 1 96  VAL 96  96  96  VAL VAL A . n 
A 1 97  LYS 97  97  97  LYS LYS A . n 
A 1 98  LYS 98  98  98  LYS LYS A . n 
A 1 99  GLU 99  99  99  GLU GLU A . n 
A 1 100 HIS 100 100 100 HIS HIS A . n 
A 1 101 TRP 101 101 101 TRP TRP A . n 
A 1 102 GLY 102 102 102 GLY GLY A . n 
A 1 103 PHE 103 103 103 PHE PHE A . n 
A 1 104 ASP 104 104 104 ASP ASP A . n 
A 1 105 ASP 105 105 105 ASP ASP A . n 
A 1 106 PRO 106 106 106 PRO PRO A . n 
A 1 107 ALA 107 107 107 ALA ALA A . n 
A 1 108 GLY 108 108 108 GLY GLY A . n 
A 1 109 LYS 109 109 109 LYS LYS A . n 
A 1 110 GLU 110 110 110 GLU GLU A . n 
A 1 111 TRP 111 111 111 TRP TRP A . n 
A 1 112 SER 112 112 112 SER SER A . n 
A 1 113 GLU 113 113 113 GLU GLU A . n 
A 1 114 PHE 114 114 114 PHE PHE A . n 
A 1 115 GLN 115 115 115 GLN GLN A . n 
A 1 116 ARG 116 116 116 ARG ARG A . n 
A 1 117 VAL 117 117 117 VAL VAL A . n 
A 1 118 ARG 118 118 118 ARG ARG A . n 
A 1 119 ASP 119 119 119 ASP ASP A . n 
A 1 120 GLU 120 120 120 GLU GLU A . n 
A 1 121 ILE 121 121 121 ILE ILE A . n 
A 1 122 LYS 122 122 122 LYS LYS A . n 
A 1 123 LEU 123 123 123 LEU LEU A . n 
A 1 124 ALA 124 124 124 ALA ALA A . n 
A 1 125 ILE 125 125 125 ILE ILE A . n 
A 1 126 GLU 126 126 126 GLU GLU A . n 
A 1 127 LYS 127 127 127 LYS LYS A . n 
A 1 128 PHE 128 128 128 PHE PHE A . n 
A 1 129 LYS 129 129 129 LYS LYS A . n 
A 1 130 LEU 130 130 130 LEU LEU A . n 
A 1 131 ARG 131 131 131 ARG ARG A . n 
# 
loop_
_pdbx_nonpoly_scheme.asym_id 
_pdbx_nonpoly_scheme.entity_id 
_pdbx_nonpoly_scheme.mon_id 
_pdbx_nonpoly_scheme.ndb_seq_num 
_pdbx_nonpoly_scheme.pdb_seq_num 
_pdbx_nonpoly_scheme.auth_seq_num 
_pdbx_nonpoly_scheme.pdb_mon_id 
_pdbx_nonpoly_scheme.auth_mon_id 
_pdbx_nonpoly_scheme.pdb_strand_id 
_pdbx_nonpoly_scheme.pdb_ins_code 
B 2 K   1   152 152 K   K   A . 
C 3 LCP 1   153 153 LCP LCP A . 
D 4 MNB 1   151 151 MNB MNB A . 
E 5 HOH 1   201 201 HOH HOH A . 
E 5 HOH 2   202 202 HOH HOH A . 
E 5 HOH 3   203 203 HOH HOH A . 
E 5 HOH 4   204 204 HOH HOH A . 
E 5 HOH 5   205 205 HOH HOH A . 
E 5 HOH 6   206 206 HOH HOH A . 
E 5 HOH 7   207 207 HOH HOH A . 
E 5 HOH 8   208 208 HOH HOH A . 
E 5 HOH 9   209 209 HOH HOH A . 
E 5 HOH 10  210 210 HOH HOH A . 
E 5 HOH 11  211 211 HOH HOH A . 
E 5 HOH 12  212 212 HOH HOH A . 
E 5 HOH 13  213 213 HOH HOH A . 
E 5 HOH 14  214 214 HOH HOH A . 
E 5 HOH 15  215 215 HOH HOH A . 
E 5 HOH 16  216 216 HOH HOH A . 
E 5 HOH 17  217 217 HOH HOH A . 
E 5 HOH 18  218 218 HOH HOH A . 
E 5 HOH 19  219 219 HOH HOH A . 
E 5 HOH 20  220 220 HOH HOH A . 
E 5 HOH 21  221 221 HOH HOH A . 
E 5 HOH 22  222 222 HOH HOH A . 
E 5 HOH 23  223 223 HOH HOH A . 
E 5 HOH 24  224 224 HOH HOH A . 
E 5 HOH 25  225 225 HOH HOH A . 
E 5 HOH 26  226 226 HOH HOH A . 
E 5 HOH 27  227 227 HOH HOH A . 
E 5 HOH 28  228 228 HOH HOH A . 
E 5 HOH 29  229 229 HOH HOH A . 
E 5 HOH 30  230 230 HOH HOH A . 
E 5 HOH 31  231 231 HOH HOH A . 
E 5 HOH 32  232 232 HOH HOH A . 
E 5 HOH 33  233 233 HOH HOH A . 
E 5 HOH 34  234 234 HOH HOH A . 
E 5 HOH 35  235 235 HOH HOH A . 
E 5 HOH 36  236 236 HOH HOH A . 
E 5 HOH 37  237 237 HOH HOH A . 
E 5 HOH 38  238 238 HOH HOH A . 
E 5 HOH 39  239 239 HOH HOH A . 
E 5 HOH 40  240 240 HOH HOH A . 
E 5 HOH 41  241 241 HOH HOH A . 
E 5 HOH 42  242 242 HOH HOH A . 
E 5 HOH 43  243 243 HOH HOH A . 
E 5 HOH 44  244 244 HOH HOH A . 
E 5 HOH 45  245 245 HOH HOH A . 
E 5 HOH 46  246 246 HOH HOH A . 
E 5 HOH 47  247 247 HOH HOH A . 
E 5 HOH 48  248 248 HOH HOH A . 
E 5 HOH 49  249 249 HOH HOH A . 
E 5 HOH 50  250 250 HOH HOH A . 
E 5 HOH 51  251 251 HOH HOH A . 
E 5 HOH 52  252 252 HOH HOH A . 
E 5 HOH 53  253 253 HOH HOH A . 
E 5 HOH 54  254 254 HOH HOH A . 
E 5 HOH 55  255 255 HOH HOH A . 
E 5 HOH 56  256 256 HOH HOH A . 
E 5 HOH 57  257 257 HOH HOH A . 
E 5 HOH 58  258 258 HOH HOH A . 
E 5 HOH 59  259 259 HOH HOH A . 
E 5 HOH 60  260 260 HOH HOH A . 
E 5 HOH 61  261 261 HOH HOH A . 
E 5 HOH 62  262 262 HOH HOH A . 
E 5 HOH 63  263 263 HOH HOH A . 
E 5 HOH 64  264 264 HOH HOH A . 
E 5 HOH 65  265 265 HOH HOH A . 
E 5 HOH 66  266 266 HOH HOH A . 
E 5 HOH 67  267 267 HOH HOH A . 
E 5 HOH 68  268 268 HOH HOH A . 
E 5 HOH 69  269 269 HOH HOH A . 
E 5 HOH 70  270 270 HOH HOH A . 
E 5 HOH 71  271 271 HOH HOH A . 
E 5 HOH 72  272 272 HOH HOH A . 
E 5 HOH 73  273 273 HOH HOH A . 
E 5 HOH 74  274 274 HOH HOH A . 
E 5 HOH 75  275 275 HOH HOH A . 
E 5 HOH 76  276 276 HOH HOH A . 
E 5 HOH 77  277 277 HOH HOH A . 
E 5 HOH 78  278 278 HOH HOH A . 
E 5 HOH 79  279 279 HOH HOH A . 
E 5 HOH 80  280 280 HOH HOH A . 
E 5 HOH 81  281 281 HOH HOH A . 
E 5 HOH 82  282 282 HOH HOH A . 
E 5 HOH 83  283 283 HOH HOH A . 
E 5 HOH 84  284 284 HOH HOH A . 
E 5 HOH 85  285 285 HOH HOH A . 
E 5 HOH 86  286 286 HOH HOH A . 
E 5 HOH 87  287 287 HOH HOH A . 
E 5 HOH 88  288 288 HOH HOH A . 
E 5 HOH 89  289 289 HOH HOH A . 
E 5 HOH 90  290 290 HOH HOH A . 
E 5 HOH 91  291 291 HOH HOH A . 
E 5 HOH 92  292 292 HOH HOH A . 
E 5 HOH 93  293 293 HOH HOH A . 
E 5 HOH 94  294 294 HOH HOH A . 
E 5 HOH 95  295 295 HOH HOH A . 
E 5 HOH 96  296 296 HOH HOH A . 
E 5 HOH 97  297 297 HOH HOH A . 
E 5 HOH 98  298 298 HOH HOH A . 
E 5 HOH 99  299 299 HOH HOH A . 
E 5 HOH 100 300 300 HOH HOH A . 
E 5 HOH 101 301 301 HOH HOH A . 
E 5 HOH 102 302 302 HOH HOH A . 
E 5 HOH 103 303 303 HOH HOH A . 
E 5 HOH 104 304 304 HOH HOH A . 
E 5 HOH 105 305 305 HOH HOH A . 
E 5 HOH 106 306 306 HOH HOH A . 
E 5 HOH 107 307 307 HOH HOH A . 
E 5 HOH 108 308 308 HOH HOH A . 
E 5 HOH 109 309 309 HOH HOH A . 
E 5 HOH 110 310 310 HOH HOH A . 
E 5 HOH 111 311 311 HOH HOH A . 
E 5 HOH 112 312 312 HOH HOH A . 
E 5 HOH 113 313 313 HOH HOH A . 
E 5 HOH 114 314 314 HOH HOH A . 
E 5 HOH 115 315 315 HOH HOH A . 
E 5 HOH 116 316 316 HOH HOH A . 
E 5 HOH 117 317 317 HOH HOH A . 
E 5 HOH 118 318 318 HOH HOH A . 
E 5 HOH 119 319 319 HOH HOH A . 
E 5 HOH 120 320 320 HOH HOH A . 
E 5 HOH 121 321 321 HOH HOH A . 
E 5 HOH 122 322 322 HOH HOH A . 
E 5 HOH 123 323 323 HOH HOH A . 
E 5 HOH 124 324 324 HOH HOH A . 
E 5 HOH 125 325 325 HOH HOH A . 
# 
loop_
_pdbx_unobs_or_zero_occ_atoms.id 
_pdbx_unobs_or_zero_occ_atoms.PDB_model_num 
_pdbx_unobs_or_zero_occ_atoms.polymer_flag 
_pdbx_unobs_or_zero_occ_atoms.occupancy_flag 
_pdbx_unobs_or_zero_occ_atoms.auth_asym_id 
_pdbx_unobs_or_zero_occ_atoms.auth_comp_id 
_pdbx_unobs_or_zero_occ_atoms.auth_seq_id 
_pdbx_unobs_or_zero_occ_atoms.PDB_ins_code 
_pdbx_unobs_or_zero_occ_atoms.auth_atom_id 
_pdbx_unobs_or_zero_occ_atoms.label_alt_id 
_pdbx_unobs_or_zero_occ_atoms.label_asym_id 
_pdbx_unobs_or_zero_occ_atoms.label_comp_id 
_pdbx_unobs_or_zero_occ_atoms.label_seq_id 
_pdbx_unobs_or_zero_occ_atoms.label_atom_id 
1  1 Y 1 A MET 1  ? N   ? A MET 1  N   
2  1 Y 1 A MET 1  ? CB  ? A MET 1  CB  
3  1 Y 1 A MET 1  ? CG  ? A MET 1  CG  
4  1 Y 1 A MET 1  ? SD  ? A MET 1  SD  
5  1 Y 1 A MET 1  ? CE  ? A MET 1  CE  
6  1 Y 1 A ASP 70 ? CG  ? A ASP 70 CG  
7  1 Y 1 A ASP 70 ? OD1 ? A ASP 70 OD1 
8  1 Y 1 A ASP 70 ? OD2 ? A ASP 70 OD2 
9  1 Y 1 A LYS 73 ? CG  ? A LYS 73 CG  
10 1 Y 1 A LYS 73 ? CD  ? A LYS 73 CD  
11 1 Y 1 A LYS 73 ? CE  ? A LYS 73 CE  
12 1 Y 1 A LYS 73 ? NZ  ? A LYS 73 NZ  
13 1 Y 1 A LYS 97 ? CG  ? A LYS 97 CG  
14 1 Y 1 A LYS 97 ? CD  ? A LYS 97 CD  
15 1 Y 1 A LYS 97 ? CE  ? A LYS 97 CE  
16 1 Y 1 A LYS 97 ? NZ  ? A LYS 97 NZ  
# 
loop_
_software.name 
_software.classification 
_software.version 
_software.citation_id 
_software.pdbx_ordinal 
DENZO     'data reduction' .   ? 1 
SCALEPACK 'data scaling'   .   ? 2 
AMoRE     phasing          .   ? 3 
CNS       refinement       1.0 ? 4 
# 
_cell.entry_id           1RXE 
_cell.length_a           33.146 
_cell.length_b           34.377 
_cell.length_c           102.325 
_cell.angle_alpha        90.0 
_cell.angle_beta         90.0 
_cell.angle_gamma        90.0 
_cell.pdbx_unique_axis   ? 
_cell.Z_PDB              4 
# 
_symmetry.entry_id                         1RXE 
_symmetry.space_group_name_H-M             'P 21 21 21' 
_symmetry.pdbx_full_space_group_name_H-M   ? 
_symmetry.Int_Tables_number                19 
_symmetry.cell_setting                     ? 
# 
_exptl.entry_id          1RXE 
_exptl.method            'X-RAY DIFFRACTION' 
_exptl.crystals_number   1 
# 
_exptl_crystal.id                    1 
_exptl_crystal.density_meas          ? 
_exptl_crystal.density_percent_sol   37.66 
_exptl_crystal.description           ? 
_exptl_crystal.density_Matthews      1.97 
# 
_exptl_crystal_grow.crystal_id      1 
_exptl_crystal_grow.method          'VAPOR DIFFUSION, HANGING DROP' 
_exptl_crystal_grow.temp            293 
_exptl_crystal_grow.temp_details    ? 
_exptl_crystal_grow.pH              8.0 
_exptl_crystal_grow.pdbx_details    
'potassium chloride, sodium perchlorate, PEG4000, TRIS, pH 8.0, VAPOR DIFFUSION, HANGING DROP, temperature 293K' 
_exptl_crystal_grow.pdbx_pH_range   . 
# 
_diffrn.id                     1 
_diffrn.ambient_temp           100 
_diffrn.ambient_temp_details   ? 
_diffrn.crystal_id             1 
# 
_diffrn_detector.diffrn_id              1 
_diffrn_detector.detector               CCD 
_diffrn_detector.type                   MARRESEARCH 
_diffrn_detector.pdbx_collection_date   2003-10-20 
_diffrn_detector.details                ? 
# 
_diffrn_radiation.diffrn_id                        1 
_diffrn_radiation.wavelength_id                    1 
_diffrn_radiation.pdbx_monochromatic_or_laue_m_l   M 
_diffrn_radiation.monochromator                    'SAGITALLY FOCUSED Si(111)' 
_diffrn_radiation.pdbx_diffrn_protocol             'SINGLE WAVELENGTH' 
_diffrn_radiation.pdbx_scattering_type             x-ray 
# 
_diffrn_radiation_wavelength.id           1 
_diffrn_radiation_wavelength.wavelength   0.9 
_diffrn_radiation_wavelength.wt           1.0 
# 
_diffrn_source.diffrn_id                   1 
_diffrn_source.source                      SYNCHROTRON 
_diffrn_source.type                        'EMBL/DESY, HAMBURG BEAMLINE BW7A' 
_diffrn_source.pdbx_synchrotron_site       'EMBL/DESY, HAMBURG' 
_diffrn_source.pdbx_synchrotron_beamline   BW7A 
_diffrn_source.pdbx_wavelength             ? 
_diffrn_source.pdbx_wavelength_list        0.9 
# 
_reflns.entry_id                     1RXE 
_reflns.observed_criterion_sigma_F   0 
_reflns.observed_criterion_sigma_I   -3 
_reflns.d_resolution_high            1.7 
_reflns.d_resolution_low             25.0 
_reflns.number_all                   11893 
_reflns.number_obs                   11893 
_reflns.percent_possible_obs         88.1 
_reflns.pdbx_Rmerge_I_obs            0.071 
_reflns.pdbx_Rsym_value              ? 
_reflns.pdbx_netI_over_sigmaI        9.92 
_reflns.B_iso_Wilson_estimate        ? 
_reflns.pdbx_redundancy              3.13 
_reflns.R_free_details               ? 
_reflns.limit_h_max                  ? 
_reflns.limit_h_min                  ? 
_reflns.limit_k_max                  ? 
_reflns.limit_k_min                  ? 
_reflns.limit_l_max                  ? 
_reflns.limit_l_min                  ? 
_reflns.observed_criterion_F_max     ? 
_reflns.observed_criterion_F_min     ? 
_reflns.pdbx_diffrn_id               1 
_reflns.pdbx_ordinal                 1 
# 
_reflns_shell.d_res_high             1.7 
_reflns_shell.d_res_low              1.76 
_reflns_shell.percent_possible_all   80.6 
_reflns_shell.Rmerge_I_obs           0.358 
_reflns_shell.pdbx_Rsym_value        ? 
_reflns_shell.meanI_over_sigI_obs    2.89 
_reflns_shell.pdbx_redundancy        3.26 
_reflns_shell.percent_possible_obs   ? 
_reflns_shell.number_unique_all      1066 
_reflns_shell.pdbx_diffrn_id         ? 
_reflns_shell.pdbx_ordinal           1 
# 
_refine.entry_id                                 1RXE 
_refine.ls_d_res_high                            1.7 
_refine.ls_d_res_low                             25.0 
_refine.pdbx_ls_sigma_F                          0.0 
_refine.pdbx_ls_sigma_I                          ? 
_refine.ls_number_reflns_all                     11893 
_refine.ls_number_reflns_obs                     11893 
_refine.ls_number_reflns_R_free                  960 
_refine.ls_percent_reflns_obs                    ? 
_refine.ls_R_factor_all                          0.196 
_refine.ls_R_factor_obs                          0.196 
_refine.ls_R_factor_R_work                       0.195 
_refine.ls_R_factor_R_free                       0.212 
_refine.ls_redundancy_reflns_obs                 ? 
_refine.pdbx_data_cutoff_high_absF               ? 
_refine.pdbx_data_cutoff_low_absF                ? 
_refine.ls_number_parameters                     ? 
_refine.ls_number_restraints                     ? 
_refine.ls_percent_reflns_R_free                 ? 
_refine.ls_R_factor_R_free_error                 ? 
_refine.ls_R_factor_R_free_error_details         ? 
_refine.pdbx_method_to_determine_struct          'MOLECULAR REPLACEMENT' 
_refine.pdbx_starting_model                      ? 
_refine.pdbx_ls_cross_valid_method               ? 
_refine.pdbx_R_Free_selection_details            random 
_refine.pdbx_stereochem_target_val_spec_case     ? 
_refine.pdbx_stereochemistry_target_values       'Engh & Huber' 
_refine.solvent_model_details                    ? 
_refine.solvent_model_param_bsol                 ? 
_refine.solvent_model_param_ksol                 ? 
_refine.occupancy_max                            ? 
_refine.occupancy_min                            ? 
_refine.pdbx_isotropic_thermal_model             ? 
_refine.B_iso_mean                               ? 
_refine.aniso_B[1][1]                            ? 
_refine.aniso_B[1][2]                            ? 
_refine.aniso_B[1][3]                            ? 
_refine.aniso_B[2][2]                            ? 
_refine.aniso_B[2][3]                            ? 
_refine.aniso_B[3][3]                            ? 
_refine.details                                  ? 
_refine.B_iso_min                                ? 
_refine.B_iso_max                                ? 
_refine.correlation_coeff_Fo_to_Fc               ? 
_refine.correlation_coeff_Fo_to_Fc_free          ? 
_refine.pdbx_solvent_vdw_probe_radii             ? 
_refine.pdbx_solvent_ion_probe_radii             ? 
_refine.pdbx_solvent_shrinkage_radii             ? 
_refine.overall_SU_R_Cruickshank_DPI             ? 
_refine.overall_SU_R_free                        ? 
_refine.overall_SU_B                             ? 
_refine.overall_SU_ML                            ? 
_refine.pdbx_overall_ESU_R                       ? 
_refine.pdbx_overall_ESU_R_Free                  ? 
_refine.pdbx_data_cutoff_high_rms_absF           ? 
_refine.pdbx_refine_id                           'X-RAY DIFFRACTION' 
_refine.pdbx_diffrn_id                           1 
_refine.pdbx_TLS_residual_ADP_flag               ? 
_refine.pdbx_overall_phase_error                 ? 
_refine.pdbx_overall_SU_R_free_Cruickshank_DPI   ? 
_refine.pdbx_overall_SU_R_Blow_DPI               ? 
_refine.pdbx_overall_SU_R_free_Blow_DPI          ? 
# 
_refine_hist.pdbx_refine_id                   'X-RAY DIFFRACTION' 
_refine_hist.cycle_id                         LAST 
_refine_hist.pdbx_number_atoms_protein        1022 
_refine_hist.pdbx_number_atoms_nucleic_acid   0 
_refine_hist.pdbx_number_atoms_ligand         19 
_refine_hist.number_atoms_solvent             125 
_refine_hist.number_atoms_total               1166 
_refine_hist.d_res_high                       1.7 
_refine_hist.d_res_low                        25.0 
# 
loop_
_refine_ls_restr.type 
_refine_ls_restr.dev_ideal 
_refine_ls_restr.dev_ideal_target 
_refine_ls_restr.weight 
_refine_ls_restr.number 
_refine_ls_restr.pdbx_refine_id 
_refine_ls_restr.pdbx_restraint_function 
c_bond_d    0.0058 ? ? ? 'X-RAY DIFFRACTION' ? 
c_angle_deg 1.44   ? ? ? 'X-RAY DIFFRACTION' ? 
# 
_struct.entry_id                  1RXE 
_struct.title                     'ArsC complexed with MNB' 
_struct.pdbx_model_details        ? 
_struct.pdbx_CASP_flag            ? 
_struct.pdbx_model_type_details   ? 
# 
_struct_keywords.entry_id        1RXE 
_struct_keywords.pdbx_keywords   OXIDOREDUCTASE 
_struct_keywords.text            
'ArsC, mixed disulphide, 5-thio-2-nitrobenzoic acid, 5-mercapto-2-nitrobenzoic acid, TNB, MNB, OXIDOREDUCTASE' 
# 
loop_
_struct_asym.id 
_struct_asym.pdbx_blank_PDB_chainid_flag 
_struct_asym.pdbx_modified 
_struct_asym.entity_id 
_struct_asym.details 
A N N 1 ? 
B N N 2 ? 
C N N 3 ? 
D N N 4 ? 
E N N 5 ? 
# 
_struct_ref.id                         1 
_struct_ref.db_name                    UNP 
_struct_ref.db_code                    ARSC_STAAU 
_struct_ref.pdbx_db_accession          P0A006 
_struct_ref.entity_id                  1 
_struct_ref.pdbx_seq_one_letter_code   
;MDKKTIYFICTGNSCRSQMAEGWGKEILGEGWNVYSAGIETHGVNPKAIEAMKEVDIDISNHTSDLIDNDILKQSDLVVT
LCSDADNNCPILPPNVKKEHWGFDDPAGKEWSEFQRVRDEIKLAIEKFKLR
;
_struct_ref.pdbx_align_begin           1 
_struct_ref.pdbx_db_isoform            ? 
# 
_struct_ref_seq.align_id                      1 
_struct_ref_seq.ref_id                        1 
_struct_ref_seq.pdbx_PDB_id_code              1RXE 
_struct_ref_seq.pdbx_strand_id                A 
_struct_ref_seq.seq_align_beg                 1 
_struct_ref_seq.pdbx_seq_align_beg_ins_code   ? 
_struct_ref_seq.seq_align_end                 131 
_struct_ref_seq.pdbx_seq_align_end_ins_code   ? 
_struct_ref_seq.pdbx_db_accession             P0A006 
_struct_ref_seq.db_align_beg                  1 
_struct_ref_seq.pdbx_db_align_beg_ins_code    ? 
_struct_ref_seq.db_align_end                  131 
_struct_ref_seq.pdbx_db_align_end_ins_code    ? 
_struct_ref_seq.pdbx_auth_seq_align_beg       1 
_struct_ref_seq.pdbx_auth_seq_align_end       131 
# 
loop_
_struct_ref_seq_dif.align_id 
_struct_ref_seq_dif.pdbx_pdb_id_code 
_struct_ref_seq_dif.mon_id 
_struct_ref_seq_dif.pdbx_pdb_strand_id 
_struct_ref_seq_dif.seq_num 
_struct_ref_seq_dif.pdbx_pdb_ins_code 
_struct_ref_seq_dif.pdbx_seq_db_name 
_struct_ref_seq_dif.pdbx_seq_db_accession_code 
_struct_ref_seq_dif.db_mon_id 
_struct_ref_seq_dif.pdbx_seq_db_seq_num 
_struct_ref_seq_dif.details 
_struct_ref_seq_dif.pdbx_auth_seq_num 
_struct_ref_seq_dif.pdbx_ordinal 
1 1RXE SER A 10 ? UNP P0A006 CYS 10 'engineered mutation' 10 1 
1 1RXE ALA A 15 ? UNP P0A006 CYS 15 'engineered mutation' 15 2 
1 1RXE SER A 82 ? UNP P0A006 CYS 82 'engineered mutation' 82 3 
# 
_pdbx_struct_assembly.id                   1 
_pdbx_struct_assembly.details              author_defined_assembly 
_pdbx_struct_assembly.method_details       ? 
_pdbx_struct_assembly.oligomeric_details   monomeric 
_pdbx_struct_assembly.oligomeric_count     1 
# 
_pdbx_struct_assembly_gen.assembly_id       1 
_pdbx_struct_assembly_gen.oper_expression   1 
_pdbx_struct_assembly_gen.asym_id_list      A,B,C,D,E 
# 
_pdbx_struct_oper_list.id                   1 
_pdbx_struct_oper_list.type                 'identity operation' 
_pdbx_struct_oper_list.name                 1_555 
_pdbx_struct_oper_list.symmetry_operation   x,y,z 
_pdbx_struct_oper_list.matrix[1][1]         1.0000000000 
_pdbx_struct_oper_list.matrix[1][2]         0.0000000000 
_pdbx_struct_oper_list.matrix[1][3]         0.0000000000 
_pdbx_struct_oper_list.vector[1]            0.0000000000 
_pdbx_struct_oper_list.matrix[2][1]         0.0000000000 
_pdbx_struct_oper_list.matrix[2][2]         1.0000000000 
_pdbx_struct_oper_list.matrix[2][3]         0.0000000000 
_pdbx_struct_oper_list.vector[2]            0.0000000000 
_pdbx_struct_oper_list.matrix[3][1]         0.0000000000 
_pdbx_struct_oper_list.matrix[3][2]         0.0000000000 
_pdbx_struct_oper_list.matrix[3][3]         1.0000000000 
_pdbx_struct_oper_list.vector[3]            0.0000000000 
# 
loop_
_struct_conf.conf_type_id 
_struct_conf.id 
_struct_conf.pdbx_PDB_helix_id 
_struct_conf.beg_label_comp_id 
_struct_conf.beg_label_asym_id 
_struct_conf.beg_label_seq_id 
_struct_conf.pdbx_beg_PDB_ins_code 
_struct_conf.end_label_comp_id 
_struct_conf.end_label_asym_id 
_struct_conf.end_label_seq_id 
_struct_conf.pdbx_end_PDB_ins_code 
_struct_conf.beg_auth_comp_id 
_struct_conf.beg_auth_asym_id 
_struct_conf.beg_auth_seq_id 
_struct_conf.end_auth_comp_id 
_struct_conf.end_auth_asym_id 
_struct_conf.end_auth_seq_id 
_struct_conf.pdbx_PDB_helix_class 
_struct_conf.details 
_struct_conf.pdbx_PDB_helix_length 
HELX_P HELX_P1 1 ALA A 15  ? GLY A 29  ? ALA A 15  GLY A 29  1 ? 15 
HELX_P HELX_P2 2 ASN A 45  ? VAL A 55  ? ASN A 45  VAL A 55  1 ? 11 
HELX_P HELX_P3 3 ASP A 68  ? GLN A 74  ? ASP A 68  GLN A 74  1 ? 7  
HELX_P HELX_P4 4 SER A 82  ? ASN A 88  ? SER A 82  ASN A 88  1 ? 7  
HELX_P HELX_P5 5 GLU A 110 ? LEU A 130 ? GLU A 110 LEU A 130 1 ? 21 
# 
_struct_conf_type.id          HELX_P 
_struct_conf_type.criteria    ? 
_struct_conf_type.reference   ? 
# 
loop_
_struct_conn.id 
_struct_conn.conn_type_id 
_struct_conn.pdbx_leaving_atom_flag 
_struct_conn.pdbx_PDB_id 
_struct_conn.ptnr1_label_asym_id 
_struct_conn.ptnr1_label_comp_id 
_struct_conn.ptnr1_label_seq_id 
_struct_conn.ptnr1_label_atom_id 
_struct_conn.pdbx_ptnr1_label_alt_id 
_struct_conn.pdbx_ptnr1_PDB_ins_code 
_struct_conn.pdbx_ptnr1_standard_comp_id 
_struct_conn.ptnr1_symmetry 
_struct_conn.ptnr2_label_asym_id 
_struct_conn.ptnr2_label_comp_id 
_struct_conn.ptnr2_label_seq_id 
_struct_conn.ptnr2_label_atom_id 
_struct_conn.pdbx_ptnr2_label_alt_id 
_struct_conn.pdbx_ptnr2_PDB_ins_code 
_struct_conn.ptnr1_auth_asym_id 
_struct_conn.ptnr1_auth_comp_id 
_struct_conn.ptnr1_auth_seq_id 
_struct_conn.ptnr2_auth_asym_id 
_struct_conn.ptnr2_auth_comp_id 
_struct_conn.ptnr2_auth_seq_id 
_struct_conn.ptnr2_symmetry 
_struct_conn.pdbx_ptnr3_label_atom_id 
_struct_conn.pdbx_ptnr3_label_seq_id 
_struct_conn.pdbx_ptnr3_label_comp_id 
_struct_conn.pdbx_ptnr3_label_asym_id 
_struct_conn.pdbx_ptnr3_label_alt_id 
_struct_conn.pdbx_ptnr3_PDB_ins_code 
_struct_conn.details 
_struct_conn.pdbx_dist_value 
_struct_conn.pdbx_value_order 
_struct_conn.pdbx_role 
covale1 covale none ? A CYS 89 SG  ? ? ? 1_555 D MNB . S5 ? ? A CYS 89  A MNB 151 1_555 ? ? ? ? ? ? ? 2.043 ? ? 
metalc1 metalc ?    ? A ASN 13 OD1 ? ? ? 1_555 B K   . K  ? ? A ASN 13  A K   152 1_555 ? ? ? ? ? ? ? 2.852 ? ? 
metalc2 metalc ?    ? A GLU 21 OE2 ? ? ? 1_555 B K   . K  ? ? A GLU 21  A K   152 1_555 ? ? ? ? ? ? ? 2.897 ? ? 
metalc3 metalc ?    ? A SER 36 O   ? ? ? 1_555 B K   . K  ? ? A SER 36  A K   152 1_555 ? ? ? ? ? ? ? 2.959 ? ? 
metalc4 metalc ?    ? A SER 36 OG  ? ? ? 1_555 B K   . K  ? ? A SER 36  A K   152 1_555 ? ? ? ? ? ? ? 2.939 ? ? 
metalc5 metalc ?    ? A THR 63 O   ? ? ? 1_555 B K   . K  ? ? A THR 63  A K   152 1_555 ? ? ? ? ? ? ? 2.803 ? ? 
metalc6 metalc ?    ? A ASP 65 OD2 ? ? ? 1_555 B K   . K  ? ? A ASP 65  A K   152 1_555 ? ? ? ? ? ? ? 2.879 ? ? 
metalc7 metalc ?    ? B K   .  K   ? ? ? 1_555 E HOH . O  ? ? A K   152 A HOH 205 1_555 ? ? ? ? ? ? ? 2.843 ? ? 
metalc8 metalc ?    ? B K   .  K   ? ? ? 1_555 E HOH . O  ? ? A K   152 A HOH 207 1_555 ? ? ? ? ? ? ? 3.357 ? ? 
# 
loop_
_struct_conn_type.id 
_struct_conn_type.criteria 
_struct_conn_type.reference 
covale ? ? 
metalc ? ? 
# 
loop_
_pdbx_struct_conn_angle.id 
_pdbx_struct_conn_angle.ptnr1_label_atom_id 
_pdbx_struct_conn_angle.ptnr1_label_alt_id 
_pdbx_struct_conn_angle.ptnr1_label_asym_id 
_pdbx_struct_conn_angle.ptnr1_label_comp_id 
_pdbx_struct_conn_angle.ptnr1_label_seq_id 
_pdbx_struct_conn_angle.ptnr1_auth_atom_id 
_pdbx_struct_conn_angle.ptnr1_auth_asym_id 
_pdbx_struct_conn_angle.ptnr1_auth_comp_id 
_pdbx_struct_conn_angle.ptnr1_auth_seq_id 
_pdbx_struct_conn_angle.ptnr1_PDB_ins_code 
_pdbx_struct_conn_angle.ptnr1_symmetry 
_pdbx_struct_conn_angle.ptnr2_label_atom_id 
_pdbx_struct_conn_angle.ptnr2_label_alt_id 
_pdbx_struct_conn_angle.ptnr2_label_asym_id 
_pdbx_struct_conn_angle.ptnr2_label_comp_id 
_pdbx_struct_conn_angle.ptnr2_label_seq_id 
_pdbx_struct_conn_angle.ptnr2_auth_atom_id 
_pdbx_struct_conn_angle.ptnr2_auth_asym_id 
_pdbx_struct_conn_angle.ptnr2_auth_comp_id 
_pdbx_struct_conn_angle.ptnr2_auth_seq_id 
_pdbx_struct_conn_angle.ptnr2_PDB_ins_code 
_pdbx_struct_conn_angle.ptnr2_symmetry 
_pdbx_struct_conn_angle.ptnr3_label_atom_id 
_pdbx_struct_conn_angle.ptnr3_label_alt_id 
_pdbx_struct_conn_angle.ptnr3_label_asym_id 
_pdbx_struct_conn_angle.ptnr3_label_comp_id 
_pdbx_struct_conn_angle.ptnr3_label_seq_id 
_pdbx_struct_conn_angle.ptnr3_auth_atom_id 
_pdbx_struct_conn_angle.ptnr3_auth_asym_id 
_pdbx_struct_conn_angle.ptnr3_auth_comp_id 
_pdbx_struct_conn_angle.ptnr3_auth_seq_id 
_pdbx_struct_conn_angle.ptnr3_PDB_ins_code 
_pdbx_struct_conn_angle.ptnr3_symmetry 
_pdbx_struct_conn_angle.value 
_pdbx_struct_conn_angle.value_esd 
1  OD1 ? A ASN 13 ? A ASN 13  ? 1_555 K ? B K . ? A K 152 ? 1_555 OE2 ? A GLU 21 ? A GLU 21  ? 1_555 121.2 ? 
2  OD1 ? A ASN 13 ? A ASN 13  ? 1_555 K ? B K . ? A K 152 ? 1_555 O   ? A SER 36 ? A SER 36  ? 1_555 71.8  ? 
3  OE2 ? A GLU 21 ? A GLU 21  ? 1_555 K ? B K . ? A K 152 ? 1_555 O   ? A SER 36 ? A SER 36  ? 1_555 104.3 ? 
4  OD1 ? A ASN 13 ? A ASN 13  ? 1_555 K ? B K . ? A K 152 ? 1_555 OG  ? A SER 36 ? A SER 36  ? 1_555 79.8  ? 
5  OE2 ? A GLU 21 ? A GLU 21  ? 1_555 K ? B K . ? A K 152 ? 1_555 OG  ? A SER 36 ? A SER 36  ? 1_555 50.5  ? 
6  O   ? A SER 36 ? A SER 36  ? 1_555 K ? B K . ? A K 152 ? 1_555 OG  ? A SER 36 ? A SER 36  ? 1_555 63.9  ? 
7  OD1 ? A ASN 13 ? A ASN 13  ? 1_555 K ? B K . ? A K 152 ? 1_555 O   ? A THR 63 ? A THR 63  ? 1_555 71.9  ? 
8  OE2 ? A GLU 21 ? A GLU 21  ? 1_555 K ? B K . ? A K 152 ? 1_555 O   ? A THR 63 ? A THR 63  ? 1_555 110.2 ? 
9  O   ? A SER 36 ? A SER 36  ? 1_555 K ? B K . ? A K 152 ? 1_555 O   ? A THR 63 ? A THR 63  ? 1_555 139.1 ? 
10 OG  ? A SER 36 ? A SER 36  ? 1_555 K ? B K . ? A K 152 ? 1_555 O   ? A THR 63 ? A THR 63  ? 1_555 126.0 ? 
11 OD1 ? A ASN 13 ? A ASN 13  ? 1_555 K ? B K . ? A K 152 ? 1_555 OD2 ? A ASP 65 ? A ASP 65  ? 1_555 89.9  ? 
12 OE2 ? A GLU 21 ? A GLU 21  ? 1_555 K ? B K . ? A K 152 ? 1_555 OD2 ? A ASP 65 ? A ASP 65  ? 1_555 148.4 ? 
13 O   ? A SER 36 ? A SER 36  ? 1_555 K ? B K . ? A K 152 ? 1_555 OD2 ? A ASP 65 ? A ASP 65  ? 1_555 90.0  ? 
14 OG  ? A SER 36 ? A SER 36  ? 1_555 K ? B K . ? A K 152 ? 1_555 OD2 ? A ASP 65 ? A ASP 65  ? 1_555 153.8 ? 
15 O   ? A THR 63 ? A THR 63  ? 1_555 K ? B K . ? A K 152 ? 1_555 OD2 ? A ASP 65 ? A ASP 65  ? 1_555 71.7  ? 
16 OD1 ? A ASN 13 ? A ASN 13  ? 1_555 K ? B K . ? A K 152 ? 1_555 O   ? E HOH .  ? A HOH 205 ? 1_555 142.4 ? 
17 OE2 ? A GLU 21 ? A GLU 21  ? 1_555 K ? B K . ? A K 152 ? 1_555 O   ? E HOH .  ? A HOH 205 ? 1_555 75.4  ? 
18 O   ? A SER 36 ? A SER 36  ? 1_555 K ? B K . ? A K 152 ? 1_555 O   ? E HOH .  ? A HOH 205 ? 1_555 71.3  ? 
19 OG  ? A SER 36 ? A SER 36  ? 1_555 K ? B K . ? A K 152 ? 1_555 O   ? E HOH .  ? A HOH 205 ? 1_555 90.5  ? 
20 O   ? A THR 63 ? A THR 63  ? 1_555 K ? B K . ? A K 152 ? 1_555 O   ? E HOH .  ? A HOH 205 ? 1_555 138.2 ? 
21 OD2 ? A ASP 65 ? A ASP 65  ? 1_555 K ? B K . ? A K 152 ? 1_555 O   ? E HOH .  ? A HOH 205 ? 1_555 83.1  ? 
22 OD1 ? A ASN 13 ? A ASN 13  ? 1_555 K ? B K . ? A K 152 ? 1_555 O   ? E HOH .  ? A HOH 207 ? 1_555 142.0 ? 
23 OE2 ? A GLU 21 ? A GLU 21  ? 1_555 K ? B K . ? A K 152 ? 1_555 O   ? E HOH .  ? A HOH 207 ? 1_555 68.2  ? 
24 O   ? A SER 36 ? A SER 36  ? 1_555 K ? B K . ? A K 152 ? 1_555 O   ? E HOH .  ? A HOH 207 ? 1_555 145.2 ? 
25 OG  ? A SER 36 ? A SER 36  ? 1_555 K ? B K . ? A K 152 ? 1_555 O   ? E HOH .  ? A HOH 207 ? 1_555 118.7 ? 
26 O   ? A THR 63 ? A THR 63  ? 1_555 K ? B K . ? A K 152 ? 1_555 O   ? E HOH .  ? A HOH 207 ? 1_555 70.6  ? 
27 OD2 ? A ASP 65 ? A ASP 65  ? 1_555 K ? B K . ? A K 152 ? 1_555 O   ? E HOH .  ? A HOH 207 ? 1_555 83.9  ? 
28 O   ? E HOH .  ? A HOH 205 ? 1_555 K ? B K . ? A K 152 ? 1_555 O   ? E HOH .  ? A HOH 207 ? 1_555 74.0  ? 
# 
_pdbx_modification_feature.ordinal                            1 
_pdbx_modification_feature.label_comp_id                      MNB 
_pdbx_modification_feature.label_asym_id                      D 
_pdbx_modification_feature.label_seq_id                       . 
_pdbx_modification_feature.label_alt_id                       ? 
_pdbx_modification_feature.modified_residue_label_comp_id     CYS 
_pdbx_modification_feature.modified_residue_label_asym_id     A 
_pdbx_modification_feature.modified_residue_label_seq_id      89 
_pdbx_modification_feature.modified_residue_label_alt_id      ? 
_pdbx_modification_feature.auth_comp_id                       MNB 
_pdbx_modification_feature.auth_asym_id                       A 
_pdbx_modification_feature.auth_seq_id                        151 
_pdbx_modification_feature.PDB_ins_code                       ? 
_pdbx_modification_feature.symmetry                           1_555 
_pdbx_modification_feature.modified_residue_auth_comp_id      CYS 
_pdbx_modification_feature.modified_residue_auth_asym_id      A 
_pdbx_modification_feature.modified_residue_auth_seq_id       89 
_pdbx_modification_feature.modified_residue_PDB_ins_code      ? 
_pdbx_modification_feature.modified_residue_symmetry          1_555 
_pdbx_modification_feature.comp_id_linking_atom               S5 
_pdbx_modification_feature.modified_residue_id_linking_atom   SG 
_pdbx_modification_feature.modified_residue_id                CYS 
_pdbx_modification_feature.ref_pcm_id                         1 
_pdbx_modification_feature.ref_comp_id                        MNB 
_pdbx_modification_feature.type                               None 
_pdbx_modification_feature.category                           'Covalent chemical modification' 
# 
_struct_sheet.id               A 
_struct_sheet.type             ? 
_struct_sheet.number_strands   4 
_struct_sheet.details          ? 
# 
loop_
_struct_sheet_order.sheet_id 
_struct_sheet_order.range_id_1 
_struct_sheet_order.range_id_2 
_struct_sheet_order.offset 
_struct_sheet_order.sense 
A 1 2 ? parallel 
A 2 3 ? parallel 
A 3 4 ? parallel 
# 
loop_
_struct_sheet_range.sheet_id 
_struct_sheet_range.id 
_struct_sheet_range.beg_label_comp_id 
_struct_sheet_range.beg_label_asym_id 
_struct_sheet_range.beg_label_seq_id 
_struct_sheet_range.pdbx_beg_PDB_ins_code 
_struct_sheet_range.end_label_comp_id 
_struct_sheet_range.end_label_asym_id 
_struct_sheet_range.end_label_seq_id 
_struct_sheet_range.pdbx_end_PDB_ins_code 
_struct_sheet_range.beg_auth_comp_id 
_struct_sheet_range.beg_auth_asym_id 
_struct_sheet_range.beg_auth_seq_id 
_struct_sheet_range.end_auth_comp_id 
_struct_sheet_range.end_auth_asym_id 
_struct_sheet_range.end_auth_seq_id 
A 1 TRP A 32 ? GLY A 38  ? TRP A 32 GLY A 38  
A 2 LYS A 4  ? SER A 10  ? LYS A 4  SER A 10  
A 3 LEU A 77 ? THR A 80  ? LEU A 77 THR A 80  
A 4 LYS A 97 ? HIS A 100 ? LYS A 97 HIS A 100 
# 
loop_
_pdbx_struct_sheet_hbond.sheet_id 
_pdbx_struct_sheet_hbond.range_id_1 
_pdbx_struct_sheet_hbond.range_id_2 
_pdbx_struct_sheet_hbond.range_1_label_atom_id 
_pdbx_struct_sheet_hbond.range_1_label_comp_id 
_pdbx_struct_sheet_hbond.range_1_label_asym_id 
_pdbx_struct_sheet_hbond.range_1_label_seq_id 
_pdbx_struct_sheet_hbond.range_1_PDB_ins_code 
_pdbx_struct_sheet_hbond.range_1_auth_atom_id 
_pdbx_struct_sheet_hbond.range_1_auth_comp_id 
_pdbx_struct_sheet_hbond.range_1_auth_asym_id 
_pdbx_struct_sheet_hbond.range_1_auth_seq_id 
_pdbx_struct_sheet_hbond.range_2_label_atom_id 
_pdbx_struct_sheet_hbond.range_2_label_comp_id 
_pdbx_struct_sheet_hbond.range_2_label_asym_id 
_pdbx_struct_sheet_hbond.range_2_label_seq_id 
_pdbx_struct_sheet_hbond.range_2_PDB_ins_code 
_pdbx_struct_sheet_hbond.range_2_auth_atom_id 
_pdbx_struct_sheet_hbond.range_2_auth_comp_id 
_pdbx_struct_sheet_hbond.range_2_auth_asym_id 
_pdbx_struct_sheet_hbond.range_2_auth_seq_id 
A 1 2 O ASN A 33 ? O ASN A 33 N LYS A 4  ? N LYS A 4  
A 2 3 N ILE A 9  ? N ILE A 9  O VAL A 79 ? O VAL A 79 
A 3 4 N VAL A 78 ? N VAL A 78 O GLU A 99 ? O GLU A 99 
# 
loop_
_struct_site.id 
_struct_site.pdbx_evidence_code 
_struct_site.pdbx_auth_asym_id 
_struct_site.pdbx_auth_comp_id 
_struct_site.pdbx_auth_seq_id 
_struct_site.pdbx_auth_ins_code 
_struct_site.pdbx_num_residues 
_struct_site.details 
AC1 Software A K   152 ? 6 'BINDING SITE FOR RESIDUE K A 152'   
AC2 Software A LCP 153 ? 8 'BINDING SITE FOR RESIDUE LCP A 153' 
AC3 Software A MNB 151 ? 8 'BINDING SITE FOR RESIDUE MNB A 151' 
# 
loop_
_struct_site_gen.id 
_struct_site_gen.site_id 
_struct_site_gen.pdbx_num_res 
_struct_site_gen.label_comp_id 
_struct_site_gen.label_asym_id 
_struct_site_gen.label_seq_id 
_struct_site_gen.pdbx_auth_ins_code 
_struct_site_gen.auth_comp_id 
_struct_site_gen.auth_asym_id 
_struct_site_gen.auth_seq_id 
_struct_site_gen.label_atom_id 
_struct_site_gen.label_alt_id 
_struct_site_gen.symmetry 
_struct_site_gen.details 
1  AC1 6 ASN A 13 ? ASN A 13  . ? 1_555 ? 
2  AC1 6 GLU A 21 ? GLU A 21  . ? 1_555 ? 
3  AC1 6 SER A 36 ? SER A 36  . ? 1_555 ? 
4  AC1 6 THR A 63 ? THR A 63  . ? 1_555 ? 
5  AC1 6 ASP A 65 ? ASP A 65  . ? 1_555 ? 
6  AC1 6 HOH E .  ? HOH A 205 . ? 1_555 ? 
7  AC2 8 SER A 10 ? SER A 10  . ? 1_555 ? 
8  AC2 8 THR A 11 ? THR A 11  . ? 1_555 ? 
9  AC2 8 GLY A 12 ? GLY A 12  . ? 1_555 ? 
10 AC2 8 SER A 14 ? SER A 14  . ? 1_555 ? 
11 AC2 8 ALA A 15 ? ALA A 15  . ? 1_555 ? 
12 AC2 8 ARG A 16 ? ARG A 16  . ? 1_555 ? 
13 AC2 8 SER A 17 ? SER A 17  . ? 1_555 ? 
14 AC2 8 HOH E .  ? HOH A 201 . ? 1_555 ? 
15 AC3 8 ILE A 39 ? ILE A 39  . ? 1_555 ? 
16 AC3 8 ILE A 67 ? ILE A 67  . ? 1_555 ? 
17 AC3 8 ALA A 85 ? ALA A 85  . ? 1_555 ? 
18 AC3 8 ASN A 88 ? ASN A 88  . ? 1_555 ? 
19 AC3 8 CYS A 89 ? CYS A 89  . ? 1_555 ? 
20 AC3 8 PRO A 90 ? PRO A 90  . ? 1_555 ? 
21 AC3 8 HOH E .  ? HOH A 215 . ? 1_555 ? 
22 AC3 8 HOH E .  ? HOH A 325 . ? 1_555 ? 
# 
_pdbx_entry_details.entry_id                   1RXE 
_pdbx_entry_details.compound_details           ? 
_pdbx_entry_details.source_details             ? 
_pdbx_entry_details.nonpolymer_details         ? 
_pdbx_entry_details.sequence_details           ? 
_pdbx_entry_details.has_ligand_of_interest     ? 
_pdbx_entry_details.has_protein_modification   Y 
# 
loop_
_pdbx_validate_torsion.id 
_pdbx_validate_torsion.PDB_model_num 
_pdbx_validate_torsion.auth_comp_id 
_pdbx_validate_torsion.auth_asym_id 
_pdbx_validate_torsion.auth_seq_id 
_pdbx_validate_torsion.PDB_ins_code 
_pdbx_validate_torsion.label_alt_id 
_pdbx_validate_torsion.phi 
_pdbx_validate_torsion.psi 
1 1 ASN A 13 ? ? -115.27 61.31  
2 1 SER A 14 ? ? -120.87 -51.13 
3 1 ALA A 15 ? ? -118.87 -75.40 
4 1 THR A 41 ? ? -84.49  -74.31 
5 1 HIS A 42 ? ? 78.71   -5.27  
# 
loop_
_chem_comp_atom.comp_id 
_chem_comp_atom.atom_id 
_chem_comp_atom.type_symbol 
_chem_comp_atom.pdbx_aromatic_flag 
_chem_comp_atom.pdbx_stereo_config 
_chem_comp_atom.pdbx_ordinal 
ALA N    N  N N 1   
ALA CA   C  N S 2   
ALA C    C  N N 3   
ALA O    O  N N 4   
ALA CB   C  N N 5   
ALA OXT  O  N N 6   
ALA H    H  N N 7   
ALA H2   H  N N 8   
ALA HA   H  N N 9   
ALA HB1  H  N N 10  
ALA HB2  H  N N 11  
ALA HB3  H  N N 12  
ALA HXT  H  N N 13  
ARG N    N  N N 14  
ARG CA   C  N S 15  
ARG C    C  N N 16  
ARG O    O  N N 17  
ARG CB   C  N N 18  
ARG CG   C  N N 19  
ARG CD   C  N N 20  
ARG NE   N  N N 21  
ARG CZ   C  N N 22  
ARG NH1  N  N N 23  
ARG NH2  N  N N 24  
ARG OXT  O  N N 25  
ARG H    H  N N 26  
ARG H2   H  N N 27  
ARG HA   H  N N 28  
ARG HB2  H  N N 29  
ARG HB3  H  N N 30  
ARG HG2  H  N N 31  
ARG HG3  H  N N 32  
ARG HD2  H  N N 33  
ARG HD3  H  N N 34  
ARG HE   H  N N 35  
ARG HH11 H  N N 36  
ARG HH12 H  N N 37  
ARG HH21 H  N N 38  
ARG HH22 H  N N 39  
ARG HXT  H  N N 40  
ASN N    N  N N 41  
ASN CA   C  N S 42  
ASN C    C  N N 43  
ASN O    O  N N 44  
ASN CB   C  N N 45  
ASN CG   C  N N 46  
ASN OD1  O  N N 47  
ASN ND2  N  N N 48  
ASN OXT  O  N N 49  
ASN H    H  N N 50  
ASN H2   H  N N 51  
ASN HA   H  N N 52  
ASN HB2  H  N N 53  
ASN HB3  H  N N 54  
ASN HD21 H  N N 55  
ASN HD22 H  N N 56  
ASN HXT  H  N N 57  
ASP N    N  N N 58  
ASP CA   C  N S 59  
ASP C    C  N N 60  
ASP O    O  N N 61  
ASP CB   C  N N 62  
ASP CG   C  N N 63  
ASP OD1  O  N N 64  
ASP OD2  O  N N 65  
ASP OXT  O  N N 66  
ASP H    H  N N 67  
ASP H2   H  N N 68  
ASP HA   H  N N 69  
ASP HB2  H  N N 70  
ASP HB3  H  N N 71  
ASP HD2  H  N N 72  
ASP HXT  H  N N 73  
CYS N    N  N N 74  
CYS CA   C  N R 75  
CYS C    C  N N 76  
CYS O    O  N N 77  
CYS CB   C  N N 78  
CYS SG   S  N N 79  
CYS OXT  O  N N 80  
CYS H    H  N N 81  
CYS H2   H  N N 82  
CYS HA   H  N N 83  
CYS HB2  H  N N 84  
CYS HB3  H  N N 85  
CYS HG   H  N N 86  
CYS HXT  H  N N 87  
GLN N    N  N N 88  
GLN CA   C  N S 89  
GLN C    C  N N 90  
GLN O    O  N N 91  
GLN CB   C  N N 92  
GLN CG   C  N N 93  
GLN CD   C  N N 94  
GLN OE1  O  N N 95  
GLN NE2  N  N N 96  
GLN OXT  O  N N 97  
GLN H    H  N N 98  
GLN H2   H  N N 99  
GLN HA   H  N N 100 
GLN HB2  H  N N 101 
GLN HB3  H  N N 102 
GLN HG2  H  N N 103 
GLN HG3  H  N N 104 
GLN HE21 H  N N 105 
GLN HE22 H  N N 106 
GLN HXT  H  N N 107 
GLU N    N  N N 108 
GLU CA   C  N S 109 
GLU C    C  N N 110 
GLU O    O  N N 111 
GLU CB   C  N N 112 
GLU CG   C  N N 113 
GLU CD   C  N N 114 
GLU OE1  O  N N 115 
GLU OE2  O  N N 116 
GLU OXT  O  N N 117 
GLU H    H  N N 118 
GLU H2   H  N N 119 
GLU HA   H  N N 120 
GLU HB2  H  N N 121 
GLU HB3  H  N N 122 
GLU HG2  H  N N 123 
GLU HG3  H  N N 124 
GLU HE2  H  N N 125 
GLU HXT  H  N N 126 
GLY N    N  N N 127 
GLY CA   C  N N 128 
GLY C    C  N N 129 
GLY O    O  N N 130 
GLY OXT  O  N N 131 
GLY H    H  N N 132 
GLY H2   H  N N 133 
GLY HA2  H  N N 134 
GLY HA3  H  N N 135 
GLY HXT  H  N N 136 
HIS N    N  N N 137 
HIS CA   C  N S 138 
HIS C    C  N N 139 
HIS O    O  N N 140 
HIS CB   C  N N 141 
HIS CG   C  Y N 142 
HIS ND1  N  Y N 143 
HIS CD2  C  Y N 144 
HIS CE1  C  Y N 145 
HIS NE2  N  Y N 146 
HIS OXT  O  N N 147 
HIS H    H  N N 148 
HIS H2   H  N N 149 
HIS HA   H  N N 150 
HIS HB2  H  N N 151 
HIS HB3  H  N N 152 
HIS HD1  H  N N 153 
HIS HD2  H  N N 154 
HIS HE1  H  N N 155 
HIS HE2  H  N N 156 
HIS HXT  H  N N 157 
HOH O    O  N N 158 
HOH H1   H  N N 159 
HOH H2   H  N N 160 
ILE N    N  N N 161 
ILE CA   C  N S 162 
ILE C    C  N N 163 
ILE O    O  N N 164 
ILE CB   C  N S 165 
ILE CG1  C  N N 166 
ILE CG2  C  N N 167 
ILE CD1  C  N N 168 
ILE OXT  O  N N 169 
ILE H    H  N N 170 
ILE H2   H  N N 171 
ILE HA   H  N N 172 
ILE HB   H  N N 173 
ILE HG12 H  N N 174 
ILE HG13 H  N N 175 
ILE HG21 H  N N 176 
ILE HG22 H  N N 177 
ILE HG23 H  N N 178 
ILE HD11 H  N N 179 
ILE HD12 H  N N 180 
ILE HD13 H  N N 181 
ILE HXT  H  N N 182 
K   K    K  N N 183 
LCP CL   CL N N 184 
LCP O1   O  N N 185 
LCP O2   O  N N 186 
LCP O3   O  N N 187 
LCP O4   O  N N 188 
LEU N    N  N N 189 
LEU CA   C  N S 190 
LEU C    C  N N 191 
LEU O    O  N N 192 
LEU CB   C  N N 193 
LEU CG   C  N N 194 
LEU CD1  C  N N 195 
LEU CD2  C  N N 196 
LEU OXT  O  N N 197 
LEU H    H  N N 198 
LEU H2   H  N N 199 
LEU HA   H  N N 200 
LEU HB2  H  N N 201 
LEU HB3  H  N N 202 
LEU HG   H  N N 203 
LEU HD11 H  N N 204 
LEU HD12 H  N N 205 
LEU HD13 H  N N 206 
LEU HD21 H  N N 207 
LEU HD22 H  N N 208 
LEU HD23 H  N N 209 
LEU HXT  H  N N 210 
LYS N    N  N N 211 
LYS CA   C  N S 212 
LYS C    C  N N 213 
LYS O    O  N N 214 
LYS CB   C  N N 215 
LYS CG   C  N N 216 
LYS CD   C  N N 217 
LYS CE   C  N N 218 
LYS NZ   N  N N 219 
LYS OXT  O  N N 220 
LYS H    H  N N 221 
LYS H2   H  N N 222 
LYS HA   H  N N 223 
LYS HB2  H  N N 224 
LYS HB3  H  N N 225 
LYS HG2  H  N N 226 
LYS HG3  H  N N 227 
LYS HD2  H  N N 228 
LYS HD3  H  N N 229 
LYS HE2  H  N N 230 
LYS HE3  H  N N 231 
LYS HZ1  H  N N 232 
LYS HZ2  H  N N 233 
LYS HZ3  H  N N 234 
LYS HXT  H  N N 235 
MET N    N  N N 236 
MET CA   C  N S 237 
MET C    C  N N 238 
MET O    O  N N 239 
MET CB   C  N N 240 
MET CG   C  N N 241 
MET SD   S  N N 242 
MET CE   C  N N 243 
MET OXT  O  N N 244 
MET H    H  N N 245 
MET H2   H  N N 246 
MET HA   H  N N 247 
MET HB2  H  N N 248 
MET HB3  H  N N 249 
MET HG2  H  N N 250 
MET HG3  H  N N 251 
MET HE1  H  N N 252 
MET HE2  H  N N 253 
MET HE3  H  N N 254 
MET HXT  H  N N 255 
MNB C6   C  Y N 256 
MNB C1   C  Y N 257 
MNB C2   C  Y N 258 
MNB C3   C  Y N 259 
MNB C4   C  Y N 260 
MNB C5   C  Y N 261 
MNB S5   S  N N 262 
MNB C10  C  N N 263 
MNB O12  O  N N 264 
MNB O11  O  N N 265 
MNB N7   N  N N 266 
MNB O9   O  N N 267 
MNB O8   O  N N 268 
MNB HC6  H  N N 269 
MNB HC3  H  N N 270 
MNB HC4  H  N N 271 
MNB HS5  H  N N 272 
MNB H12  H  N N 273 
PHE N    N  N N 274 
PHE CA   C  N S 275 
PHE C    C  N N 276 
PHE O    O  N N 277 
PHE CB   C  N N 278 
PHE CG   C  Y N 279 
PHE CD1  C  Y N 280 
PHE CD2  C  Y N 281 
PHE CE1  C  Y N 282 
PHE CE2  C  Y N 283 
PHE CZ   C  Y N 284 
PHE OXT  O  N N 285 
PHE H    H  N N 286 
PHE H2   H  N N 287 
PHE HA   H  N N 288 
PHE HB2  H  N N 289 
PHE HB3  H  N N 290 
PHE HD1  H  N N 291 
PHE HD2  H  N N 292 
PHE HE1  H  N N 293 
PHE HE2  H  N N 294 
PHE HZ   H  N N 295 
PHE HXT  H  N N 296 
PRO N    N  N N 297 
PRO CA   C  N S 298 
PRO C    C  N N 299 
PRO O    O  N N 300 
PRO CB   C  N N 301 
PRO CG   C  N N 302 
PRO CD   C  N N 303 
PRO OXT  O  N N 304 
PRO H    H  N N 305 
PRO HA   H  N N 306 
PRO HB2  H  N N 307 
PRO HB3  H  N N 308 
PRO HG2  H  N N 309 
PRO HG3  H  N N 310 
PRO HD2  H  N N 311 
PRO HD3  H  N N 312 
PRO HXT  H  N N 313 
SER N    N  N N 314 
SER CA   C  N S 315 
SER C    C  N N 316 
SER O    O  N N 317 
SER CB   C  N N 318 
SER OG   O  N N 319 
SER OXT  O  N N 320 
SER H    H  N N 321 
SER H2   H  N N 322 
SER HA   H  N N 323 
SER HB2  H  N N 324 
SER HB3  H  N N 325 
SER HG   H  N N 326 
SER HXT  H  N N 327 
THR N    N  N N 328 
THR CA   C  N S 329 
THR C    C  N N 330 
THR O    O  N N 331 
THR CB   C  N R 332 
THR OG1  O  N N 333 
THR CG2  C  N N 334 
THR OXT  O  N N 335 
THR H    H  N N 336 
THR H2   H  N N 337 
THR HA   H  N N 338 
THR HB   H  N N 339 
THR HG1  H  N N 340 
THR HG21 H  N N 341 
THR HG22 H  N N 342 
THR HG23 H  N N 343 
THR HXT  H  N N 344 
TRP N    N  N N 345 
TRP CA   C  N S 346 
TRP C    C  N N 347 
TRP O    O  N N 348 
TRP CB   C  N N 349 
TRP CG   C  Y N 350 
TRP CD1  C  Y N 351 
TRP CD2  C  Y N 352 
TRP NE1  N  Y N 353 
TRP CE2  C  Y N 354 
TRP CE3  C  Y N 355 
TRP CZ2  C  Y N 356 
TRP CZ3  C  Y N 357 
TRP CH2  C  Y N 358 
TRP OXT  O  N N 359 
TRP H    H  N N 360 
TRP H2   H  N N 361 
TRP HA   H  N N 362 
TRP HB2  H  N N 363 
TRP HB3  H  N N 364 
TRP HD1  H  N N 365 
TRP HE1  H  N N 366 
TRP HE3  H  N N 367 
TRP HZ2  H  N N 368 
TRP HZ3  H  N N 369 
TRP HH2  H  N N 370 
TRP HXT  H  N N 371 
TYR N    N  N N 372 
TYR CA   C  N S 373 
TYR C    C  N N 374 
TYR O    O  N N 375 
TYR CB   C  N N 376 
TYR CG   C  Y N 377 
TYR CD1  C  Y N 378 
TYR CD2  C  Y N 379 
TYR CE1  C  Y N 380 
TYR CE2  C  Y N 381 
TYR CZ   C  Y N 382 
TYR OH   O  N N 383 
TYR OXT  O  N N 384 
TYR H    H  N N 385 
TYR H2   H  N N 386 
TYR HA   H  N N 387 
TYR HB2  H  N N 388 
TYR HB3  H  N N 389 
TYR HD1  H  N N 390 
TYR HD2  H  N N 391 
TYR HE1  H  N N 392 
TYR HE2  H  N N 393 
TYR HH   H  N N 394 
TYR HXT  H  N N 395 
VAL N    N  N N 396 
VAL CA   C  N S 397 
VAL C    C  N N 398 
VAL O    O  N N 399 
VAL CB   C  N N 400 
VAL CG1  C  N N 401 
VAL CG2  C  N N 402 
VAL OXT  O  N N 403 
VAL H    H  N N 404 
VAL H2   H  N N 405 
VAL HA   H  N N 406 
VAL HB   H  N N 407 
VAL HG11 H  N N 408 
VAL HG12 H  N N 409 
VAL HG13 H  N N 410 
VAL HG21 H  N N 411 
VAL HG22 H  N N 412 
VAL HG23 H  N N 413 
VAL HXT  H  N N 414 
# 
loop_
_chem_comp_bond.comp_id 
_chem_comp_bond.atom_id_1 
_chem_comp_bond.atom_id_2 
_chem_comp_bond.value_order 
_chem_comp_bond.pdbx_aromatic_flag 
_chem_comp_bond.pdbx_stereo_config 
_chem_comp_bond.pdbx_ordinal 
ALA N   CA   sing N N 1   
ALA N   H    sing N N 2   
ALA N   H2   sing N N 3   
ALA CA  C    sing N N 4   
ALA CA  CB   sing N N 5   
ALA CA  HA   sing N N 6   
ALA C   O    doub N N 7   
ALA C   OXT  sing N N 8   
ALA CB  HB1  sing N N 9   
ALA CB  HB2  sing N N 10  
ALA CB  HB3  sing N N 11  
ALA OXT HXT  sing N N 12  
ARG N   CA   sing N N 13  
ARG N   H    sing N N 14  
ARG N   H2   sing N N 15  
ARG CA  C    sing N N 16  
ARG CA  CB   sing N N 17  
ARG CA  HA   sing N N 18  
ARG C   O    doub N N 19  
ARG C   OXT  sing N N 20  
ARG CB  CG   sing N N 21  
ARG CB  HB2  sing N N 22  
ARG CB  HB3  sing N N 23  
ARG CG  CD   sing N N 24  
ARG CG  HG2  sing N N 25  
ARG CG  HG3  sing N N 26  
ARG CD  NE   sing N N 27  
ARG CD  HD2  sing N N 28  
ARG CD  HD3  sing N N 29  
ARG NE  CZ   sing N N 30  
ARG NE  HE   sing N N 31  
ARG CZ  NH1  sing N N 32  
ARG CZ  NH2  doub N N 33  
ARG NH1 HH11 sing N N 34  
ARG NH1 HH12 sing N N 35  
ARG NH2 HH21 sing N N 36  
ARG NH2 HH22 sing N N 37  
ARG OXT HXT  sing N N 38  
ASN N   CA   sing N N 39  
ASN N   H    sing N N 40  
ASN N   H2   sing N N 41  
ASN CA  C    sing N N 42  
ASN CA  CB   sing N N 43  
ASN CA  HA   sing N N 44  
ASN C   O    doub N N 45  
ASN C   OXT  sing N N 46  
ASN CB  CG   sing N N 47  
ASN CB  HB2  sing N N 48  
ASN CB  HB3  sing N N 49  
ASN CG  OD1  doub N N 50  
ASN CG  ND2  sing N N 51  
ASN ND2 HD21 sing N N 52  
ASN ND2 HD22 sing N N 53  
ASN OXT HXT  sing N N 54  
ASP N   CA   sing N N 55  
ASP N   H    sing N N 56  
ASP N   H2   sing N N 57  
ASP CA  C    sing N N 58  
ASP CA  CB   sing N N 59  
ASP CA  HA   sing N N 60  
ASP C   O    doub N N 61  
ASP C   OXT  sing N N 62  
ASP CB  CG   sing N N 63  
ASP CB  HB2  sing N N 64  
ASP CB  HB3  sing N N 65  
ASP CG  OD1  doub N N 66  
ASP CG  OD2  sing N N 67  
ASP OD2 HD2  sing N N 68  
ASP OXT HXT  sing N N 69  
CYS N   CA   sing N N 70  
CYS N   H    sing N N 71  
CYS N   H2   sing N N 72  
CYS CA  C    sing N N 73  
CYS CA  CB   sing N N 74  
CYS CA  HA   sing N N 75  
CYS C   O    doub N N 76  
CYS C   OXT  sing N N 77  
CYS CB  SG   sing N N 78  
CYS CB  HB2  sing N N 79  
CYS CB  HB3  sing N N 80  
CYS SG  HG   sing N N 81  
CYS OXT HXT  sing N N 82  
GLN N   CA   sing N N 83  
GLN N   H    sing N N 84  
GLN N   H2   sing N N 85  
GLN CA  C    sing N N 86  
GLN CA  CB   sing N N 87  
GLN CA  HA   sing N N 88  
GLN C   O    doub N N 89  
GLN C   OXT  sing N N 90  
GLN CB  CG   sing N N 91  
GLN CB  HB2  sing N N 92  
GLN CB  HB3  sing N N 93  
GLN CG  CD   sing N N 94  
GLN CG  HG2  sing N N 95  
GLN CG  HG3  sing N N 96  
GLN CD  OE1  doub N N 97  
GLN CD  NE2  sing N N 98  
GLN NE2 HE21 sing N N 99  
GLN NE2 HE22 sing N N 100 
GLN OXT HXT  sing N N 101 
GLU N   CA   sing N N 102 
GLU N   H    sing N N 103 
GLU N   H2   sing N N 104 
GLU CA  C    sing N N 105 
GLU CA  CB   sing N N 106 
GLU CA  HA   sing N N 107 
GLU C   O    doub N N 108 
GLU C   OXT  sing N N 109 
GLU CB  CG   sing N N 110 
GLU CB  HB2  sing N N 111 
GLU CB  HB3  sing N N 112 
GLU CG  CD   sing N N 113 
GLU CG  HG2  sing N N 114 
GLU CG  HG3  sing N N 115 
GLU CD  OE1  doub N N 116 
GLU CD  OE2  sing N N 117 
GLU OE2 HE2  sing N N 118 
GLU OXT HXT  sing N N 119 
GLY N   CA   sing N N 120 
GLY N   H    sing N N 121 
GLY N   H2   sing N N 122 
GLY CA  C    sing N N 123 
GLY CA  HA2  sing N N 124 
GLY CA  HA3  sing N N 125 
GLY C   O    doub N N 126 
GLY C   OXT  sing N N 127 
GLY OXT HXT  sing N N 128 
HIS N   CA   sing N N 129 
HIS N   H    sing N N 130 
HIS N   H2   sing N N 131 
HIS CA  C    sing N N 132 
HIS CA  CB   sing N N 133 
HIS CA  HA   sing N N 134 
HIS C   O    doub N N 135 
HIS C   OXT  sing N N 136 
HIS CB  CG   sing N N 137 
HIS CB  HB2  sing N N 138 
HIS CB  HB3  sing N N 139 
HIS CG  ND1  sing Y N 140 
HIS CG  CD2  doub Y N 141 
HIS ND1 CE1  doub Y N 142 
HIS ND1 HD1  sing N N 143 
HIS CD2 NE2  sing Y N 144 
HIS CD2 HD2  sing N N 145 
HIS CE1 NE2  sing Y N 146 
HIS CE1 HE1  sing N N 147 
HIS NE2 HE2  sing N N 148 
HIS OXT HXT  sing N N 149 
HOH O   H1   sing N N 150 
HOH O   H2   sing N N 151 
ILE N   CA   sing N N 152 
ILE N   H    sing N N 153 
ILE N   H2   sing N N 154 
ILE CA  C    sing N N 155 
ILE CA  CB   sing N N 156 
ILE CA  HA   sing N N 157 
ILE C   O    doub N N 158 
ILE C   OXT  sing N N 159 
ILE CB  CG1  sing N N 160 
ILE CB  CG2  sing N N 161 
ILE CB  HB   sing N N 162 
ILE CG1 CD1  sing N N 163 
ILE CG1 HG12 sing N N 164 
ILE CG1 HG13 sing N N 165 
ILE CG2 HG21 sing N N 166 
ILE CG2 HG22 sing N N 167 
ILE CG2 HG23 sing N N 168 
ILE CD1 HD11 sing N N 169 
ILE CD1 HD12 sing N N 170 
ILE CD1 HD13 sing N N 171 
ILE OXT HXT  sing N N 172 
LCP CL  O1   doub N N 173 
LCP CL  O2   doub N N 174 
LCP CL  O3   doub N N 175 
LCP CL  O4   sing N N 176 
LEU N   CA   sing N N 177 
LEU N   H    sing N N 178 
LEU N   H2   sing N N 179 
LEU CA  C    sing N N 180 
LEU CA  CB   sing N N 181 
LEU CA  HA   sing N N 182 
LEU C   O    doub N N 183 
LEU C   OXT  sing N N 184 
LEU CB  CG   sing N N 185 
LEU CB  HB2  sing N N 186 
LEU CB  HB3  sing N N 187 
LEU CG  CD1  sing N N 188 
LEU CG  CD2  sing N N 189 
LEU CG  HG   sing N N 190 
LEU CD1 HD11 sing N N 191 
LEU CD1 HD12 sing N N 192 
LEU CD1 HD13 sing N N 193 
LEU CD2 HD21 sing N N 194 
LEU CD2 HD22 sing N N 195 
LEU CD2 HD23 sing N N 196 
LEU OXT HXT  sing N N 197 
LYS N   CA   sing N N 198 
LYS N   H    sing N N 199 
LYS N   H2   sing N N 200 
LYS CA  C    sing N N 201 
LYS CA  CB   sing N N 202 
LYS CA  HA   sing N N 203 
LYS C   O    doub N N 204 
LYS C   OXT  sing N N 205 
LYS CB  CG   sing N N 206 
LYS CB  HB2  sing N N 207 
LYS CB  HB3  sing N N 208 
LYS CG  CD   sing N N 209 
LYS CG  HG2  sing N N 210 
LYS CG  HG3  sing N N 211 
LYS CD  CE   sing N N 212 
LYS CD  HD2  sing N N 213 
LYS CD  HD3  sing N N 214 
LYS CE  NZ   sing N N 215 
LYS CE  HE2  sing N N 216 
LYS CE  HE3  sing N N 217 
LYS NZ  HZ1  sing N N 218 
LYS NZ  HZ2  sing N N 219 
LYS NZ  HZ3  sing N N 220 
LYS OXT HXT  sing N N 221 
MET N   CA   sing N N 222 
MET N   H    sing N N 223 
MET N   H2   sing N N 224 
MET CA  C    sing N N 225 
MET CA  CB   sing N N 226 
MET CA  HA   sing N N 227 
MET C   O    doub N N 228 
MET C   OXT  sing N N 229 
MET CB  CG   sing N N 230 
MET CB  HB2  sing N N 231 
MET CB  HB3  sing N N 232 
MET CG  SD   sing N N 233 
MET CG  HG2  sing N N 234 
MET CG  HG3  sing N N 235 
MET SD  CE   sing N N 236 
MET CE  HE1  sing N N 237 
MET CE  HE2  sing N N 238 
MET CE  HE3  sing N N 239 
MET OXT HXT  sing N N 240 
MNB C6  C1   doub Y N 241 
MNB C6  C5   sing Y N 242 
MNB C6  HC6  sing N N 243 
MNB C1  C2   sing Y N 244 
MNB C1  C10  sing N N 245 
MNB C2  C3   doub Y N 246 
MNB C2  N7   sing N N 247 
MNB C3  C4   sing Y N 248 
MNB C3  HC3  sing N N 249 
MNB C4  C5   doub Y N 250 
MNB C4  HC4  sing N N 251 
MNB C5  S5   sing N N 252 
MNB S5  HS5  sing N N 253 
MNB C10 O12  sing N N 254 
MNB C10 O11  doub N N 255 
MNB O12 H12  sing N N 256 
MNB N7  O9   doub N N 257 
MNB N7  O8   sing N N 258 
PHE N   CA   sing N N 259 
PHE N   H    sing N N 260 
PHE N   H2   sing N N 261 
PHE CA  C    sing N N 262 
PHE CA  CB   sing N N 263 
PHE CA  HA   sing N N 264 
PHE C   O    doub N N 265 
PHE C   OXT  sing N N 266 
PHE CB  CG   sing N N 267 
PHE CB  HB2  sing N N 268 
PHE CB  HB3  sing N N 269 
PHE CG  CD1  doub Y N 270 
PHE CG  CD2  sing Y N 271 
PHE CD1 CE1  sing Y N 272 
PHE CD1 HD1  sing N N 273 
PHE CD2 CE2  doub Y N 274 
PHE CD2 HD2  sing N N 275 
PHE CE1 CZ   doub Y N 276 
PHE CE1 HE1  sing N N 277 
PHE CE2 CZ   sing Y N 278 
PHE CE2 HE2  sing N N 279 
PHE CZ  HZ   sing N N 280 
PHE OXT HXT  sing N N 281 
PRO N   CA   sing N N 282 
PRO N   CD   sing N N 283 
PRO N   H    sing N N 284 
PRO CA  C    sing N N 285 
PRO CA  CB   sing N N 286 
PRO CA  HA   sing N N 287 
PRO C   O    doub N N 288 
PRO C   OXT  sing N N 289 
PRO CB  CG   sing N N 290 
PRO CB  HB2  sing N N 291 
PRO CB  HB3  sing N N 292 
PRO CG  CD   sing N N 293 
PRO CG  HG2  sing N N 294 
PRO CG  HG3  sing N N 295 
PRO CD  HD2  sing N N 296 
PRO CD  HD3  sing N N 297 
PRO OXT HXT  sing N N 298 
SER N   CA   sing N N 299 
SER N   H    sing N N 300 
SER N   H2   sing N N 301 
SER CA  C    sing N N 302 
SER CA  CB   sing N N 303 
SER CA  HA   sing N N 304 
SER C   O    doub N N 305 
SER C   OXT  sing N N 306 
SER CB  OG   sing N N 307 
SER CB  HB2  sing N N 308 
SER CB  HB3  sing N N 309 
SER OG  HG   sing N N 310 
SER OXT HXT  sing N N 311 
THR N   CA   sing N N 312 
THR N   H    sing N N 313 
THR N   H2   sing N N 314 
THR CA  C    sing N N 315 
THR CA  CB   sing N N 316 
THR CA  HA   sing N N 317 
THR C   O    doub N N 318 
THR C   OXT  sing N N 319 
THR CB  OG1  sing N N 320 
THR CB  CG2  sing N N 321 
THR CB  HB   sing N N 322 
THR OG1 HG1  sing N N 323 
THR CG2 HG21 sing N N 324 
THR CG2 HG22 sing N N 325 
THR CG2 HG23 sing N N 326 
THR OXT HXT  sing N N 327 
TRP N   CA   sing N N 328 
TRP N   H    sing N N 329 
TRP N   H2   sing N N 330 
TRP CA  C    sing N N 331 
TRP CA  CB   sing N N 332 
TRP CA  HA   sing N N 333 
TRP C   O    doub N N 334 
TRP C   OXT  sing N N 335 
TRP CB  CG   sing N N 336 
TRP CB  HB2  sing N N 337 
TRP CB  HB3  sing N N 338 
TRP CG  CD1  doub Y N 339 
TRP CG  CD2  sing Y N 340 
TRP CD1 NE1  sing Y N 341 
TRP CD1 HD1  sing N N 342 
TRP CD2 CE2  doub Y N 343 
TRP CD2 CE3  sing Y N 344 
TRP NE1 CE2  sing Y N 345 
TRP NE1 HE1  sing N N 346 
TRP CE2 CZ2  sing Y N 347 
TRP CE3 CZ3  doub Y N 348 
TRP CE3 HE3  sing N N 349 
TRP CZ2 CH2  doub Y N 350 
TRP CZ2 HZ2  sing N N 351 
TRP CZ3 CH2  sing Y N 352 
TRP CZ3 HZ3  sing N N 353 
TRP CH2 HH2  sing N N 354 
TRP OXT HXT  sing N N 355 
TYR N   CA   sing N N 356 
TYR N   H    sing N N 357 
TYR N   H2   sing N N 358 
TYR CA  C    sing N N 359 
TYR CA  CB   sing N N 360 
TYR CA  HA   sing N N 361 
TYR C   O    doub N N 362 
TYR C   OXT  sing N N 363 
TYR CB  CG   sing N N 364 
TYR CB  HB2  sing N N 365 
TYR CB  HB3  sing N N 366 
TYR CG  CD1  doub Y N 367 
TYR CG  CD2  sing Y N 368 
TYR CD1 CE1  sing Y N 369 
TYR CD1 HD1  sing N N 370 
TYR CD2 CE2  doub Y N 371 
TYR CD2 HD2  sing N N 372 
TYR CE1 CZ   doub Y N 373 
TYR CE1 HE1  sing N N 374 
TYR CE2 CZ   sing Y N 375 
TYR CE2 HE2  sing N N 376 
TYR CZ  OH   sing N N 377 
TYR OH  HH   sing N N 378 
TYR OXT HXT  sing N N 379 
VAL N   CA   sing N N 380 
VAL N   H    sing N N 381 
VAL N   H2   sing N N 382 
VAL CA  C    sing N N 383 
VAL CA  CB   sing N N 384 
VAL CA  HA   sing N N 385 
VAL C   O    doub N N 386 
VAL C   OXT  sing N N 387 
VAL CB  CG1  sing N N 388 
VAL CB  CG2  sing N N 389 
VAL CB  HB   sing N N 390 
VAL CG1 HG11 sing N N 391 
VAL CG1 HG12 sing N N 392 
VAL CG1 HG13 sing N N 393 
VAL CG2 HG21 sing N N 394 
VAL CG2 HG22 sing N N 395 
VAL CG2 HG23 sing N N 396 
VAL OXT HXT  sing N N 397 
# 
_atom_sites.entry_id                    1RXE 
_atom_sites.fract_transf_matrix[1][1]   0.02413603 
_atom_sites.fract_transf_matrix[1][2]   -0.00017125 
_atom_sites.fract_transf_matrix[1][3]   0.01810115 
_atom_sites.fract_transf_matrix[2][1]   0.00879224 
_atom_sites.fract_transf_matrix[2][2]   0.02523819 
_atom_sites.fract_transf_matrix[2][3]   -0.01148478 
_atom_sites.fract_transf_matrix[3][1]   -0.00506541 
_atom_sites.fract_transf_matrix[3][2]   0.00485909 
_atom_sites.fract_transf_matrix[3][3]   0.00680017 
_atom_sites.fract_transf_vector[1]      0.329393 
_atom_sites.fract_transf_vector[2]      0.029503 
_atom_sites.fract_transf_vector[3]      0.380031 
# 
loop_
_atom_type.symbol 
C  
CL 
K  
N  
O  
S  
# 
loop_
_atom_site.group_PDB 
_atom_site.id 
_atom_site.type_symbol 
_atom_site.label_atom_id 
_atom_site.label_alt_id 
_atom_site.label_comp_id 
_atom_site.label_asym_id 
_atom_site.label_entity_id 
_atom_site.label_seq_id 
_atom_site.pdbx_PDB_ins_code 
_atom_site.Cartn_x 
_atom_site.Cartn_y 
_atom_site.Cartn_z 
_atom_site.occupancy 
_atom_site.B_iso_or_equiv 
_atom_site.pdbx_formal_charge 
_atom_site.auth_seq_id 
_atom_site.auth_comp_id 
_atom_site.auth_asym_id 
_atom_site.auth_atom_id 
_atom_site.pdbx_PDB_model_num 
ATOM   1    C  CA  . MET A 1 1   ? 6.700   -8.435  -21.006 1.00 33.73 ? 1   MET A CA  1 
ATOM   2    C  C   . MET A 1 1   ? 6.963   -8.765  -19.543 1.00 33.48 ? 1   MET A C   1 
ATOM   3    O  O   . MET A 1 1   ? 6.318   -9.617  -18.983 1.00 36.07 ? 1   MET A O   1 
ATOM   4    N  N   . ASP A 1 2   ? 7.941   -8.096  -18.940 1.00 30.79 ? 2   ASP A N   1 
ATOM   5    C  CA  . ASP A 1 2   ? 8.329   -8.287  -17.543 1.00 26.24 ? 2   ASP A CA  1 
ATOM   6    C  C   . ASP A 1 2   ? 7.463   -7.358  -16.800 1.00 25.66 ? 2   ASP A C   1 
ATOM   7    O  O   . ASP A 1 2   ? 7.087   -6.336  -17.330 1.00 24.98 ? 2   ASP A O   1 
ATOM   8    C  CB  . ASP A 1 2   ? 9.787   -7.884  -17.299 1.00 27.17 ? 2   ASP A CB  1 
ATOM   9    C  CG  . ASP A 1 2   ? 10.779  -8.786  -18.064 1.00 27.68 ? 2   ASP A CG  1 
ATOM   10   O  OD1 . ASP A 1 2   ? 10.811  -10.017 -17.828 1.00 31.77 ? 2   ASP A OD1 1 
ATOM   11   O  OD2 . ASP A 1 2   ? 11.549  -8.238  -18.893 1.00 29.13 ? 2   ASP A OD2 1 
ATOM   12   N  N   . LYS A 1 3   ? 7.144   -7.730  -15.589 1.00 24.04 ? 3   LYS A N   1 
ATOM   13   C  CA  . LYS A 1 3   ? 6.302   -6.946  -14.704 1.00 22.23 ? 3   LYS A CA  1 
ATOM   14   C  C   . LYS A 1 3   ? 6.956   -5.668  -14.202 1.00 20.28 ? 3   LYS A C   1 
ATOM   15   O  O   . LYS A 1 3   ? 8.183   -5.588  -14.051 1.00 18.22 ? 3   LYS A O   1 
ATOM   16   C  CB  . LYS A 1 3   ? 5.912   -7.783  -13.482 1.00 20.83 ? 3   LYS A CB  1 
ATOM   17   C  CG  . LYS A 1 3   ? 5.100   -9.007  -13.810 1.00 19.33 ? 3   LYS A CG  1 
ATOM   18   C  CD  . LYS A 1 3   ? 4.789   -9.754  -12.532 1.00 19.24 ? 3   LYS A CD  1 
ATOM   19   C  CE  . LYS A 1 3   ? 3.894   -10.957 -12.753 1.00 18.58 ? 3   LYS A CE  1 
ATOM   20   N  NZ  . LYS A 1 3   ? 3.607   -11.646 -11.463 1.00 20.39 ? 3   LYS A NZ  1 
ATOM   21   N  N   . LYS A 1 4   ? 6.125   -4.662  -13.952 1.00 16.90 ? 4   LYS A N   1 
ATOM   22   C  CA  . LYS A 1 4   ? 6.596   -3.400  -13.408 1.00 17.87 ? 4   LYS A CA  1 
ATOM   23   C  C   . LYS A 1 4   ? 6.531   -3.572  -11.901 1.00 13.82 ? 4   LYS A C   1 
ATOM   24   O  O   . LYS A 1 4   ? 5.996   -4.566  -11.403 1.00 15.98 ? 4   LYS A O   1 
ATOM   25   C  CB  . LYS A 1 4   ? 5.685   -2.247  -13.824 1.00 18.70 ? 4   LYS A CB  1 
ATOM   26   C  CG  . LYS A 1 4   ? 5.821   -1.797  -15.262 1.00 25.37 ? 4   LYS A CG  1 
ATOM   27   C  CD  . LYS A 1 4   ? 5.006   -0.527  -15.445 1.00 31.21 ? 4   LYS A CD  1 
ATOM   28   C  CE  . LYS A 1 4   ? 5.201   0.106   -16.804 1.00 33.81 ? 4   LYS A CE  1 
ATOM   29   N  NZ  . LYS A 1 4   ? 4.478   1.409   -16.878 1.00 36.83 ? 4   LYS A NZ  1 
ATOM   30   N  N   . THR A 1 5   ? 7.073   -2.606  -11.174 1.00 13.44 ? 5   THR A N   1 
ATOM   31   C  CA  . THR A 1 5   ? 7.072   -2.665  -9.720  1.00 13.54 ? 5   THR A CA  1 
ATOM   32   C  C   . THR A 1 5   ? 6.350   -1.465  -9.116  1.00 13.34 ? 5   THR A C   1 
ATOM   33   O  O   . THR A 1 5   ? 6.620   -0.322  -9.484  1.00 13.19 ? 5   THR A O   1 
ATOM   34   C  CB  . THR A 1 5   ? 8.514   -2.702  -9.175  1.00 13.90 ? 5   THR A CB  1 
ATOM   35   O  OG1 . THR A 1 5   ? 9.165   -3.890  -9.642  1.00 13.33 ? 5   THR A OG1 1 
ATOM   36   C  CG2 . THR A 1 5   ? 8.519   -2.688  -7.650  1.00 13.81 ? 5   THR A CG2 1 
ATOM   37   N  N   . ILE A 1 6   ? 5.423   -1.731  -8.200  1.00 12.59 ? 6   ILE A N   1 
ATOM   38   C  CA  . ILE A 1 6   ? 4.688   -0.663  -7.532  1.00 12.43 ? 6   ILE A CA  1 
ATOM   39   C  C   . ILE A 1 6   ? 5.008   -0.786  -6.042  1.00 10.95 ? 6   ILE A C   1 
ATOM   40   O  O   . ILE A 1 6   ? 5.014   -1.886  -5.486  1.00 12.96 ? 6   ILE A O   1 
ATOM   41   C  CB  . ILE A 1 6   ? 3.160   -0.765  -7.800  1.00 12.79 ? 6   ILE A CB  1 
ATOM   42   C  CG1 . ILE A 1 6   ? 2.444   0.443   -7.191  1.00 12.34 ? 6   ILE A CG1 1 
ATOM   43   C  CG2 . ILE A 1 6   ? 2.610   -2.080  -7.258  1.00 13.06 ? 6   ILE A CG2 1 
ATOM   44   C  CD1 . ILE A 1 6   ? 0.971   0.528   -7.563  1.00 13.02 ? 6   ILE A CD1 1 
ATOM   45   N  N   . TYR A 1 7   ? 5.289   0.346   -5.407  1.00 12.76 ? 7   TYR A N   1 
ATOM   46   C  CA  . TYR A 1 7   ? 5.680   0.368   -3.998  1.00 13.96 ? 7   TYR A CA  1 
ATOM   47   C  C   . TYR A 1 7   ? 4.769   1.309   -3.201  1.00 12.56 ? 7   TYR A C   1 
ATOM   48   O  O   . TYR A 1 7   ? 4.860   2.526   -3.357  1.00 14.33 ? 7   TYR A O   1 
ATOM   49   C  CB  . TYR A 1 7   ? 7.135   0.860   -3.913  1.00 12.89 ? 7   TYR A CB  1 
ATOM   50   C  CG  . TYR A 1 7   ? 7.929   0.502   -2.663  1.00 13.07 ? 7   TYR A CG  1 
ATOM   51   C  CD1 . TYR A 1 7   ? 9.223   1.005   -2.485  1.00 15.46 ? 7   TYR A CD1 1 
ATOM   52   C  CD2 . TYR A 1 7   ? 7.438   -0.391  -1.710  1.00 13.72 ? 7   TYR A CD2 1 
ATOM   53   C  CE1 . TYR A 1 7   ? 10.013  0.622   -1.398  1.00 17.56 ? 7   TYR A CE1 1 
ATOM   54   C  CE2 . TYR A 1 7   ? 8.226   -0.784  -0.612  1.00 12.53 ? 7   TYR A CE2 1 
ATOM   55   C  CZ  . TYR A 1 7   ? 9.510   -0.276  -0.465  1.00 18.74 ? 7   TYR A CZ  1 
ATOM   56   O  OH  . TYR A 1 7   ? 10.298  -0.678  0.591   1.00 13.81 ? 7   TYR A OH  1 
ATOM   57   N  N   . PHE A 1 8   ? 3.898   0.744   -2.364  1.00 13.44 ? 8   PHE A N   1 
ATOM   58   C  CA  . PHE A 1 8   ? 2.994   1.544   -1.539  1.00 11.88 ? 8   PHE A CA  1 
ATOM   59   C  C   . PHE A 1 8   ? 3.686   1.918   -0.247  1.00 12.74 ? 8   PHE A C   1 
ATOM   60   O  O   . PHE A 1 8   ? 4.153   1.049   0.492   1.00 12.73 ? 8   PHE A O   1 
ATOM   61   C  CB  . PHE A 1 8   ? 1.715   0.787   -1.181  1.00 12.70 ? 8   PHE A CB  1 
ATOM   62   C  CG  . PHE A 1 8   ? 0.847   0.470   -2.363  1.00 14.49 ? 8   PHE A CG  1 
ATOM   63   C  CD1 . PHE A 1 8   ? 0.824   -0.810  -2.903  1.00 12.70 ? 8   PHE A CD1 1 
ATOM   64   C  CD2 . PHE A 1 8   ? 0.045   1.453   -2.933  1.00 14.44 ? 8   PHE A CD2 1 
ATOM   65   C  CE1 . PHE A 1 8   ? 0.015   -1.112  -3.991  1.00 13.85 ? 8   PHE A CE1 1 
ATOM   66   C  CE2 . PHE A 1 8   ? -0.768  1.161   -4.026  1.00 12.87 ? 8   PHE A CE2 1 
ATOM   67   C  CZ  . PHE A 1 8   ? -0.784  -0.123  -4.552  1.00 13.23 ? 8   PHE A CZ  1 
ATOM   68   N  N   . ILE A 1 9   ? 3.725   3.211   0.040   1.00 13.37 ? 9   ILE A N   1 
ATOM   69   C  CA  . ILE A 1 9   ? 4.389   3.688   1.232   1.00 13.43 ? 9   ILE A CA  1 
ATOM   70   C  C   . ILE A 1 9   ? 3.494   4.579   2.065   1.00 11.91 ? 9   ILE A C   1 
ATOM   71   O  O   . ILE A 1 9   ? 2.750   5.409   1.545   1.00 12.67 ? 9   ILE A O   1 
ATOM   72   C  CB  . ILE A 1 9   ? 5.654   4.443   0.835   1.00 15.84 ? 9   ILE A CB  1 
ATOM   73   C  CG1 . ILE A 1 9   ? 6.583   3.445   0.142   1.00 17.75 ? 9   ILE A CG1 1 
ATOM   74   C  CG2 . ILE A 1 9   ? 6.300   5.098   2.050   1.00 13.44 ? 9   ILE A CG2 1 
ATOM   75   C  CD1 . ILE A 1 9   ? 7.785   4.037   -0.441  1.00 19.96 ? 9   ILE A CD1 1 
ATOM   76   N  N   . SER A 1 10  ? 3.574   4.391   3.375   1.00 12.68 ? 10  SER A N   1 
ATOM   77   C  CA  . SER A 1 10  ? 2.759   5.154   4.291   1.00 11.33 ? 10  SER A CA  1 
ATOM   78   C  C   . SER A 1 10  ? 3.534   5.432   5.572   1.00 12.47 ? 10  SER A C   1 
ATOM   79   O  O   . SER A 1 10  ? 4.721   5.121   5.675   1.00 14.04 ? 10  SER A O   1 
ATOM   80   C  CB  . SER A 1 10  ? 1.486   4.366   4.597   1.00 10.88 ? 10  SER A CB  1 
ATOM   81   O  OG  . SER A 1 10  ? 0.552   5.162   5.298   1.00 13.63 ? 10  SER A OG  1 
ATOM   82   N  N   . THR A 1 11  ? 2.855   6.035   6.541   1.00 11.52 ? 11  THR A N   1 
ATOM   83   C  CA  . THR A 1 11  ? 3.452   6.372   7.827   1.00 14.12 ? 11  THR A CA  1 
ATOM   84   C  C   . THR A 1 11  ? 3.922   5.103   8.519   1.00 14.26 ? 11  THR A C   1 
ATOM   85   O  O   . THR A 1 11  ? 4.990   5.059   9.135   1.00 13.78 ? 11  THR A O   1 
ATOM   86   C  CB  . THR A 1 11  ? 2.420   7.075   8.711   1.00 15.65 ? 11  THR A CB  1 
ATOM   87   O  OG1 . THR A 1 11  ? 1.905   8.210   8.007   1.00 16.54 ? 11  THR A OG1 1 
ATOM   88   C  CG2 . THR A 1 11  ? 3.052   7.530   10.021  1.00 14.33 ? 11  THR A CG2 1 
ATOM   89   N  N   . GLY A 1 12  ? 3.099   4.071   8.424   1.00 15.05 ? 12  GLY A N   1 
ATOM   90   C  CA  . GLY A 1 12  ? 3.445   2.797   9.014   1.00 14.85 ? 12  GLY A CA  1 
ATOM   91   C  C   . GLY A 1 12  ? 3.153   1.765   7.949   1.00 15.29 ? 12  GLY A C   1 
ATOM   92   O  O   . GLY A 1 12  ? 2.614   2.101   6.896   1.00 15.45 ? 12  GLY A O   1 
ATOM   93   N  N   . ASN A 1 13  ? 3.532   0.519   8.190   1.00 13.11 ? 13  ASN A N   1 
ATOM   94   C  CA  . ASN A 1 13  ? 3.232   -0.531  7.225   1.00 12.32 ? 13  ASN A CA  1 
ATOM   95   C  C   . ASN A 1 13  ? 2.286   -1.402  8.030   1.00 12.76 ? 13  ASN A C   1 
ATOM   96   O  O   . ASN A 1 13  ? 2.562   -2.574  8.282   1.00 12.80 ? 13  ASN A O   1 
ATOM   97   C  CB  . ASN A 1 13  ? 4.483   -1.327  6.857   1.00 12.34 ? 13  ASN A CB  1 
ATOM   98   C  CG  . ASN A 1 13  ? 4.253   -2.243  5.670   1.00 12.79 ? 13  ASN A CG  1 
ATOM   99   O  OD1 . ASN A 1 13  ? 5.001   -3.193  5.447   1.00 12.28 ? 13  ASN A OD1 1 
ATOM   100  N  ND2 . ASN A 1 13  ? 3.220   -1.947  4.890   1.00 10.63 ? 13  ASN A ND2 1 
ATOM   101  N  N   . SER A 1 14  ? 1.164   -0.806  8.423   1.00 11.61 ? 14  SER A N   1 
ATOM   102  C  CA  . SER A 1 14  ? 0.179   -1.464  9.273   1.00 11.70 ? 14  SER A CA  1 
ATOM   103  C  C   . SER A 1 14  ? -1.249  -1.628  8.747   1.00 12.46 ? 14  SER A C   1 
ATOM   104  O  O   . SER A 1 14  ? -1.801  -2.726  8.787   1.00 12.62 ? 14  SER A O   1 
ATOM   105  C  CB  . SER A 1 14  ? 0.129   -0.719  10.612  1.00 13.17 ? 14  SER A CB  1 
ATOM   106  O  OG  . SER A 1 14  ? -0.931  -1.181  11.431  1.00 14.73 ? 14  SER A OG  1 
ATOM   107  N  N   . ALA A 1 15  ? -1.856  -0.546  8.272   1.00 11.08 ? 15  ALA A N   1 
ATOM   108  C  CA  . ALA A 1 15  ? -3.240  -0.623  7.800   1.00 11.26 ? 15  ALA A CA  1 
ATOM   109  C  C   . ALA A 1 15  ? -3.440  -0.274  6.327   1.00 11.20 ? 15  ALA A C   1 
ATOM   110  O  O   . ALA A 1 15  ? -3.650  -1.162  5.505   1.00 13.42 ? 15  ALA A O   1 
ATOM   111  C  CB  . ALA A 1 15  ? -4.125  0.261   8.671   1.00 13.14 ? 15  ALA A CB  1 
ATOM   112  N  N   . ARG A 1 16  ? -3.382  1.015   5.998   1.00 11.29 ? 16  ARG A N   1 
ATOM   113  C  CA  . ARG A 1 16  ? -3.564  1.464   4.619   1.00 11.57 ? 16  ARG A CA  1 
ATOM   114  C  C   . ARG A 1 16  ? -2.629  0.768   3.630   1.00 9.88  ? 16  ARG A C   1 
ATOM   115  O  O   . ARG A 1 16  ? -3.073  0.242   2.613   1.00 10.57 ? 16  ARG A O   1 
ATOM   116  C  CB  . ARG A 1 16  ? -3.360  2.980   4.529   1.00 9.89  ? 16  ARG A CB  1 
ATOM   117  C  CG  . ARG A 1 16  ? -4.489  3.807   5.143   1.00 14.20 ? 16  ARG A CG  1 
ATOM   118  C  CD  . ARG A 1 16  ? -4.089  5.267   5.327   1.00 11.93 ? 16  ARG A CD  1 
ATOM   119  N  NE  . ARG A 1 16  ? -3.058  5.403   6.355   1.00 11.16 ? 16  ARG A NE  1 
ATOM   120  C  CZ  . ARG A 1 16  ? -2.608  6.562   6.827   1.00 12.81 ? 16  ARG A CZ  1 
ATOM   121  N  NH1 . ARG A 1 16  ? -3.097  7.707   6.371   1.00 12.05 ? 16  ARG A NH1 1 
ATOM   122  N  NH2 . ARG A 1 16  ? -1.668  6.577   7.766   1.00 10.55 ? 16  ARG A NH2 1 
ATOM   123  N  N   . SER A 1 17  ? -1.336  0.773   3.929   1.00 11.63 ? 17  SER A N   1 
ATOM   124  C  CA  . SER A 1 17  ? -0.345  0.154   3.051   1.00 11.30 ? 17  SER A CA  1 
ATOM   125  C  C   . SER A 1 17  ? -0.475  -1.367  2.964   1.00 11.90 ? 17  SER A C   1 
ATOM   126  O  O   . SER A 1 17  ? -0.193  -1.963  1.920   1.00 10.95 ? 17  SER A O   1 
ATOM   127  C  CB  . SER A 1 17  ? 1.061   0.545   3.510   1.00 11.86 ? 17  SER A CB  1 
ATOM   128  O  OG  . SER A 1 17  ? 1.234   0.296   4.891   1.00 13.52 ? 17  SER A OG  1 
ATOM   129  N  N   . GLN A 1 18  ? -0.896  -1.998  4.058   1.00 11.48 ? 18  GLN A N   1 
ATOM   130  C  CA  . GLN A 1 18  ? -1.075  -3.448  4.063   1.00 10.89 ? 18  GLN A CA  1 
ATOM   131  C  C   . GLN A 1 18  ? -2.293  -3.832  3.226   1.00 11.29 ? 18  GLN A C   1 
ATOM   132  O  O   . GLN A 1 18  ? -2.262  -4.821  2.496   1.00 10.47 ? 18  GLN A O   1 
ATOM   133  C  CB  . GLN A 1 18  ? -1.238  -3.962  5.493   1.00 12.91 ? 18  GLN A CB  1 
ATOM   134  C  CG  . GLN A 1 18  ? 0.042   -3.949  6.316   1.00 12.28 ? 18  GLN A CG  1 
ATOM   135  C  CD  . GLN A 1 18  ? 1.093   -4.901  5.768   1.00 13.59 ? 18  GLN A CD  1 
ATOM   136  O  OE1 . GLN A 1 18  ? 0.810   -5.717  4.894   1.00 12.55 ? 18  GLN A OE1 1 
ATOM   137  N  NE2 . GLN A 1 18  ? 2.308   -4.814  6.300   1.00 9.31  ? 18  GLN A NE2 1 
ATOM   138  N  N   . MET A 1 19  ? -3.367  -3.053  3.329   1.00 11.41 ? 19  MET A N   1 
ATOM   139  C  CA  . MET A 1 19  ? -4.560  -3.348  2.542   1.00 11.35 ? 19  MET A CA  1 
ATOM   140  C  C   . MET A 1 19  ? -4.293  -3.043  1.064   1.00 13.24 ? 19  MET A C   1 
ATOM   141  O  O   . MET A 1 19  ? -4.814  -3.724  0.182   1.00 13.01 ? 19  MET A O   1 
ATOM   142  C  CB  . MET A 1 19  ? -5.765  -2.559  3.072   1.00 13.65 ? 19  MET A CB  1 
ATOM   143  C  CG  . MET A 1 19  ? -6.187  -3.013  4.465   1.00 9.80  ? 19  MET A CG  1 
ATOM   144  S  SD  . MET A 1 19  ? -7.740  -2.304  5.056   1.00 14.71 ? 19  MET A SD  1 
ATOM   145  C  CE  . MET A 1 19  ? -7.302  -0.592  5.225   1.00 14.00 ? 19  MET A CE  1 
ATOM   146  N  N   . ALA A 1 20  ? -3.461  -2.037  0.803   1.00 13.39 ? 20  ALA A N   1 
ATOM   147  C  CA  . ALA A 1 20  ? -3.102  -1.685  -0.570  1.00 11.38 ? 20  ALA A CA  1 
ATOM   148  C  C   . ALA A 1 20  ? -2.294  -2.846  -1.152  1.00 9.95  ? 20  ALA A C   1 
ATOM   149  O  O   . ALA A 1 20  ? -2.505  -3.250  -2.296  1.00 11.10 ? 20  ALA A O   1 
ATOM   150  C  CB  . ALA A 1 20  ? -2.271  -0.405  -0.589  1.00 11.80 ? 20  ALA A CB  1 
ATOM   151  N  N   . GLU A 1 21  ? -1.366  -3.382  -0.359  1.00 10.14 ? 21  GLU A N   1 
ATOM   152  C  CA  . GLU A 1 21  ? -0.557  -4.510  -0.809  1.00 10.42 ? 21  GLU A CA  1 
ATOM   153  C  C   . GLU A 1 21  ? -1.475  -5.698  -1.095  1.00 12.23 ? 21  GLU A C   1 
ATOM   154  O  O   . GLU A 1 21  ? -1.323  -6.375  -2.110  1.00 12.38 ? 21  GLU A O   1 
ATOM   155  C  CB  . GLU A 1 21  ? 0.488   -4.896  0.252   1.00 12.23 ? 21  GLU A CB  1 
ATOM   156  C  CG  . GLU A 1 21  ? 1.290   -6.145  -0.122  1.00 12.35 ? 21  GLU A CG  1 
ATOM   157  C  CD  . GLU A 1 21  ? 2.373   -6.513  0.885   1.00 14.28 ? 21  GLU A CD  1 
ATOM   158  O  OE1 . GLU A 1 21  ? 2.913   -7.630  0.770   1.00 16.62 ? 21  GLU A OE1 1 
ATOM   159  O  OE2 . GLU A 1 21  ? 2.696   -5.698  1.774   1.00 14.65 ? 21  GLU A OE2 1 
ATOM   160  N  N   . GLY A 1 22  ? -2.433  -5.939  -0.202  1.00 11.00 ? 22  GLY A N   1 
ATOM   161  C  CA  . GLY A 1 22  ? -3.358  -7.045  -0.380  1.00 12.87 ? 22  GLY A CA  1 
ATOM   162  C  C   . GLY A 1 22  ? -4.157  -6.926  -1.664  1.00 13.88 ? 22  GLY A C   1 
ATOM   163  O  O   . GLY A 1 22  ? -4.216  -7.871  -2.455  1.00 14.24 ? 22  GLY A O   1 
ATOM   164  N  N   . TRP A 1 23  ? -4.782  -5.769  -1.875  1.00 12.48 ? 23  TRP A N   1 
ATOM   165  C  CA  . TRP A 1 23  ? -5.561  -5.528  -3.091  1.00 12.51 ? 23  TRP A CA  1 
ATOM   166  C  C   . TRP A 1 23  ? -4.668  -5.531  -4.324  1.00 14.84 ? 23  TRP A C   1 
ATOM   167  O  O   . TRP A 1 23  ? -5.018  -6.105  -5.352  1.00 13.96 ? 23  TRP A O   1 
ATOM   168  C  CB  . TRP A 1 23  ? -6.282  -4.175  -3.031  1.00 12.45 ? 23  TRP A CB  1 
ATOM   169  C  CG  . TRP A 1 23  ? -7.503  -4.151  -2.171  1.00 16.85 ? 23  TRP A CG  1 
ATOM   170  C  CD1 . TRP A 1 23  ? -7.732  -3.352  -1.089  1.00 15.40 ? 23  TRP A CD1 1 
ATOM   171  C  CD2 . TRP A 1 23  ? -8.684  -4.951  -2.340  1.00 14.32 ? 23  TRP A CD2 1 
ATOM   172  N  NE1 . TRP A 1 23  ? -8.981  -3.600  -0.570  1.00 16.40 ? 23  TRP A NE1 1 
ATOM   173  C  CE2 . TRP A 1 23  ? -9.587  -4.576  -1.320  1.00 13.51 ? 23  TRP A CE2 1 
ATOM   174  C  CE3 . TRP A 1 23  ? -9.068  -5.941  -3.251  1.00 18.01 ? 23  TRP A CE3 1 
ATOM   175  C  CZ2 . TRP A 1 23  ? -10.848 -5.162  -1.184  1.00 17.03 ? 23  TRP A CZ2 1 
ATOM   176  C  CZ3 . TRP A 1 23  ? -10.322 -6.524  -3.119  1.00 16.27 ? 23  TRP A CZ3 1 
ATOM   177  C  CH2 . TRP A 1 23  ? -11.196 -6.133  -2.092  1.00 14.53 ? 23  TRP A CH2 1 
ATOM   178  N  N   . GLY A 1 24  ? -3.522  -4.868  -4.207  1.00 14.72 ? 24  GLY A N   1 
ATOM   179  C  CA  . GLY A 1 24  ? -2.588  -4.779  -5.312  1.00 11.50 ? 24  GLY A CA  1 
ATOM   180  C  C   . GLY A 1 24  ? -2.155  -6.130  -5.833  1.00 14.52 ? 24  GLY A C   1 
ATOM   181  O  O   . GLY A 1 24  ? -2.132  -6.346  -7.044  1.00 13.35 ? 24  GLY A O   1 
ATOM   182  N  N   . LYS A 1 25  ? -1.803  -7.042  -4.933  1.00 13.53 ? 25  LYS A N   1 
ATOM   183  C  CA  . LYS A 1 25  ? -1.372  -8.374  -5.350  1.00 15.54 ? 25  LYS A CA  1 
ATOM   184  C  C   . LYS A 1 25  ? -2.485  -9.096  -6.101  1.00 16.99 ? 25  LYS A C   1 
ATOM   185  O  O   . LYS A 1 25  ? -2.247  -9.749  -7.113  1.00 16.22 ? 25  LYS A O   1 
ATOM   186  C  CB  . LYS A 1 25  ? -0.954  -9.212  -4.137  1.00 15.89 ? 25  LYS A CB  1 
ATOM   187  C  CG  . LYS A 1 25  ? 0.326   -8.741  -3.447  1.00 16.67 ? 25  LYS A CG  1 
ATOM   188  C  CD  . LYS A 1 25  ? 0.670   -9.643  -2.264  1.00 18.45 ? 25  LYS A CD  1 
ATOM   189  C  CE  . LYS A 1 25  ? 2.006   -9.256  -1.637  1.00 25.05 ? 25  LYS A CE  1 
ATOM   190  N  NZ  . LYS A 1 25  ? 2.343   -10.107 -0.458  1.00 24.66 ? 25  LYS A NZ  1 
ATOM   191  N  N   . GLU A 1 26  ? -3.706  -8.960  -5.603  1.00 18.16 ? 26  GLU A N   1 
ATOM   192  C  CA  . GLU A 1 26  ? -4.863  -9.612  -6.200  1.00 18.78 ? 26  GLU A CA  1 
ATOM   193  C  C   . GLU A 1 26  ? -5.248  -9.019  -7.553  1.00 18.18 ? 26  GLU A C   1 
ATOM   194  O  O   . GLU A 1 26  ? -5.488  -9.746  -8.517  1.00 20.59 ? 26  GLU A O   1 
ATOM   195  C  CB  . GLU A 1 26  ? -6.051  -9.495  -5.244  1.00 22.00 ? 26  GLU A CB  1 
ATOM   196  C  CG  . GLU A 1 26  ? -7.260  -10.343 -5.595  1.00 29.38 ? 26  GLU A CG  1 
ATOM   197  C  CD  . GLU A 1 26  ? -6.958  -11.827 -5.529  1.00 31.16 ? 26  GLU A CD  1 
ATOM   198  O  OE1 . GLU A 1 26  ? -6.727  -12.444 -6.590  1.00 40.58 ? 26  GLU A OE1 1 
ATOM   199  O  OE2 . GLU A 1 26  ? -6.929  -12.370 -4.405  1.00 38.52 ? 26  GLU A OE2 1 
ATOM   200  N  N   . ILE A 1 27  ? -5.293  -7.693  -7.614  1.00 15.14 ? 27  ILE A N   1 
ATOM   201  C  CA  . ILE A 1 27  ? -5.696  -6.967  -8.815  1.00 17.04 ? 27  ILE A CA  1 
ATOM   202  C  C   . ILE A 1 27  ? -4.594  -6.702  -9.845  1.00 19.03 ? 27  ILE A C   1 
ATOM   203  O  O   . ILE A 1 27  ? -4.826  -6.820  -11.050 1.00 18.19 ? 27  ILE A O   1 
ATOM   204  C  CB  . ILE A 1 27  ? -6.333  -5.614  -8.411  1.00 18.25 ? 27  ILE A CB  1 
ATOM   205  C  CG1 . ILE A 1 27  ? -7.537  -5.873  -7.503  1.00 17.83 ? 27  ILE A CG1 1 
ATOM   206  C  CG2 . ILE A 1 27  ? -6.769  -4.832  -9.646  1.00 15.90 ? 27  ILE A CG2 1 
ATOM   207  C  CD1 . ILE A 1 27  ? -8.122  -4.624  -6.889  1.00 18.93 ? 27  ILE A CD1 1 
ATOM   208  N  N   . LEU A 1 28  ? -3.403  -6.354  -9.367  1.00 17.20 ? 28  LEU A N   1 
ATOM   209  C  CA  . LEU A 1 28  ? -2.279  -6.027  -10.240 1.00 16.63 ? 28  LEU A CA  1 
ATOM   210  C  C   . LEU A 1 28  ? -1.248  -7.144  -10.402 1.00 17.00 ? 28  LEU A C   1 
ATOM   211  O  O   . LEU A 1 28  ? -0.303  -7.007  -11.180 1.00 17.79 ? 28  LEU A O   1 
ATOM   212  C  CB  . LEU A 1 28  ? -1.566  -4.791  -9.700  1.00 16.92 ? 28  LEU A CB  1 
ATOM   213  C  CG  . LEU A 1 28  ? -2.413  -3.551  -9.415  1.00 14.81 ? 28  LEU A CG  1 
ATOM   214  C  CD1 . LEU A 1 28  ? -1.535  -2.468  -8.804  1.00 17.31 ? 28  LEU A CD1 1 
ATOM   215  C  CD2 . LEU A 1 28  ? -3.062  -3.064  -10.699 1.00 18.04 ? 28  LEU A CD2 1 
ATOM   216  N  N   . GLY A 1 29  ? -1.436  -8.236  -9.670  1.00 17.50 ? 29  GLY A N   1 
ATOM   217  C  CA  . GLY A 1 29  ? -0.503  -9.350  -9.703  1.00 19.99 ? 29  GLY A CA  1 
ATOM   218  C  C   . GLY A 1 29  ? 0.043   -9.823  -11.039 1.00 20.36 ? 29  GLY A C   1 
ATOM   219  O  O   . GLY A 1 29  ? 1.233   -10.132 -11.143 1.00 22.01 ? 29  GLY A O   1 
ATOM   220  N  N   . GLU A 1 30  ? -0.809  -9.896  -12.055 1.00 20.75 ? 30  GLU A N   1 
ATOM   221  C  CA  . GLU A 1 30  ? -0.370  -10.358 -13.368 1.00 22.99 ? 30  GLU A CA  1 
ATOM   222  C  C   . GLU A 1 30  ? 0.699   -9.510  -14.040 1.00 20.59 ? 30  GLU A C   1 
ATOM   223  O  O   . GLU A 1 30  ? 1.555   -10.043 -14.744 1.00 20.31 ? 30  GLU A O   1 
ATOM   224  C  CB  . GLU A 1 30  ? -1.559  -10.498 -14.323 1.00 25.77 ? 30  GLU A CB  1 
ATOM   225  C  CG  . GLU A 1 30  ? -2.453  -11.685 -14.025 1.00 37.27 ? 30  GLU A CG  1 
ATOM   226  C  CD  . GLU A 1 30  ? -3.470  -11.926 -15.123 1.00 41.99 ? 30  GLU A CD  1 
ATOM   227  O  OE1 . GLU A 1 30  ? -3.053  -12.075 -16.293 1.00 46.30 ? 30  GLU A OE1 1 
ATOM   228  O  OE2 . GLU A 1 30  ? -4.681  -11.974 -14.820 1.00 46.94 ? 30  GLU A OE2 1 
ATOM   229  N  N   . GLY A 1 31  ? 0.659   -8.200  -13.833 1.00 19.03 ? 31  GLY A N   1 
ATOM   230  C  CA  . GLY A 1 31  ? 1.652   -7.347  -14.465 1.00 18.23 ? 31  GLY A CA  1 
ATOM   231  C  C   . GLY A 1 31  ? 2.503   -6.513  -13.527 1.00 17.70 ? 31  GLY A C   1 
ATOM   232  O  O   . GLY A 1 31  ? 3.279   -5.671  -13.984 1.00 16.74 ? 31  GLY A O   1 
ATOM   233  N  N   . TRP A 1 32  ? 2.371   -6.736  -12.222 1.00 15.41 ? 32  TRP A N   1 
ATOM   234  C  CA  . TRP A 1 32  ? 3.141   -5.960  -11.258 1.00 15.25 ? 32  TRP A CA  1 
ATOM   235  C  C   . TRP A 1 32  ? 3.685   -6.728  -10.063 1.00 15.94 ? 32  TRP A C   1 
ATOM   236  O  O   . TRP A 1 32  ? 3.066   -7.672  -9.576  1.00 17.98 ? 32  TRP A O   1 
ATOM   237  C  CB  . TRP A 1 32  ? 2.295   -4.813  -10.686 1.00 17.44 ? 32  TRP A CB  1 
ATOM   238  C  CG  . TRP A 1 32  ? 1.835   -3.786  -11.664 1.00 14.96 ? 32  TRP A CG  1 
ATOM   239  C  CD1 . TRP A 1 32  ? 0.826   -3.905  -12.580 1.00 16.19 ? 32  TRP A CD1 1 
ATOM   240  C  CD2 . TRP A 1 32  ? 2.376   -2.472  -11.834 1.00 16.23 ? 32  TRP A CD2 1 
ATOM   241  N  NE1 . TRP A 1 32  ? 0.707   -2.742  -13.305 1.00 15.07 ? 32  TRP A NE1 1 
ATOM   242  C  CE2 . TRP A 1 32  ? 1.648   -1.848  -12.865 1.00 14.06 ? 32  TRP A CE2 1 
ATOM   243  C  CE3 . TRP A 1 32  ? 3.410   -1.764  -11.206 1.00 15.25 ? 32  TRP A CE3 1 
ATOM   244  C  CZ2 . TRP A 1 32  ? 1.920   -0.542  -13.291 1.00 15.83 ? 32  TRP A CZ2 1 
ATOM   245  C  CZ3 . TRP A 1 32  ? 3.680   -0.463  -11.630 1.00 14.58 ? 32  TRP A CZ3 1 
ATOM   246  C  CH2 . TRP A 1 32  ? 2.936   0.131   -12.663 1.00 16.01 ? 32  TRP A CH2 1 
ATOM   247  N  N   . ASN A 1 33  ? 4.854   -6.302  -9.595  1.00 15.18 ? 33  ASN A N   1 
ATOM   248  C  CA  . ASN A 1 33  ? 5.452   -6.859  -8.386  1.00 15.28 ? 33  ASN A CA  1 
ATOM   249  C  C   . ASN A 1 33  ? 4.930   -5.840  -7.378  1.00 13.60 ? 33  ASN A C   1 
ATOM   250  O  O   . ASN A 1 33  ? 5.149   -4.642  -7.553  1.00 13.47 ? 33  ASN A O   1 
ATOM   251  C  CB  . ASN A 1 33  ? 6.974   -6.783  -8.431  1.00 14.06 ? 33  ASN A CB  1 
ATOM   252  C  CG  . ASN A 1 33  ? 7.559   -7.511  -9.615  1.00 20.44 ? 33  ASN A CG  1 
ATOM   253  O  OD1 . ASN A 1 33  ? 7.335   -8.707  -9.798  1.00 15.27 ? 33  ASN A OD1 1 
ATOM   254  N  ND2 . ASN A 1 33  ? 8.323   -6.791  -10.429 1.00 18.72 ? 33  ASN A ND2 1 
ATOM   255  N  N   . VAL A 1 34  ? 4.235   -6.296  -6.340  1.00 11.76 ? 34  VAL A N   1 
ATOM   256  C  CA  . VAL A 1 34  ? 3.662   -5.374  -5.363  1.00 11.56 ? 34  VAL A CA  1 
ATOM   257  C  C   . VAL A 1 34  ? 4.314   -5.422  -3.985  1.00 10.74 ? 34  VAL A C   1 
ATOM   258  O  O   . VAL A 1 34  ? 4.414   -6.484  -3.378  1.00 15.36 ? 34  VAL A O   1 
ATOM   259  C  CB  . VAL A 1 34  ? 2.149   -5.645  -5.199  1.00 11.86 ? 34  VAL A CB  1 
ATOM   260  C  CG1 . VAL A 1 34  ? 1.547   -4.672  -4.198  1.00 12.28 ? 34  VAL A CG1 1 
ATOM   261  C  CG2 . VAL A 1 34  ? 1.447   -5.534  -6.554  1.00 9.68  ? 34  VAL A CG2 1 
ATOM   262  N  N   . TYR A 1 35  ? 4.766   -4.268  -3.505  1.00 12.30 ? 35  TYR A N   1 
ATOM   263  C  CA  . TYR A 1 35  ? 5.376   -4.179  -2.181  1.00 13.13 ? 35  TYR A CA  1 
ATOM   264  C  C   . TYR A 1 35  ? 4.791   -3.005  -1.408  1.00 12.40 ? 35  TYR A C   1 
ATOM   265  O  O   . TYR A 1 35  ? 4.178   -2.108  -1.988  1.00 11.82 ? 35  TYR A O   1 
ATOM   266  C  CB  . TYR A 1 35  ? 6.888   -3.968  -2.269  1.00 11.60 ? 35  TYR A CB  1 
ATOM   267  C  CG  . TYR A 1 35  ? 7.612   -4.964  -3.131  1.00 12.68 ? 35  TYR A CG  1 
ATOM   268  C  CD1 . TYR A 1 35  ? 7.734   -4.763  -4.505  1.00 13.88 ? 35  TYR A CD1 1 
ATOM   269  C  CD2 . TYR A 1 35  ? 8.159   -6.119  -2.580  1.00 15.39 ? 35  TYR A CD2 1 
ATOM   270  C  CE1 . TYR A 1 35  ? 8.387   -5.686  -5.307  1.00 18.43 ? 35  TYR A CE1 1 
ATOM   271  C  CE2 . TYR A 1 35  ? 8.818   -7.055  -3.378  1.00 16.60 ? 35  TYR A CE2 1 
ATOM   272  C  CZ  . TYR A 1 35  ? 8.925   -6.828  -4.738  1.00 17.40 ? 35  TYR A CZ  1 
ATOM   273  O  OH  . TYR A 1 35  ? 9.572   -7.736  -5.539  1.00 17.95 ? 35  TYR A OH  1 
ATOM   274  N  N   . SER A 1 36  ? 4.986   -3.021  -0.094  1.00 12.16 ? 36  SER A N   1 
ATOM   275  C  CA  . SER A 1 36  ? 4.517   -1.938  0.762   1.00 13.12 ? 36  SER A CA  1 
ATOM   276  C  C   . SER A 1 36  ? 5.500   -1.779  1.917   1.00 11.32 ? 36  SER A C   1 
ATOM   277  O  O   . SER A 1 36  ? 6.194   -2.719  2.287   1.00 11.91 ? 36  SER A O   1 
ATOM   278  C  CB  . SER A 1 36  ? 3.115   -2.223  1.313   1.00 13.50 ? 36  SER A CB  1 
ATOM   279  O  OG  . SER A 1 36  ? 3.124   -3.289  2.242   1.00 14.21 ? 36  SER A OG  1 
ATOM   280  N  N   . ALA A 1 37  ? 5.564   -0.577  2.469   1.00 10.53 ? 37  ALA A N   1 
ATOM   281  C  CA  . ALA A 1 37  ? 6.461   -0.304  3.580   1.00 11.90 ? 37  ALA A CA  1 
ATOM   282  C  C   . ALA A 1 37  ? 6.026   0.989   4.241   1.00 11.71 ? 37  ALA A C   1 
ATOM   283  O  O   . ALA A 1 37  ? 5.175   1.708   3.714   1.00 13.05 ? 37  ALA A O   1 
ATOM   284  C  CB  . ALA A 1 37  ? 7.898   -0.181  3.080   1.00 12.19 ? 37  ALA A CB  1 
ATOM   285  N  N   . GLY A 1 38  ? 6.602   1.279   5.400   1.00 12.55 ? 38  GLY A N   1 
ATOM   286  C  CA  . GLY A 1 38  ? 6.256   2.502   6.091   1.00 14.48 ? 38  GLY A CA  1 
ATOM   287  C  C   . GLY A 1 38  ? 7.472   3.152   6.717   1.00 14.21 ? 38  GLY A C   1 
ATOM   288  O  O   . GLY A 1 38  ? 8.523   2.525   6.829   1.00 13.41 ? 38  GLY A O   1 
ATOM   289  N  N   . ILE A 1 39  ? 7.336   4.413   7.115   1.00 13.98 ? 39  ILE A N   1 
ATOM   290  C  CA  . ILE A 1 39  ? 8.429   5.133   7.766   1.00 16.64 ? 39  ILE A CA  1 
ATOM   291  C  C   . ILE A 1 39  ? 8.812   4.333   9.018   1.00 17.69 ? 39  ILE A C   1 
ATOM   292  O  O   . ILE A 1 39  ? 9.969   4.329   9.445   1.00 14.04 ? 39  ILE A O   1 
ATOM   293  C  CB  . ILE A 1 39  ? 7.984   6.561   8.132   1.00 19.81 ? 39  ILE A CB  1 
ATOM   294  C  CG1 . ILE A 1 39  ? 7.631   7.318   6.845   1.00 16.71 ? 39  ILE A CG1 1 
ATOM   295  C  CG2 . ILE A 1 39  ? 9.082   7.281   8.905   1.00 20.88 ? 39  ILE A CG2 1 
ATOM   296  C  CD1 . ILE A 1 39  ? 7.106   8.725   7.068   1.00 18.30 ? 39  ILE A CD1 1 
ATOM   297  N  N   . GLU A 1 40  ? 7.812   3.669   9.593   1.00 15.38 ? 40  GLU A N   1 
ATOM   298  C  CA  . GLU A 1 40  ? 7.968   2.780   10.744  1.00 14.73 ? 40  GLU A CA  1 
ATOM   299  C  C   . GLU A 1 40  ? 7.107   1.563   10.423  1.00 12.87 ? 40  GLU A C   1 
ATOM   300  O  O   . GLU A 1 40  ? 6.244   1.636   9.549   1.00 12.33 ? 40  GLU A O   1 
ATOM   301  C  CB  . GLU A 1 40  ? 7.525   3.449   12.055  1.00 17.97 ? 40  GLU A CB  1 
ATOM   302  C  CG  . GLU A 1 40  ? 8.625   4.309   12.671  1.00 16.02 ? 40  GLU A CG  1 
ATOM   303  C  CD  . GLU A 1 40  ? 8.248   4.932   14.004  1.00 23.50 ? 40  GLU A CD  1 
ATOM   304  O  OE1 . GLU A 1 40  ? 7.657   4.232   14.851  1.00 25.38 ? 40  GLU A OE1 1 
ATOM   305  O  OE2 . GLU A 1 40  ? 8.572   6.118   14.217  1.00 27.39 ? 40  GLU A OE2 1 
ATOM   306  N  N   . THR A 1 41  ? 7.337   0.441   11.097  1.00 13.28 ? 41  THR A N   1 
ATOM   307  C  CA  . THR A 1 41  ? 6.566   -0.767  10.802  1.00 12.89 ? 41  THR A CA  1 
ATOM   308  C  C   . THR A 1 41  ? 5.209   -0.876  11.513  1.00 16.64 ? 41  THR A C   1 
ATOM   309  O  O   . THR A 1 41  ? 4.151   -0.712  10.881  1.00 15.66 ? 41  THR A O   1 
ATOM   310  C  CB  . THR A 1 41  ? 7.411   -2.030  11.094  1.00 15.66 ? 41  THR A CB  1 
ATOM   311  O  OG1 . THR A 1 41  ? 7.884   -1.990  12.446  1.00 15.69 ? 41  THR A OG1 1 
ATOM   312  C  CG2 . THR A 1 41  ? 8.610   -2.103  10.141  1.00 14.62 ? 41  THR A CG2 1 
ATOM   313  N  N   . HIS A 1 42  ? 5.247   -1.172  12.810  1.00 14.19 ? 42  HIS A N   1 
ATOM   314  C  CA  . HIS A 1 42  ? 4.053   -1.302  13.651  1.00 13.90 ? 42  HIS A CA  1 
ATOM   315  C  C   . HIS A 1 42  ? 3.292   -2.621  13.520  1.00 14.12 ? 42  HIS A C   1 
ATOM   316  O  O   . HIS A 1 42  ? 2.340   -2.857  14.260  1.00 13.57 ? 42  HIS A O   1 
ATOM   317  C  CB  . HIS A 1 42  ? 3.082   -0.137  13.403  1.00 17.03 ? 42  HIS A CB  1 
ATOM   318  C  CG  . HIS A 1 42  ? 3.643   1.203   13.763  1.00 18.10 ? 42  HIS A CG  1 
ATOM   319  N  ND1 . HIS A 1 42  ? 2.924   2.371   13.617  1.00 22.16 ? 42  HIS A ND1 1 
ATOM   320  C  CD2 . HIS A 1 42  ? 4.851   1.564   14.252  1.00 19.07 ? 42  HIS A CD2 1 
ATOM   321  C  CE1 . HIS A 1 42  ? 3.668   3.393   14.002  1.00 22.30 ? 42  HIS A CE1 1 
ATOM   322  N  NE2 . HIS A 1 42  ? 4.845   2.928   14.392  1.00 21.23 ? 42  HIS A NE2 1 
ATOM   323  N  N   . GLY A 1 43  ? 3.706   -3.479  12.593  1.00 13.03 ? 43  GLY A N   1 
ATOM   324  C  CA  . GLY A 1 43  ? 3.031   -4.754  12.417  1.00 12.99 ? 43  GLY A CA  1 
ATOM   325  C  C   . GLY A 1 43  ? 1.770   -4.620  11.582  1.00 13.71 ? 43  GLY A C   1 
ATOM   326  O  O   . GLY A 1 43  ? 1.373   -3.507  11.239  1.00 11.09 ? 43  GLY A O   1 
ATOM   327  N  N   . VAL A 1 44  ? 1.148   -5.746  11.241  1.00 10.20 ? 44  VAL A N   1 
ATOM   328  C  CA  . VAL A 1 44  ? -0.076  -5.723  10.442  1.00 10.65 ? 44  VAL A CA  1 
ATOM   329  C  C   . VAL A 1 44  ? -1.257  -5.506  11.394  1.00 10.99 ? 44  VAL A C   1 
ATOM   330  O  O   . VAL A 1 44  ? -1.507  -6.323  12.284  1.00 12.20 ? 44  VAL A O   1 
ATOM   331  C  CB  . VAL A 1 44  ? -0.283  -7.055  9.685   1.00 9.85  ? 44  VAL A CB  1 
ATOM   332  C  CG1 . VAL A 1 44  ? -1.469  -6.930  8.737   1.00 11.73 ? 44  VAL A CG1 1 
ATOM   333  C  CG2 . VAL A 1 44  ? 0.973   -7.429  8.921   1.00 14.85 ? 44  VAL A CG2 1 
ATOM   334  N  N   . ASN A 1 45  ? -1.981  -4.408  11.210  1.00 11.47 ? 45  ASN A N   1 
ATOM   335  C  CA  . ASN A 1 45  ? -3.103  -4.103  12.091  1.00 11.44 ? 45  ASN A CA  1 
ATOM   336  C  C   . ASN A 1 45  ? -4.144  -5.224  12.086  1.00 11.70 ? 45  ASN A C   1 
ATOM   337  O  O   . ASN A 1 45  ? -4.619  -5.640  11.029  1.00 9.90  ? 45  ASN A O   1 
ATOM   338  C  CB  . ASN A 1 45  ? -3.770  -2.784  11.679  1.00 11.82 ? 45  ASN A CB  1 
ATOM   339  C  CG  . ASN A 1 45  ? -4.705  -2.250  12.747  1.00 12.36 ? 45  ASN A CG  1 
ATOM   340  O  OD1 . ASN A 1 45  ? -5.644  -2.934  13.171  1.00 12.80 ? 45  ASN A OD1 1 
ATOM   341  N  ND2 . ASN A 1 45  ? -4.453  -1.021  13.192  1.00 8.96  ? 45  ASN A ND2 1 
ATOM   342  N  N   . PRO A 1 46  ? -4.506  -5.725  13.275  1.00 12.27 ? 46  PRO A N   1 
ATOM   343  C  CA  . PRO A 1 46  ? -5.493  -6.793  13.432  1.00 13.25 ? 46  PRO A CA  1 
ATOM   344  C  C   . PRO A 1 46  ? -6.799  -6.493  12.698  1.00 11.73 ? 46  PRO A C   1 
ATOM   345  O  O   . PRO A 1 46  ? -7.360  -7.372  12.050  1.00 12.87 ? 46  PRO A O   1 
ATOM   346  C  CB  . PRO A 1 46  ? -5.672  -6.859  14.946  1.00 13.96 ? 46  PRO A CB  1 
ATOM   347  C  CG  . PRO A 1 46  ? -4.288  -6.535  15.428  1.00 16.18 ? 46  PRO A CG  1 
ATOM   348  C  CD  . PRO A 1 46  ? -4.011  -5.304  14.601  1.00 14.05 ? 46  PRO A CD  1 
ATOM   349  N  N   . LYS A 1 47  ? -7.276  -5.255  12.799  1.00 10.49 ? 47  LYS A N   1 
ATOM   350  C  CA  . LYS A 1 47  ? -8.517  -4.876  12.130  1.00 11.76 ? 47  LYS A CA  1 
ATOM   351  C  C   . LYS A 1 47  ? -8.370  -4.839  10.612  1.00 12.46 ? 47  LYS A C   1 
ATOM   352  O  O   . LYS A 1 47  ? -9.343  -5.061  9.889   1.00 12.07 ? 47  LYS A O   1 
ATOM   353  C  CB  . LYS A 1 47  ? -9.024  -3.526  12.645  1.00 10.72 ? 47  LYS A CB  1 
ATOM   354  C  CG  . LYS A 1 47  ? -9.543  -3.580  14.077  1.00 14.61 ? 47  LYS A CG  1 
ATOM   355  C  CD  . LYS A 1 47  ? -10.168 -2.254  14.483  1.00 16.85 ? 47  LYS A CD  1 
ATOM   356  C  CE  . LYS A 1 47  ? -10.846 -2.338  15.847  1.00 21.29 ? 47  LYS A CE  1 
ATOM   357  N  NZ  . LYS A 1 47  ? -9.890  -2.638  16.945  1.00 19.67 ? 47  LYS A NZ  1 
ATOM   358  N  N   . ALA A 1 48  ? -7.158  -4.560  10.137  1.00 12.32 ? 48  ALA A N   1 
ATOM   359  C  CA  . ALA A 1 48  ? -6.894  -4.526  8.702   1.00 12.10 ? 48  ALA A CA  1 
ATOM   360  C  C   . ALA A 1 48  ? -6.998  -5.962  8.201   1.00 12.40 ? 48  ALA A C   1 
ATOM   361  O  O   . ALA A 1 48  ? -7.557  -6.222  7.137   1.00 13.73 ? 48  ALA A O   1 
ATOM   362  C  CB  . ALA A 1 48  ? -5.499  -3.965  8.435   1.00 14.61 ? 48  ALA A CB  1 
ATOM   363  N  N   . ILE A 1 49  ? -6.464  -6.897  8.982   1.00 14.06 ? 49  ILE A N   1 
ATOM   364  C  CA  . ILE A 1 49  ? -6.524  -8.309  8.616   1.00 12.85 ? 49  ILE A CA  1 
ATOM   365  C  C   . ILE A 1 49  ? -7.977  -8.790  8.553   1.00 15.25 ? 49  ILE A C   1 
ATOM   366  O  O   . ILE A 1 49  ? -8.362  -9.476  7.611   1.00 15.49 ? 49  ILE A O   1 
ATOM   367  C  CB  . ILE A 1 49  ? -5.734  -9.178  9.615   1.00 16.52 ? 49  ILE A CB  1 
ATOM   368  C  CG1 . ILE A 1 49  ? -4.245  -8.821  9.529   1.00 16.98 ? 49  ILE A CG1 1 
ATOM   369  C  CG2 . ILE A 1 49  ? -5.951  -10.664 9.316   1.00 13.62 ? 49  ILE A CG2 1 
ATOM   370  C  CD1 . ILE A 1 49  ? -3.364  -9.586  10.498  1.00 16.33 ? 49  ILE A CD1 1 
ATOM   371  N  N   . GLU A 1 50  ? -8.782  -8.423  9.546   1.00 13.34 ? 50  GLU A N   1 
ATOM   372  C  CA  . GLU A 1 50  ? -10.187 -8.827  9.555   1.00 15.82 ? 50  GLU A CA  1 
ATOM   373  C  C   . GLU A 1 50  ? -10.940 -8.191  8.383   1.00 15.34 ? 50  GLU A C   1 
ATOM   374  O  O   . GLU A 1 50  ? -11.750 -8.847  7.729   1.00 14.10 ? 50  GLU A O   1 
ATOM   375  C  CB  . GLU A 1 50  ? -10.847 -8.427  10.879  1.00 20.73 ? 50  GLU A CB  1 
ATOM   376  C  CG  . GLU A 1 50  ? -10.303 -9.167  12.101  1.00 27.31 ? 50  GLU A CG  1 
ATOM   377  C  CD  . GLU A 1 50  ? -10.832 -10.584 12.221  1.00 33.31 ? 50  GLU A CD  1 
ATOM   378  O  OE1 . GLU A 1 50  ? -10.017 -11.521 12.366  1.00 39.87 ? 50  GLU A OE1 1 
ATOM   379  O  OE2 . GLU A 1 50  ? -12.069 -10.760 12.185  1.00 35.48 ? 50  GLU A OE2 1 
ATOM   380  N  N   . ALA A 1 51  ? -10.662 -6.920  8.106   1.00 12.51 ? 51  ALA A N   1 
ATOM   381  C  CA  . ALA A 1 51  ? -11.331 -6.229  7.003   1.00 13.14 ? 51  ALA A CA  1 
ATOM   382  C  C   . ALA A 1 51  ? -11.050 -6.908  5.663   1.00 12.98 ? 51  ALA A C   1 
ATOM   383  O  O   . ALA A 1 51  ? -11.937 -7.026  4.821   1.00 11.38 ? 51  ALA A O   1 
ATOM   384  C  CB  . ALA A 1 51  ? -10.892 -4.777  6.946   1.00 13.47 ? 51  ALA A CB  1 
ATOM   385  N  N   . MET A 1 52  ? -9.810  -7.338  5.459   1.00 13.00 ? 52  MET A N   1 
ATOM   386  C  CA  . MET A 1 52  ? -9.458  -8.002  4.211   1.00 13.47 ? 52  MET A CA  1 
ATOM   387  C  C   . MET A 1 52  ? -10.013 -9.422  4.167   1.00 15.28 ? 52  MET A C   1 
ATOM   388  O  O   . MET A 1 52  ? -10.402 -9.908  3.108   1.00 16.76 ? 52  MET A O   1 
ATOM   389  C  CB  . MET A 1 52  ? -7.935  -8.016  4.025   1.00 15.18 ? 52  MET A CB  1 
ATOM   390  C  CG  . MET A 1 52  ? -7.334  -6.616  3.944   1.00 13.28 ? 52  MET A CG  1 
ATOM   391  S  SD  . MET A 1 52  ? -8.003  -5.645  2.574   1.00 14.64 ? 52  MET A SD  1 
ATOM   392  C  CE  . MET A 1 52  ? -7.367  -6.554  1.161   1.00 12.26 ? 52  MET A CE  1 
ATOM   393  N  N   . LYS A 1 53  ? -10.061 -10.087 5.315   1.00 15.22 ? 53  LYS A N   1 
ATOM   394  C  CA  . LYS A 1 53  ? -10.586 -11.446 5.359   1.00 17.38 ? 53  LYS A CA  1 
ATOM   395  C  C   . LYS A 1 53  ? -12.063 -11.418 4.971   1.00 16.45 ? 53  LYS A C   1 
ATOM   396  O  O   . LYS A 1 53  ? -12.588 -12.351 4.364   1.00 15.60 ? 53  LYS A O   1 
ATOM   397  C  CB  . LYS A 1 53  ? -10.405 -12.032 6.762   1.00 21.59 ? 53  LYS A CB  1 
ATOM   398  C  CG  . LYS A 1 53  ? -10.897 -13.460 6.906   1.00 28.93 ? 53  LYS A CG  1 
ATOM   399  C  CD  . LYS A 1 53  ? -10.314 -14.133 8.143   1.00 30.67 ? 53  LYS A CD  1 
ATOM   400  C  CE  . LYS A 1 53  ? -10.689 -13.417 9.424   1.00 32.76 ? 53  LYS A CE  1 
ATOM   401  N  NZ  . LYS A 1 53  ? -10.055 -14.069 10.607  1.00 32.18 ? 53  LYS A NZ  1 
ATOM   402  N  N   . GLU A 1 54  ? -12.711 -10.310 5.300   1.00 16.11 ? 54  GLU A N   1 
ATOM   403  C  CA  . GLU A 1 54  ? -14.121 -10.112 5.018   1.00 16.29 ? 54  GLU A CA  1 
ATOM   404  C  C   . GLU A 1 54  ? -14.389 -10.105 3.508   1.00 17.62 ? 54  GLU A C   1 
ATOM   405  O  O   . GLU A 1 54  ? -15.471 -10.493 3.057   1.00 16.88 ? 54  GLU A O   1 
ATOM   406  C  CB  . GLU A 1 54  ? -14.557 -8.798  5.668   1.00 18.86 ? 54  GLU A CB  1 
ATOM   407  C  CG  . GLU A 1 54  ? -16.031 -8.636  5.862   1.00 23.71 ? 54  GLU A CG  1 
ATOM   408  C  CD  . GLU A 1 54  ? -16.343 -7.487  6.790   1.00 21.81 ? 54  GLU A CD  1 
ATOM   409  O  OE1 . GLU A 1 54  ? -15.946 -6.347  6.478   1.00 22.98 ? 54  GLU A OE1 1 
ATOM   410  O  OE2 . GLU A 1 54  ? -16.979 -7.725  7.835   1.00 25.21 ? 54  GLU A OE2 1 
ATOM   411  N  N   . VAL A 1 55  ? -13.396 -9.672  2.734   1.00 16.42 ? 55  VAL A N   1 
ATOM   412  C  CA  . VAL A 1 55  ? -13.524 -9.627  1.284   1.00 18.25 ? 55  VAL A CA  1 
ATOM   413  C  C   . VAL A 1 55  ? -12.716 -10.739 0.619   1.00 19.33 ? 55  VAL A C   1 
ATOM   414  O  O   . VAL A 1 55  ? -12.312 -10.630 -0.540  1.00 21.23 ? 55  VAL A O   1 
ATOM   415  C  CB  . VAL A 1 55  ? -13.091 -8.253  0.719   1.00 19.01 ? 55  VAL A CB  1 
ATOM   416  C  CG1 . VAL A 1 55  ? -14.045 -7.174  1.205   1.00 15.54 ? 55  VAL A CG1 1 
ATOM   417  C  CG2 . VAL A 1 55  ? -11.674 -7.931  1.148   1.00 18.21 ? 55  VAL A CG2 1 
ATOM   418  N  N   . ASP A 1 56  ? -12.483 -11.804 1.378   1.00 20.26 ? 56  ASP A N   1 
ATOM   419  C  CA  . ASP A 1 56  ? -11.763 -12.981 0.906   1.00 22.63 ? 56  ASP A CA  1 
ATOM   420  C  C   . ASP A 1 56  ? -10.317 -12.783 0.459   1.00 22.76 ? 56  ASP A C   1 
ATOM   421  O  O   . ASP A 1 56  ? -9.868  -13.410 -0.503  1.00 20.17 ? 56  ASP A O   1 
ATOM   422  C  CB  . ASP A 1 56  ? -12.562 -13.652 -0.216  1.00 27.47 ? 56  ASP A CB  1 
ATOM   423  C  CG  . ASP A 1 56  ? -13.910 -14.156 0.260   1.00 34.92 ? 56  ASP A CG  1 
ATOM   424  O  OD1 . ASP A 1 56  ? -13.929 -15.007 1.176   1.00 39.66 ? 56  ASP A OD1 1 
ATOM   425  O  OD2 . ASP A 1 56  ? -14.947 -13.699 -0.271  1.00 39.35 ? 56  ASP A OD2 1 
ATOM   426  N  N   . ILE A 1 57  ? -9.592  -11.914 1.156   1.00 19.85 ? 57  ILE A N   1 
ATOM   427  C  CA  . ILE A 1 57  ? -8.186  -11.681 0.845   1.00 20.35 ? 57  ILE A CA  1 
ATOM   428  C  C   . ILE A 1 57  ? -7.390  -11.885 2.125   1.00 20.13 ? 57  ILE A C   1 
ATOM   429  O  O   . ILE A 1 57  ? -7.677  -11.276 3.155   1.00 18.16 ? 57  ILE A O   1 
ATOM   430  C  CB  . ILE A 1 57  ? -7.948  -10.261 0.290   1.00 20.20 ? 57  ILE A CB  1 
ATOM   431  C  CG1 . ILE A 1 57  ? -8.709  -10.097 -1.026  1.00 24.62 ? 57  ILE A CG1 1 
ATOM   432  C  CG2 . ILE A 1 57  ? -6.458  -10.033 0.051   1.00 21.80 ? 57  ILE A CG2 1 
ATOM   433  C  CD1 . ILE A 1 57  ? -8.479  -8.776  -1.703  1.00 25.90 ? 57  ILE A CD1 1 
ATOM   434  N  N   . ASP A 1 58  ? -6.389  -12.752 2.054   1.00 19.93 ? 58  ASP A N   1 
ATOM   435  C  CA  . ASP A 1 58  ? -5.575  -13.074 3.217   1.00 19.36 ? 58  ASP A CA  1 
ATOM   436  C  C   . ASP A 1 58  ? -4.296  -12.250 3.267   1.00 18.30 ? 58  ASP A C   1 
ATOM   437  O  O   . ASP A 1 58  ? -3.404  -12.444 2.443   1.00 16.84 ? 58  ASP A O   1 
ATOM   438  C  CB  . ASP A 1 58  ? -5.193  -14.555 3.181   1.00 23.81 ? 58  ASP A CB  1 
ATOM   439  C  CG  . ASP A 1 58  ? -4.672  -15.056 4.510   1.00 25.20 ? 58  ASP A CG  1 
ATOM   440  O  OD1 . ASP A 1 58  ? -3.975  -14.292 5.211   1.00 26.40 ? 58  ASP A OD1 1 
ATOM   441  O  OD2 . ASP A 1 58  ? -4.945  -16.227 4.848   1.00 34.48 ? 58  ASP A OD2 1 
ATOM   442  N  N   . ILE A 1 59  ? -4.196  -11.333 4.223   1.00 16.21 ? 59  ILE A N   1 
ATOM   443  C  CA  . ILE A 1 59  ? -2.973  -10.556 4.344   1.00 18.33 ? 59  ILE A CA  1 
ATOM   444  C  C   . ILE A 1 59  ? -2.297  -10.923 5.661   1.00 18.98 ? 59  ILE A C   1 
ATOM   445  O  O   . ILE A 1 59  ? -1.356  -10.258 6.089   1.00 18.22 ? 59  ILE A O   1 
ATOM   446  C  CB  . ILE A 1 59  ? -3.223  -9.022  4.321   1.00 15.71 ? 59  ILE A CB  1 
ATOM   447  C  CG1 . ILE A 1 59  ? -4.002  -8.584  5.566   1.00 14.52 ? 59  ILE A CG1 1 
ATOM   448  C  CG2 . ILE A 1 59  ? -3.974  -8.640  3.046   1.00 16.37 ? 59  ILE A CG2 1 
ATOM   449  C  CD1 . ILE A 1 59  ? -4.057  -7.062  5.744   1.00 10.82 ? 59  ILE A CD1 1 
ATOM   450  N  N   . SER A 1 60  ? -2.769  -11.995 6.293   1.00 19.67 ? 60  SER A N   1 
ATOM   451  C  CA  . SER A 1 60  ? -2.209  -12.418 7.573   1.00 22.13 ? 60  SER A CA  1 
ATOM   452  C  C   . SER A 1 60  ? -0.767  -12.901 7.463   1.00 21.05 ? 60  SER A C   1 
ATOM   453  O  O   . SER A 1 60  ? -0.082  -13.032 8.475   1.00 21.81 ? 60  SER A O   1 
ATOM   454  C  CB  . SER A 1 60  ? -3.061  -13.522 8.210   1.00 23.02 ? 60  SER A CB  1 
ATOM   455  O  OG  . SER A 1 60  ? -3.010  -14.721 7.460   1.00 27.31 ? 60  SER A OG  1 
ATOM   456  N  N   . ASN A 1 61  ? -0.301  -13.164 6.246   1.00 19.85 ? 61  ASN A N   1 
ATOM   457  C  CA  . ASN A 1 61  ? 1.073   -13.621 6.089   1.00 19.90 ? 61  ASN A CA  1 
ATOM   458  C  C   . ASN A 1 61  ? 1.991   -12.498 5.612   1.00 18.81 ? 61  ASN A C   1 
ATOM   459  O  O   . ASN A 1 61  ? 3.163   -12.732 5.323   1.00 18.51 ? 61  ASN A O   1 
ATOM   460  C  CB  . ASN A 1 61  ? 1.163   -14.797 5.112   1.00 22.19 ? 61  ASN A CB  1 
ATOM   461  C  CG  . ASN A 1 61  ? 2.043   -15.922 5.643   1.00 27.70 ? 61  ASN A CG  1 
ATOM   462  O  OD1 . ASN A 1 61  ? 2.708   -16.628 4.879   1.00 26.13 ? 61  ASN A OD1 1 
ATOM   463  N  ND2 . ASN A 1 61  ? 2.024   -16.112 6.959   1.00 22.31 ? 61  ASN A ND2 1 
ATOM   464  N  N   . HIS A 1 62  ? 1.461   -11.280 5.522   1.00 16.26 ? 62  HIS A N   1 
ATOM   465  C  CA  . HIS A 1 62  ? 2.279   -10.143 5.108   1.00 15.65 ? 62  HIS A CA  1 
ATOM   466  C  C   . HIS A 1 62  ? 3.275   -9.803  6.207   1.00 15.74 ? 62  HIS A C   1 
ATOM   467  O  O   . HIS A 1 62  ? 3.088   -10.177 7.364   1.00 15.17 ? 62  HIS A O   1 
ATOM   468  C  CB  . HIS A 1 62  ? 1.435   -8.884  4.873   1.00 12.59 ? 62  HIS A CB  1 
ATOM   469  C  CG  . HIS A 1 62  ? 0.622   -8.897  3.613   1.00 12.28 ? 62  HIS A CG  1 
ATOM   470  N  ND1 . HIS A 1 62  ? -0.034  -7.782  3.154   1.00 13.66 ? 62  HIS A ND1 1 
ATOM   471  C  CD2 . HIS A 1 62  ? 0.354   -9.890  2.731   1.00 14.82 ? 62  HIS A CD2 1 
ATOM   472  C  CE1 . HIS A 1 62  ? -0.677  -8.078  2.036   1.00 11.53 ? 62  HIS A CE1 1 
ATOM   473  N  NE2 . HIS A 1 62  ? -0.459  -9.351  1.759   1.00 15.58 ? 62  HIS A NE2 1 
ATOM   474  N  N   . THR A 1 63  ? 4.330   -9.089  5.830   1.00 15.03 ? 63  THR A N   1 
ATOM   475  C  CA  . THR A 1 63  ? 5.333   -8.634  6.779   1.00 15.93 ? 63  THR A CA  1 
ATOM   476  C  C   . THR A 1 63  ? 5.197   -7.113  6.857   1.00 15.68 ? 63  THR A C   1 
ATOM   477  O  O   . THR A 1 63  ? 4.764   -6.472  5.896   1.00 14.24 ? 63  THR A O   1 
ATOM   478  C  CB  . THR A 1 63  ? 6.772   -9.000  6.328   1.00 17.21 ? 63  THR A CB  1 
ATOM   479  O  OG1 . THR A 1 63  ? 6.997   -8.542  4.989   1.00 17.07 ? 63  THR A OG1 1 
ATOM   480  C  CG2 . THR A 1 63  ? 6.985   -10.502 6.396   1.00 21.63 ? 63  THR A CG2 1 
ATOM   481  N  N   . SER A 1 64  ? 5.532   -6.546  8.012   1.00 14.93 ? 64  SER A N   1 
ATOM   482  C  CA  . SER A 1 64  ? 5.464   -5.101  8.217   1.00 14.32 ? 64  SER A CA  1 
ATOM   483  C  C   . SER A 1 64  ? 6.900   -4.649  7.998   1.00 14.59 ? 64  SER A C   1 
ATOM   484  O  O   . SER A 1 64  ? 7.787   -4.950  8.803   1.00 15.23 ? 64  SER A O   1 
ATOM   485  C  CB  . SER A 1 64  ? 5.000   -4.793  9.642   1.00 14.06 ? 64  SER A CB  1 
ATOM   486  O  OG  . SER A 1 64  ? 4.758   -3.410  9.807   1.00 13.58 ? 64  SER A OG  1 
ATOM   487  N  N   . ASP A 1 65  ? 7.126   -3.924  6.907   1.00 13.45 ? 65  ASP A N   1 
ATOM   488  C  CA  . ASP A 1 65  ? 8.476   -3.526  6.527   1.00 13.71 ? 65  ASP A CA  1 
ATOM   489  C  C   . ASP A 1 65  ? 8.798   -2.045  6.442   1.00 15.01 ? 65  ASP A C   1 
ATOM   490  O  O   . ASP A 1 65  ? 7.920   -1.212  6.235   1.00 15.03 ? 65  ASP A O   1 
ATOM   491  C  CB  . ASP A 1 65  ? 8.794   -4.156  5.174   1.00 13.60 ? 65  ASP A CB  1 
ATOM   492  C  CG  . ASP A 1 65  ? 8.464   -5.631  5.133   1.00 15.20 ? 65  ASP A CG  1 
ATOM   493  O  OD1 . ASP A 1 65  ? 9.020   -6.389  5.953   1.00 20.27 ? 65  ASP A OD1 1 
ATOM   494  O  OD2 . ASP A 1 65  ? 7.644   -6.030  4.285   1.00 17.25 ? 65  ASP A OD2 1 
ATOM   495  N  N   . LEU A 1 66  ? 10.082  -1.735  6.590   1.00 13.55 ? 66  LEU A N   1 
ATOM   496  C  CA  . LEU A 1 66  ? 10.564  -0.369  6.485   1.00 14.91 ? 66  LEU A CA  1 
ATOM   497  C  C   . LEU A 1 66  ? 10.895  -0.122  5.019   1.00 13.77 ? 66  LEU A C   1 
ATOM   498  O  O   . LEU A 1 66  ? 11.051  -1.066  4.241   1.00 14.68 ? 66  LEU A O   1 
ATOM   499  C  CB  . LEU A 1 66  ? 11.819  -0.177  7.335   1.00 12.73 ? 66  LEU A CB  1 
ATOM   500  C  CG  . LEU A 1 66  ? 11.633  -0.328  8.844   1.00 13.20 ? 66  LEU A CG  1 
ATOM   501  C  CD1 . LEU A 1 66  ? 12.987  -0.319  9.523   1.00 16.49 ? 66  LEU A CD1 1 
ATOM   502  C  CD2 . LEU A 1 66  ? 10.756  0.806   9.374   1.00 13.68 ? 66  LEU A CD2 1 
ATOM   503  N  N   . ILE A 1 67  ? 10.999  1.148   4.645   1.00 14.96 ? 67  ILE A N   1 
ATOM   504  C  CA  . ILE A 1 67  ? 11.307  1.518   3.268   1.00 15.36 ? 67  ILE A CA  1 
ATOM   505  C  C   . ILE A 1 67  ? 12.702  1.027   2.863   1.00 16.85 ? 67  ILE A C   1 
ATOM   506  O  O   . ILE A 1 67  ? 13.718  1.445   3.429   1.00 16.25 ? 67  ILE A O   1 
ATOM   507  C  CB  . ILE A 1 67  ? 11.210  3.049   3.095   1.00 14.83 ? 67  ILE A CB  1 
ATOM   508  C  CG1 . ILE A 1 67  ? 9.803   3.513   3.484   1.00 15.24 ? 67  ILE A CG1 1 
ATOM   509  C  CG2 . ILE A 1 67  ? 11.511  3.439   1.655   1.00 15.04 ? 67  ILE A CG2 1 
ATOM   510  C  CD1 . ILE A 1 67  ? 9.633   5.028   3.530   1.00 16.03 ? 67  ILE A CD1 1 
ATOM   511  N  N   . ASP A 1 68  ? 12.730  0.133   1.880   1.00 15.33 ? 68  ASP A N   1 
ATOM   512  C  CA  . ASP A 1 68  ? 13.968  -0.451  1.378   1.00 16.26 ? 68  ASP A CA  1 
ATOM   513  C  C   . ASP A 1 68  ? 14.398  0.292   0.114   1.00 16.47 ? 68  ASP A C   1 
ATOM   514  O  O   . ASP A 1 68  ? 13.761  0.174   -0.928  1.00 17.33 ? 68  ASP A O   1 
ATOM   515  C  CB  . ASP A 1 68  ? 13.742  -1.924  1.037   1.00 15.57 ? 68  ASP A CB  1 
ATOM   516  C  CG  . ASP A 1 68  ? 15.023  -2.640  0.668   1.00 22.48 ? 68  ASP A CG  1 
ATOM   517  O  OD1 . ASP A 1 68  ? 15.883  -2.022  0.009   1.00 23.95 ? 68  ASP A OD1 1 
ATOM   518  O  OD2 . ASP A 1 68  ? 15.160  -3.830  1.016   1.00 22.99 ? 68  ASP A OD2 1 
ATOM   519  N  N   . ASN A 1 69  ? 15.487  1.043   0.211   1.00 19.06 ? 69  ASN A N   1 
ATOM   520  C  CA  . ASN A 1 69  ? 15.981  1.811   -0.922  1.00 19.55 ? 69  ASN A CA  1 
ATOM   521  C  C   . ASN A 1 69  ? 16.296  0.944   -2.141  1.00 21.56 ? 69  ASN A C   1 
ATOM   522  O  O   . ASN A 1 69  ? 16.258  1.421   -3.274  1.00 19.58 ? 69  ASN A O   1 
ATOM   523  C  CB  . ASN A 1 69  ? 17.210  2.623   -0.495  1.00 23.66 ? 69  ASN A CB  1 
ATOM   524  C  CG  . ASN A 1 69  ? 17.779  3.458   -1.623  1.00 29.54 ? 69  ASN A CG  1 
ATOM   525  O  OD1 . ASN A 1 69  ? 18.568  2.975   -2.433  1.00 32.84 ? 69  ASN A OD1 1 
ATOM   526  N  ND2 . ASN A 1 69  ? 17.362  4.716   -1.693  1.00 35.22 ? 69  ASN A ND2 1 
ATOM   527  N  N   . ASP A 1 70  ? 16.598  -0.330  -1.914  1.00 19.39 ? 70  ASP A N   1 
ATOM   528  C  CA  . ASP A 1 70  ? 16.900  -1.228  -3.022  1.00 19.36 ? 70  ASP A CA  1 
ATOM   529  C  C   . ASP A 1 70  ? 15.642  -1.455  -3.859  1.00 19.40 ? 70  ASP A C   1 
ATOM   530  O  O   . ASP A 1 70  ? 15.711  -1.587  -5.081  1.00 19.30 ? 70  ASP A O   1 
ATOM   531  C  CB  . ASP A 1 70  ? 17.422  -2.567  -2.495  1.00 23.52 ? 70  ASP A CB  1 
ATOM   532  N  N   . ILE A 1 71  ? 14.495  -1.500  -3.186  1.00 17.34 ? 71  ILE A N   1 
ATOM   533  C  CA  . ILE A 1 71  ? 13.211  -1.702  -3.848  1.00 16.01 ? 71  ILE A CA  1 
ATOM   534  C  C   . ILE A 1 71  ? 12.732  -0.379  -4.447  1.00 14.58 ? 71  ILE A C   1 
ATOM   535  O  O   . ILE A 1 71  ? 12.200  -0.339  -5.558  1.00 16.32 ? 71  ILE A O   1 
ATOM   536  C  CB  . ILE A 1 71  ? 12.153  -2.218  -2.842  1.00 16.39 ? 71  ILE A CB  1 
ATOM   537  C  CG1 . ILE A 1 71  ? 12.584  -3.583  -2.299  1.00 20.25 ? 71  ILE A CG1 1 
ATOM   538  C  CG2 . ILE A 1 71  ? 10.785  -2.303  -3.509  1.00 15.45 ? 71  ILE A CG2 1 
ATOM   539  C  CD1 . ILE A 1 71  ? 11.638  -4.160  -1.265  1.00 20.86 ? 71  ILE A CD1 1 
ATOM   540  N  N   . LEU A 1 72  ? 12.928  0.699   -3.699  1.00 14.16 ? 72  LEU A N   1 
ATOM   541  C  CA  . LEU A 1 72  ? 12.528  2.028   -4.140  1.00 15.49 ? 72  LEU A CA  1 
ATOM   542  C  C   . LEU A 1 72  ? 13.225  2.364   -5.462  1.00 17.39 ? 72  LEU A C   1 
ATOM   543  O  O   . LEU A 1 72  ? 12.588  2.828   -6.410  1.00 19.32 ? 72  LEU A O   1 
ATOM   544  C  CB  . LEU A 1 72  ? 12.883  3.057   -3.056  1.00 18.16 ? 72  LEU A CB  1 
ATOM   545  C  CG  . LEU A 1 72  ? 12.454  4.515   -3.241  1.00 23.36 ? 72  LEU A CG  1 
ATOM   546  C  CD1 . LEU A 1 72  ? 10.939  4.597   -3.383  1.00 23.41 ? 72  LEU A CD1 1 
ATOM   547  C  CD2 . LEU A 1 72  ? 12.916  5.334   -2.039  1.00 24.69 ? 72  LEU A CD2 1 
ATOM   548  N  N   . LYS A 1 73  ? 14.527  2.099   -5.528  1.00 17.10 ? 73  LYS A N   1 
ATOM   549  C  CA  . LYS A 1 73  ? 15.313  2.371   -6.731  1.00 17.48 ? 73  LYS A CA  1 
ATOM   550  C  C   . LYS A 1 73  ? 14.827  1.559   -7.929  1.00 18.79 ? 73  LYS A C   1 
ATOM   551  O  O   . LYS A 1 73  ? 14.976  1.981   -9.074  1.00 19.97 ? 73  LYS A O   1 
ATOM   552  C  CB  . LYS A 1 73  ? 16.796  2.061   -6.473  1.00 20.00 ? 73  LYS A CB  1 
ATOM   553  N  N   . GLN A 1 74  ? 14.240  0.398   -7.658  1.00 18.49 ? 74  GLN A N   1 
ATOM   554  C  CA  . GLN A 1 74  ? 13.746  -0.474  -8.717  1.00 19.62 ? 74  GLN A CA  1 
ATOM   555  C  C   . GLN A 1 74  ? 12.244  -0.388  -8.933  1.00 18.99 ? 74  GLN A C   1 
ATOM   556  O  O   . GLN A 1 74  ? 11.654  -1.243  -9.596  1.00 19.87 ? 74  GLN A O   1 
ATOM   557  C  CB  . GLN A 1 74  ? 14.134  -1.920  -8.419  1.00 21.07 ? 74  GLN A CB  1 
ATOM   558  C  CG  . GLN A 1 74  ? 15.630  -2.165  -8.472  1.00 25.56 ? 74  GLN A CG  1 
ATOM   559  C  CD  . GLN A 1 74  ? 15.990  -3.603  -8.180  1.00 33.71 ? 74  GLN A CD  1 
ATOM   560  O  OE1 . GLN A 1 74  ? 15.856  -4.071  -7.048  1.00 31.66 ? 74  GLN A OE1 1 
ATOM   561  N  NE2 . GLN A 1 74  ? 16.437  -4.319  -9.204  1.00 35.47 ? 74  GLN A NE2 1 
ATOM   562  N  N   . SER A 1 75  ? 11.627  0.644   -8.374  1.00 18.82 ? 75  SER A N   1 
ATOM   563  C  CA  . SER A 1 75  ? 10.190  0.828   -8.521  1.00 19.43 ? 75  SER A CA  1 
ATOM   564  C  C   . SER A 1 75  ? 9.868   1.692   -9.730  1.00 19.87 ? 75  SER A C   1 
ATOM   565  O  O   . SER A 1 75  ? 10.548  2.679   -10.008 1.00 19.59 ? 75  SER A O   1 
ATOM   566  C  CB  . SER A 1 75  ? 9.603   1.484   -7.268  1.00 18.59 ? 75  SER A CB  1 
ATOM   567  O  OG  . SER A 1 75  ? 9.806   0.674   -6.126  1.00 16.56 ? 75  SER A OG  1 
ATOM   568  N  N   . ASP A 1 76  ? 8.833   1.297   -10.457 1.00 17.93 ? 76  ASP A N   1 
ATOM   569  C  CA  . ASP A 1 76  ? 8.382   2.051   -11.610 1.00 18.00 ? 76  ASP A CA  1 
ATOM   570  C  C   . ASP A 1 76  ? 7.448   3.119   -11.064 1.00 17.24 ? 76  ASP A C   1 
ATOM   571  O  O   . ASP A 1 76  ? 7.421   4.251   -11.546 1.00 13.84 ? 76  ASP A O   1 
ATOM   572  C  CB  . ASP A 1 76  ? 7.635   1.131   -12.568 1.00 19.84 ? 76  ASP A CB  1 
ATOM   573  C  CG  . ASP A 1 76  ? 8.552   0.135   -13.238 1.00 20.46 ? 76  ASP A CG  1 
ATOM   574  O  OD1 . ASP A 1 76  ? 9.322   0.557   -14.126 1.00 23.63 ? 76  ASP A OD1 1 
ATOM   575  O  OD2 . ASP A 1 76  ? 8.520   -1.056  -12.867 1.00 16.61 ? 76  ASP A OD2 1 
ATOM   576  N  N   . LEU A 1 77  ? 6.690   2.749   -10.039 1.00 15.57 ? 77  LEU A N   1 
ATOM   577  C  CA  . LEU A 1 77  ? 5.758   3.687   -9.433  1.00 15.61 ? 77  LEU A CA  1 
ATOM   578  C  C   . LEU A 1 77  ? 5.752   3.557   -7.915  1.00 14.64 ? 77  LEU A C   1 
ATOM   579  O  O   . LEU A 1 77  ? 5.645   2.456   -7.370  1.00 14.45 ? 77  LEU A O   1 
ATOM   580  C  CB  . LEU A 1 77  ? 4.337   3.439   -9.955  1.00 18.07 ? 77  LEU A CB  1 
ATOM   581  C  CG  . LEU A 1 77  ? 3.314   4.589   -9.917  1.00 25.72 ? 77  LEU A CG  1 
ATOM   582  C  CD1 . LEU A 1 77  ? 1.923   4.011   -10.147 1.00 21.59 ? 77  LEU A CD1 1 
ATOM   583  C  CD2 . LEU A 1 77  ? 3.340   5.320   -8.597  1.00 29.71 ? 77  LEU A CD2 1 
ATOM   584  N  N   . VAL A 1 78  ? 5.882   4.693   -7.242  1.00 13.45 ? 78  VAL A N   1 
ATOM   585  C  CA  . VAL A 1 78  ? 5.829   4.738   -5.791  1.00 12.90 ? 78  VAL A CA  1 
ATOM   586  C  C   . VAL A 1 78  ? 4.532   5.471   -5.483  1.00 12.74 ? 78  VAL A C   1 
ATOM   587  O  O   . VAL A 1 78  ? 4.296   6.553   -6.012  1.00 11.82 ? 78  VAL A O   1 
ATOM   588  C  CB  . VAL A 1 78  ? 6.989   5.548   -5.182  1.00 15.96 ? 78  VAL A CB  1 
ATOM   589  C  CG1 . VAL A 1 78  ? 6.784   5.694   -3.678  1.00 17.76 ? 78  VAL A CG1 1 
ATOM   590  C  CG2 . VAL A 1 78  ? 8.318   4.855   -5.468  1.00 13.59 ? 78  VAL A CG2 1 
ATOM   591  N  N   . VAL A 1 79  ? 3.689   4.873   -4.649  1.00 10.65 ? 79  VAL A N   1 
ATOM   592  C  CA  . VAL A 1 79  ? 2.427   5.499   -4.270  1.00 12.92 ? 79  VAL A CA  1 
ATOM   593  C  C   . VAL A 1 79  ? 2.458   5.770   -2.769  1.00 13.26 ? 79  VAL A C   1 
ATOM   594  O  O   . VAL A 1 79  ? 2.573   4.838   -1.974  1.00 13.11 ? 79  VAL A O   1 
ATOM   595  C  CB  . VAL A 1 79  ? 1.212   4.584   -4.559  1.00 13.49 ? 79  VAL A CB  1 
ATOM   596  C  CG1 . VAL A 1 79  ? -0.074  5.264   -4.080  1.00 12.92 ? 79  VAL A CG1 1 
ATOM   597  C  CG2 . VAL A 1 79  ? 1.120   4.275   -6.047  1.00 14.19 ? 79  VAL A CG2 1 
ATOM   598  N  N   . THR A 1 80  ? 2.379   7.041   -2.390  1.00 11.78 ? 80  THR A N   1 
ATOM   599  C  CA  . THR A 1 80  ? 2.372   7.419   -0.983  1.00 11.95 ? 80  THR A CA  1 
ATOM   600  C  C   . THR A 1 80  ? 0.905   7.463   -0.560  1.00 14.06 ? 80  THR A C   1 
ATOM   601  O  O   . THR A 1 80  ? 0.066   8.042   -1.255  1.00 13.85 ? 80  THR A O   1 
ATOM   602  C  CB  . THR A 1 80  ? 3.038   8.792   -0.769  1.00 11.28 ? 80  THR A CB  1 
ATOM   603  O  OG1 . THR A 1 80  ? 2.463   9.750   -1.666  1.00 13.43 ? 80  THR A OG1 1 
ATOM   604  C  CG2 . THR A 1 80  ? 4.543   8.698   -1.018  1.00 12.00 ? 80  THR A CG2 1 
ATOM   605  N  N   . LEU A 1 81  ? 0.607   6.848   0.579   1.00 12.27 ? 81  LEU A N   1 
ATOM   606  C  CA  . LEU A 1 81  ? -0.764  6.753   1.066   1.00 13.37 ? 81  LEU A CA  1 
ATOM   607  C  C   . LEU A 1 81  ? -1.150  7.694   2.206   1.00 15.51 ? 81  LEU A C   1 
ATOM   608  O  O   . LEU A 1 81  ? -2.316  7.733   2.605   1.00 14.59 ? 81  LEU A O   1 
ATOM   609  C  CB  . LEU A 1 81  ? -1.041  5.305   1.480   1.00 13.66 ? 81  LEU A CB  1 
ATOM   610  C  CG  . LEU A 1 81  ? -0.797  4.251   0.396   1.00 11.85 ? 81  LEU A CG  1 
ATOM   611  C  CD1 . LEU A 1 81  ? -0.863  2.860   1.008   1.00 10.34 ? 81  LEU A CD1 1 
ATOM   612  C  CD2 . LEU A 1 81  ? -1.821  4.409   -0.728  1.00 13.33 ? 81  LEU A CD2 1 
ATOM   613  N  N   . SER A 1 82  ? -0.181  8.439   2.730   1.00 14.66 ? 82  SER A N   1 
ATOM   614  C  CA  . SER A 1 82  ? -0.440  9.386   3.815   1.00 15.34 ? 82  SER A CA  1 
ATOM   615  C  C   . SER A 1 82  ? 0.362   10.648  3.531   1.00 17.06 ? 82  SER A C   1 
ATOM   616  O  O   . SER A 1 82  ? 1.344   10.609  2.791   1.00 15.42 ? 82  SER A O   1 
ATOM   617  C  CB  . SER A 1 82  ? 0.009   8.812   5.166   1.00 17.57 ? 82  SER A CB  1 
ATOM   618  O  OG  . SER A 1 82  ? 1.426   8.677   5.228   1.00 16.14 ? 82  SER A OG  1 
ATOM   619  N  N   . SER A 1 83  ? -0.048  11.771  4.110   1.00 18.66 ? 83  SER A N   1 
ATOM   620  C  CA  . SER A 1 83  ? 0.673   13.020  3.907   1.00 20.01 ? 83  SER A CA  1 
ATOM   621  C  C   . SER A 1 83  ? 2.080   12.958  4.501   1.00 18.64 ? 83  SER A C   1 
ATOM   622  O  O   . SER A 1 83  ? 3.039   13.497  3.919   1.00 16.49 ? 83  SER A O   1 
ATOM   623  C  CB  . SER A 1 83  ? -0.103  14.190  4.512   1.00 24.41 ? 83  SER A CB  1 
ATOM   624  O  OG  . SER A 1 83  ? -1.351  14.366  3.856   1.00 28.87 ? 83  SER A OG  1 
ATOM   625  N  N   . ASP A 1 84  ? 2.211   12.301  5.660   1.00 19.62 ? 84  ASP A N   1 
ATOM   626  C  CA  . ASP A 1 84  ? 3.489   12.130  6.366   1.00 20.62 ? 84  ASP A CA  1 
ATOM   627  C  C   . ASP A 1 84  ? 4.524   11.447  5.445   1.00 20.67 ? 84  ASP A C   1 
ATOM   628  O  O   . ASP A 1 84  ? 5.668   11.883  5.345   1.00 20.74 ? 84  ASP A O   1 
ATOM   629  C  CB  . ASP A 1 84  ? 3.245   11.329  7.665   1.00 29.27 ? 84  ASP A CB  1 
ATOM   630  C  CG  . ASP A 1 84  ? 4.514   10.951  8.402   1.00 35.05 ? 84  ASP A CG  1 
ATOM   631  O  OD1 . ASP A 1 84  ? 5.339   11.852  8.658   1.00 39.47 ? 84  ASP A OD1 1 
ATOM   632  O  OD2 . ASP A 1 84  ? 4.664   9.773   8.767   1.00 40.91 ? 84  ASP A OD2 1 
ATOM   633  N  N   . ALA A 1 85  ? 4.095   10.396  4.761   1.00 17.73 ? 85  ALA A N   1 
ATOM   634  C  CA  . ALA A 1 85  ? 4.994   9.682   3.862   1.00 18.14 ? 85  ALA A CA  1 
ATOM   635  C  C   . ALA A 1 85  ? 5.347   10.546  2.650   1.00 18.29 ? 85  ALA A C   1 
ATOM   636  O  O   . ALA A 1 85  ? 6.503   10.616  2.234   1.00 16.73 ? 85  ALA A O   1 
ATOM   637  C  CB  . ALA A 1 85  ? 4.357   8.373   3.401   1.00 17.09 ? 85  ALA A CB  1 
ATOM   638  N  N   . ASP A 1 86  ? 4.343   11.216  2.095   1.00 17.17 ? 86  ASP A N   1 
ATOM   639  C  CA  . ASP A 1 86  ? 4.564   12.045  0.918   1.00 18.72 ? 86  ASP A CA  1 
ATOM   640  C  C   . ASP A 1 86  ? 5.461   13.256  1.198   1.00 18.60 ? 86  ASP A C   1 
ATOM   641  O  O   . ASP A 1 86  ? 6.337   13.583  0.393   1.00 16.55 ? 86  ASP A O   1 
ATOM   642  C  CB  . ASP A 1 86  ? 3.214   12.479  0.340   1.00 21.38 ? 86  ASP A CB  1 
ATOM   643  C  CG  . ASP A 1 86  ? 3.341   13.106  -1.035  1.00 28.53 ? 86  ASP A CG  1 
ATOM   644  O  OD1 . ASP A 1 86  ? 3.620   14.317  -1.125  1.00 29.71 ? 86  ASP A OD1 1 
ATOM   645  O  OD2 . ASP A 1 86  ? 3.183   12.375  -2.035  1.00 35.50 ? 86  ASP A OD2 1 
ATOM   646  N  N   . ASN A 1 87  ? 5.263   13.906  2.341   1.00 17.92 ? 87  ASN A N   1 
ATOM   647  C  CA  . ASN A 1 87  ? 6.065   15.075  2.683   1.00 16.87 ? 87  ASN A CA  1 
ATOM   648  C  C   . ASN A 1 87  ? 7.504   14.743  3.067   1.00 18.41 ? 87  ASN A C   1 
ATOM   649  O  O   . ASN A 1 87  ? 8.379   15.606  2.995   1.00 21.41 ? 87  ASN A O   1 
ATOM   650  C  CB  . ASN A 1 87  ? 5.409   15.868  3.814   1.00 17.76 ? 87  ASN A CB  1 
ATOM   651  C  CG  . ASN A 1 87  ? 4.045   16.399  3.431   1.00 18.20 ? 87  ASN A CG  1 
ATOM   652  O  OD1 . ASN A 1 87  ? 3.862   16.922  2.331   1.00 22.08 ? 87  ASN A OD1 1 
ATOM   653  N  ND2 . ASN A 1 87  ? 3.085   16.288  4.343   1.00 21.06 ? 87  ASN A ND2 1 
ATOM   654  N  N   . ASN A 1 88  ? 7.749   13.498  3.468   1.00 18.34 ? 88  ASN A N   1 
ATOM   655  C  CA  . ASN A 1 88  ? 9.090   13.069  3.859   1.00 19.93 ? 88  ASN A CA  1 
ATOM   656  C  C   . ASN A 1 88  ? 9.807   12.261  2.790   1.00 20.21 ? 88  ASN A C   1 
ATOM   657  O  O   . ASN A 1 88  ? 10.912  11.764  3.002   1.00 18.91 ? 88  ASN A O   1 
ATOM   658  C  CB  . ASN A 1 88  ? 9.022   12.275  5.160   1.00 19.53 ? 88  ASN A CB  1 
ATOM   659  C  CG  . ASN A 1 88  ? 8.911   13.173  6.369   1.00 21.71 ? 88  ASN A CG  1 
ATOM   660  O  OD1 . ASN A 1 88  ? 9.873   13.849  6.736   1.00 23.01 ? 88  ASN A OD1 1 
ATOM   661  N  ND2 . ASN A 1 88  ? 7.733   13.208  6.980   1.00 19.25 ? 88  ASN A ND2 1 
ATOM   662  N  N   . CYS A 1 89  ? 9.176   12.143  1.632   1.00 20.79 ? 89  CYS A N   1 
ATOM   663  C  CA  . CYS A 1 89  ? 9.765   11.404  0.531   1.00 22.12 ? 89  CYS A CA  1 
ATOM   664  C  C   . CYS A 1 89  ? 10.873  12.300  -0.040  1.00 20.77 ? 89  CYS A C   1 
ATOM   665  O  O   . CYS A 1 89  ? 10.637  13.460  -0.375  1.00 20.04 ? 89  CYS A O   1 
ATOM   666  C  CB  . CYS A 1 89  ? 8.665   11.093  -0.497  1.00 26.27 ? 89  CYS A CB  1 
ATOM   667  S  SG  . CYS A 1 89  ? 9.022   9.798   -1.728  1.00 38.28 ? 89  CYS A SG  1 
ATOM   668  N  N   . PRO A 1 90  ? 12.112  11.786  -0.113  1.00 21.91 ? 90  PRO A N   1 
ATOM   669  C  CA  . PRO A 1 90  ? 13.247  12.551  -0.639  1.00 21.15 ? 90  PRO A CA  1 
ATOM   670  C  C   . PRO A 1 90  ? 13.218  12.636  -2.162  1.00 19.58 ? 90  PRO A C   1 
ATOM   671  O  O   . PRO A 1 90  ? 12.319  12.090  -2.803  1.00 20.89 ? 90  PRO A O   1 
ATOM   672  C  CB  . PRO A 1 90  ? 14.457  11.731  -0.172  1.00 22.49 ? 90  PRO A CB  1 
ATOM   673  C  CG  . PRO A 1 90  ? 13.885  10.835  0.947   1.00 27.83 ? 90  PRO A CG  1 
ATOM   674  C  CD  . PRO A 1 90  ? 12.579  10.462  0.317   1.00 19.48 ? 90  PRO A CD  1 
ATOM   675  N  N   . ILE A 1 91  ? 14.207  13.320  -2.730  1.00 17.83 ? 91  ILE A N   1 
ATOM   676  C  CA  . ILE A 1 91  ? 14.319  13.401  -4.181  1.00 17.19 ? 91  ILE A CA  1 
ATOM   677  C  C   . ILE A 1 91  ? 14.519  11.943  -4.582  1.00 13.66 ? 91  ILE A C   1 
ATOM   678  O  O   . ILE A 1 91  ? 15.361  11.249  -4.011  1.00 16.06 ? 91  ILE A O   1 
ATOM   679  C  CB  . ILE A 1 91  ? 15.558  14.225  -4.621  1.00 17.83 ? 91  ILE A CB  1 
ATOM   680  C  CG1 . ILE A 1 91  ? 15.363  15.698  -4.259  1.00 20.31 ? 91  ILE A CG1 1 
ATOM   681  C  CG2 . ILE A 1 91  ? 15.783  14.080  -6.124  1.00 21.46 ? 91  ILE A CG2 1 
ATOM   682  C  CD1 . ILE A 1 91  ? 14.180  16.336  -4.945  1.00 18.42 ? 91  ILE A CD1 1 
ATOM   683  N  N   . LEU A 1 92  ? 13.733  11.474  -5.543  1.00 15.28 ? 92  LEU A N   1 
ATOM   684  C  CA  . LEU A 1 92  ? 13.824  10.089  -5.985  1.00 12.96 ? 92  LEU A CA  1 
ATOM   685  C  C   . LEU A 1 92  ? 14.694  9.943   -7.223  1.00 13.01 ? 92  LEU A C   1 
ATOM   686  O  O   . LEU A 1 92  ? 15.009  10.929  -7.892  1.00 15.08 ? 92  LEU A O   1 
ATOM   687  C  CB  . LEU A 1 92  ? 12.424  9.559   -6.297  1.00 17.63 ? 92  LEU A CB  1 
ATOM   688  C  CG  . LEU A 1 92  ? 11.414  9.566   -5.150  1.00 18.05 ? 92  LEU A CG  1 
ATOM   689  C  CD1 . LEU A 1 92  ? 10.062  9.100   -5.664  1.00 20.00 ? 92  LEU A CD1 1 
ATOM   690  C  CD2 . LEU A 1 92  ? 11.909  8.666   -4.031  1.00 19.64 ? 92  LEU A CD2 1 
ATOM   691  N  N   . PRO A 1 93  ? 15.124  8.707   -7.531  1.00 13.84 ? 93  PRO A N   1 
ATOM   692  C  CA  . PRO A 1 93  ? 15.952  8.502   -8.715  1.00 15.04 ? 93  PRO A CA  1 
ATOM   693  C  C   . PRO A 1 93  ? 15.134  8.952   -9.928  1.00 16.95 ? 93  PRO A C   1 
ATOM   694  O  O   . PRO A 1 93  ? 13.908  8.825   -9.941  1.00 15.33 ? 93  PRO A O   1 
ATOM   695  C  CB  . PRO A 1 93  ? 16.199  6.989   -8.687  1.00 14.53 ? 93  PRO A CB  1 
ATOM   696  C  CG  . PRO A 1 93  ? 16.205  6.699   -7.194  1.00 18.18 ? 93  PRO A CG  1 
ATOM   697  C  CD  . PRO A 1 93  ? 14.926  7.428   -6.829  1.00 17.08 ? 93  PRO A CD  1 
ATOM   698  N  N   . PRO A 1 94  ? 15.802  9.479   -10.962 1.00 15.63 ? 94  PRO A N   1 
ATOM   699  C  CA  . PRO A 1 94  ? 15.151  9.964   -12.181 1.00 19.16 ? 94  PRO A CA  1 
ATOM   700  C  C   . PRO A 1 94  ? 14.178  8.998   -12.864 1.00 19.18 ? 94  PRO A C   1 
ATOM   701  O  O   . PRO A 1 94  ? 13.213  9.430   -13.495 1.00 20.65 ? 94  PRO A O   1 
ATOM   702  C  CB  . PRO A 1 94  ? 16.344  10.313  -13.074 1.00 21.49 ? 94  PRO A CB  1 
ATOM   703  C  CG  . PRO A 1 94  ? 17.361  10.778  -12.067 1.00 21.50 ? 94  PRO A CG  1 
ATOM   704  C  CD  . PRO A 1 94  ? 17.262  9.631   -11.084 1.00 18.56 ? 94  PRO A CD  1 
ATOM   705  N  N   . ASN A 1 95  ? 14.422  7.699   -12.732 1.00 19.48 ? 95  ASN A N   1 
ATOM   706  C  CA  . ASN A 1 95  ? 13.575  6.701   -13.384 1.00 21.57 ? 95  ASN A CA  1 
ATOM   707  C  C   . ASN A 1 95  ? 12.263  6.400   -12.664 1.00 20.03 ? 95  ASN A C   1 
ATOM   708  O  O   . ASN A 1 95  ? 11.333  5.860   -13.262 1.00 21.30 ? 95  ASN A O   1 
ATOM   709  C  CB  . ASN A 1 95  ? 14.343  5.387   -13.550 1.00 20.66 ? 95  ASN A CB  1 
ATOM   710  C  CG  . ASN A 1 95  ? 14.624  4.701   -12.223 1.00 23.36 ? 95  ASN A CG  1 
ATOM   711  O  OD1 . ASN A 1 95  ? 15.334  5.232   -11.369 1.00 23.87 ? 95  ASN A OD1 1 
ATOM   712  N  ND2 . ASN A 1 95  ? 14.059  3.512   -12.045 1.00 30.00 ? 95  ASN A ND2 1 
ATOM   713  N  N   . VAL A 1 96  ? 12.191  6.764   -11.390 1.00 17.95 ? 96  VAL A N   1 
ATOM   714  C  CA  . VAL A 1 96  ? 11.015  6.497   -10.569 1.00 15.71 ? 96  VAL A CA  1 
ATOM   715  C  C   . VAL A 1 96  ? 9.909   7.549   -10.673 1.00 17.48 ? 96  VAL A C   1 
ATOM   716  O  O   . VAL A 1 96  ? 10.173  8.749   -10.619 1.00 19.43 ? 96  VAL A O   1 
ATOM   717  C  CB  . VAL A 1 96  ? 11.439  6.352   -9.084  1.00 16.09 ? 96  VAL A CB  1 
ATOM   718  C  CG1 . VAL A 1 96  ? 10.243  6.015   -8.222  1.00 14.22 ? 96  VAL A CG1 1 
ATOM   719  C  CG2 . VAL A 1 96  ? 12.513  5.271   -8.953  1.00 14.37 ? 96  VAL A CG2 1 
ATOM   720  N  N   . LYS A 1 97  ? 8.671   7.091   -10.838 1.00 16.66 ? 97  LYS A N   1 
ATOM   721  C  CA  . LYS A 1 97  ? 7.521   7.988   -10.916 1.00 17.51 ? 97  LYS A CA  1 
ATOM   722  C  C   . LYS A 1 97  ? 6.827   7.902   -9.567  1.00 17.40 ? 97  LYS A C   1 
ATOM   723  O  O   . LYS A 1 97  ? 6.864   6.858   -8.915  1.00 18.32 ? 97  LYS A O   1 
ATOM   724  C  CB  . LYS A 1 97  ? 6.551   7.545   -12.015 1.00 17.98 ? 97  LYS A CB  1 
ATOM   725  N  N   . LYS A 1 98  ? 6.200   8.993   -9.144  1.00 15.89 ? 98  LYS A N   1 
ATOM   726  C  CA  . LYS A 1 98  ? 5.516   9.006   -7.861  1.00 16.71 ? 98  LYS A CA  1 
ATOM   727  C  C   . LYS A 1 98  ? 4.133   9.630   -7.928  1.00 16.12 ? 98  LYS A C   1 
ATOM   728  O  O   . LYS A 1 98  ? 3.930   10.656  -8.578  1.00 18.44 ? 98  LYS A O   1 
ATOM   729  C  CB  . LYS A 1 98  ? 6.335   9.775   -6.821  1.00 18.50 ? 98  LYS A CB  1 
ATOM   730  C  CG  . LYS A 1 98  ? 5.679   9.817   -5.431  1.00 22.28 ? 98  LYS A CG  1 
ATOM   731  C  CD  . LYS A 1 98  ? 6.434   10.735  -4.473  1.00 25.20 ? 98  LYS A CD  1 
ATOM   732  C  CE  . LYS A 1 98  ? 5.963   12.175  -4.604  1.00 30.13 ? 98  LYS A CE  1 
ATOM   733  N  NZ  . LYS A 1 98  ? 7.087   13.144  -4.518  1.00 37.11 ? 98  LYS A NZ  1 
ATOM   734  N  N   . GLU A 1 99  ? 3.186   9.001   -7.245  1.00 16.30 ? 99  GLU A N   1 
ATOM   735  C  CA  . GLU A 1 99  ? 1.822   9.502   -7.164  1.00 15.10 ? 99  GLU A CA  1 
ATOM   736  C  C   . GLU A 1 99  ? 1.390   9.431   -5.712  1.00 16.41 ? 99  GLU A C   1 
ATOM   737  O  O   . GLU A 1 99  ? 1.780   8.519   -4.981  1.00 15.31 ? 99  GLU A O   1 
ATOM   738  C  CB  . GLU A 1 99  ? 0.857   8.666   -8.011  1.00 15.34 ? 99  GLU A CB  1 
ATOM   739  C  CG  . GLU A 1 99  ? 0.945   8.917   -9.508  1.00 17.77 ? 99  GLU A CG  1 
ATOM   740  C  CD  . GLU A 1 99  ? -0.082  8.116   -10.288 1.00 21.21 ? 99  GLU A CD  1 
ATOM   741  O  OE1 . GLU A 1 99  ? -1.272  8.142   -9.911  1.00 20.35 ? 99  GLU A OE1 1 
ATOM   742  O  OE2 . GLU A 1 99  ? 0.297   7.471   -11.287 1.00 24.90 ? 99  GLU A OE2 1 
ATOM   743  N  N   . HIS A 1 100 ? 0.593   10.404  -5.295  1.00 13.07 ? 100 HIS A N   1 
ATOM   744  C  CA  . HIS A 1 100 ? 0.092   10.432  -3.933  1.00 14.24 ? 100 HIS A CA  1 
ATOM   745  C  C   . HIS A 1 100 ? -1.401  10.143  -3.945  1.00 14.14 ? 100 HIS A C   1 
ATOM   746  O  O   . HIS A 1 100 ? -2.176  10.872  -4.565  1.00 14.09 ? 100 HIS A O   1 
ATOM   747  C  CB  . HIS A 1 100 ? 0.351   11.801  -3.289  1.00 16.02 ? 100 HIS A CB  1 
ATOM   748  C  CG  . HIS A 1 100 ? -0.272  11.954  -1.934  1.00 16.26 ? 100 HIS A CG  1 
ATOM   749  N  ND1 . HIS A 1 100 ? -0.053  11.064  -0.906  1.00 19.50 ? 100 HIS A ND1 1 
ATOM   750  C  CD2 . HIS A 1 100 ? -1.127  12.886  -1.449  1.00 21.72 ? 100 HIS A CD2 1 
ATOM   751  C  CE1 . HIS A 1 100 ? -0.749  11.434  0.152   1.00 19.36 ? 100 HIS A CE1 1 
ATOM   752  N  NE2 . HIS A 1 100 ? -1.411  12.537  -0.149  1.00 21.16 ? 100 HIS A NE2 1 
ATOM   753  N  N   . TRP A 1 101 ? -1.787  9.049   -3.300  1.00 14.18 ? 101 TRP A N   1 
ATOM   754  C  CA  . TRP A 1 101 ? -3.193  8.676   -3.188  1.00 14.89 ? 101 TRP A CA  1 
ATOM   755  C  C   . TRP A 1 101 ? -3.430  8.660   -1.689  1.00 13.63 ? 101 TRP A C   1 
ATOM   756  O  O   . TRP A 1 101 ? -3.281  7.623   -1.047  1.00 13.34 ? 101 TRP A O   1 
ATOM   757  C  CB  . TRP A 1 101 ? -3.472  7.265   -3.723  1.00 13.39 ? 101 TRP A CB  1 
ATOM   758  C  CG  . TRP A 1 101 ? -3.022  6.966   -5.125  1.00 16.54 ? 101 TRP A CG  1 
ATOM   759  C  CD1 . TRP A 1 101 ? -2.530  7.843   -6.050  1.00 16.35 ? 101 TRP A CD1 1 
ATOM   760  C  CD2 . TRP A 1 101 ? -3.016  5.679   -5.750  1.00 14.29 ? 101 TRP A CD2 1 
ATOM   761  N  NE1 . TRP A 1 101 ? -2.214  7.176   -7.212  1.00 15.81 ? 101 TRP A NE1 1 
ATOM   762  C  CE2 . TRP A 1 101 ? -2.501  5.846   -7.053  1.00 16.61 ? 101 TRP A CE2 1 
ATOM   763  C  CE3 . TRP A 1 101 ? -3.394  4.396   -5.331  1.00 12.98 ? 101 TRP A CE3 1 
ATOM   764  C  CZ2 . TRP A 1 101 ? -2.356  4.775   -7.947  1.00 14.76 ? 101 TRP A CZ2 1 
ATOM   765  C  CZ3 . TRP A 1 101 ? -3.250  3.331   -6.216  1.00 14.23 ? 101 TRP A CZ3 1 
ATOM   766  C  CH2 . TRP A 1 101 ? -2.735  3.529   -7.511  1.00 13.78 ? 101 TRP A CH2 1 
ATOM   767  N  N   . GLY A 1 102 ? -3.775  9.811   -1.124  1.00 14.36 ? 102 GLY A N   1 
ATOM   768  C  CA  . GLY A 1 102 ? -3.997  9.870   0.308   1.00 13.97 ? 102 GLY A CA  1 
ATOM   769  C  C   . GLY A 1 102 ? -5.291  9.235   0.776   1.00 15.22 ? 102 GLY A C   1 
ATOM   770  O  O   . GLY A 1 102 ? -6.330  9.363   0.122   1.00 13.50 ? 102 GLY A O   1 
ATOM   771  N  N   . PHE A 1 103 ? -5.217  8.530   1.903   1.00 12.55 ? 103 PHE A N   1 
ATOM   772  C  CA  . PHE A 1 103 ? -6.383  7.894   2.508   1.00 11.40 ? 103 PHE A CA  1 
ATOM   773  C  C   . PHE A 1 103 ? -6.352  8.174   3.998   1.00 12.09 ? 103 PHE A C   1 
ATOM   774  O  O   . PHE A 1 103 ? -5.273  8.281   4.592   1.00 12.08 ? 103 PHE A O   1 
ATOM   775  C  CB  . PHE A 1 103 ? -6.389  6.375   2.288   1.00 12.73 ? 103 PHE A CB  1 
ATOM   776  C  CG  . PHE A 1 103 ? -6.475  5.967   0.849   1.00 11.16 ? 103 PHE A CG  1 
ATOM   777  C  CD1 . PHE A 1 103 ? -5.321  5.733   0.101   1.00 13.41 ? 103 PHE A CD1 1 
ATOM   778  C  CD2 . PHE A 1 103 ? -7.715  5.851   0.226   1.00 11.11 ? 103 PHE A CD2 1 
ATOM   779  C  CE1 . PHE A 1 103 ? -5.403  5.388   -1.245  1.00 11.86 ? 103 PHE A CE1 1 
ATOM   780  C  CE2 . PHE A 1 103 ? -7.812  5.509   -1.116  1.00 12.20 ? 103 PHE A CE2 1 
ATOM   781  C  CZ  . PHE A 1 103 ? -6.654  5.275   -1.858  1.00 11.73 ? 103 PHE A CZ  1 
ATOM   782  N  N   . ASP A 1 104 ? -7.528  8.293   4.608   1.00 11.16 ? 104 ASP A N   1 
ATOM   783  C  CA  . ASP A 1 104 ? -7.592  8.563   6.034   1.00 14.21 ? 104 ASP A CA  1 
ATOM   784  C  C   . ASP A 1 104 ? -6.994  7.409   6.830   1.00 14.64 ? 104 ASP A C   1 
ATOM   785  O  O   . ASP A 1 104 ? -7.078  6.247   6.428   1.00 14.61 ? 104 ASP A O   1 
ATOM   786  C  CB  . ASP A 1 104 ? -9.037  8.799   6.495   1.00 13.11 ? 104 ASP A CB  1 
ATOM   787  C  CG  . ASP A 1 104 ? -9.703  9.961   5.779   1.00 16.93 ? 104 ASP A CG  1 
ATOM   788  O  OD1 . ASP A 1 104 ? -9.015  10.961  5.496   1.00 14.87 ? 104 ASP A OD1 1 
ATOM   789  O  OD2 . ASP A 1 104 ? -10.927 9.888   5.528   1.00 18.71 ? 104 ASP A OD2 1 
ATOM   790  N  N   . ASP A 1 105 ? -6.389  7.750   7.959   1.00 12.01 ? 105 ASP A N   1 
ATOM   791  C  CA  . ASP A 1 105 ? -5.773  6.776   8.846   1.00 12.63 ? 105 ASP A CA  1 
ATOM   792  C  C   . ASP A 1 105 ? -6.853  6.168   9.743   1.00 12.82 ? 105 ASP A C   1 
ATOM   793  O  O   . ASP A 1 105 ? -7.455  6.862   10.558  1.00 12.29 ? 105 ASP A O   1 
ATOM   794  C  CB  . ASP A 1 105 ? -4.704  7.475   9.686   1.00 12.98 ? 105 ASP A CB  1 
ATOM   795  C  CG  . ASP A 1 105 ? -3.989  6.530   10.625  1.00 14.17 ? 105 ASP A CG  1 
ATOM   796  O  OD1 . ASP A 1 105 ? -4.258  5.313   10.564  1.00 13.20 ? 105 ASP A OD1 1 
ATOM   797  O  OD2 . ASP A 1 105 ? -3.150  7.009   11.415  1.00 18.40 ? 105 ASP A OD2 1 
ATOM   798  N  N   . PRO A 1 106 ? -7.140  4.863   9.574   1.00 11.96 ? 106 PRO A N   1 
ATOM   799  C  CA  . PRO A 1 106 ? -8.153  4.142   10.356  1.00 13.15 ? 106 PRO A CA  1 
ATOM   800  C  C   . PRO A 1 106 ? -7.739  3.757   11.779  1.00 13.26 ? 106 PRO A C   1 
ATOM   801  O  O   . PRO A 1 106 ? -8.573  3.331   12.579  1.00 13.02 ? 106 PRO A O   1 
ATOM   802  C  CB  . PRO A 1 106 ? -8.410  2.913   9.490   1.00 13.28 ? 106 PRO A CB  1 
ATOM   803  C  CG  . PRO A 1 106 ? -7.010  2.595   9.040   1.00 14.45 ? 106 PRO A CG  1 
ATOM   804  C  CD  . PRO A 1 106 ? -6.574  3.968   8.547   1.00 14.92 ? 106 PRO A CD  1 
ATOM   805  N  N   . ALA A 1 107 ? -6.455  3.899   12.089  1.00 15.25 ? 107 ALA A N   1 
ATOM   806  C  CA  . ALA A 1 107 ? -5.936  3.539   13.407  1.00 12.82 ? 107 ALA A CA  1 
ATOM   807  C  C   . ALA A 1 107 ? -6.743  4.070   14.591  1.00 13.03 ? 107 ALA A C   1 
ATOM   808  O  O   . ALA A 1 107 ? -7.126  5.242   14.630  1.00 11.98 ? 107 ALA A O   1 
ATOM   809  C  CB  . ALA A 1 107 ? -4.488  3.993   13.536  1.00 16.35 ? 107 ALA A CB  1 
ATOM   810  N  N   . GLY A 1 108 ? -6.984  3.189   15.557  1.00 11.99 ? 108 GLY A N   1 
ATOM   811  C  CA  . GLY A 1 108 ? -7.719  3.556   16.753  1.00 11.98 ? 108 GLY A CA  1 
ATOM   812  C  C   . GLY A 1 108 ? -9.218  3.643   16.575  1.00 15.69 ? 108 GLY A C   1 
ATOM   813  O  O   . GLY A 1 108 ? -9.949  3.876   17.540  1.00 15.41 ? 108 GLY A O   1 
ATOM   814  N  N   . LYS A 1 109 ? -9.683  3.446   15.345  1.00 13.50 ? 109 LYS A N   1 
ATOM   815  C  CA  . LYS A 1 109 ? -11.109 3.527   15.048  1.00 16.19 ? 109 LYS A CA  1 
ATOM   816  C  C   . LYS A 1 109 ? -11.755 2.143   15.010  1.00 13.51 ? 109 LYS A C   1 
ATOM   817  O  O   . LYS A 1 109 ? -11.081 1.119   15.127  1.00 14.65 ? 109 LYS A O   1 
ATOM   818  C  CB  . LYS A 1 109 ? -11.339 4.211   13.694  1.00 15.66 ? 109 LYS A CB  1 
ATOM   819  C  CG  . LYS A 1 109 ? -10.729 5.604   13.508  1.00 21.44 ? 109 LYS A CG  1 
ATOM   820  C  CD  . LYS A 1 109 ? -11.329 6.633   14.447  1.00 29.92 ? 109 LYS A CD  1 
ATOM   821  C  CE  . LYS A 1 109 ? -10.871 8.059   14.114  1.00 34.17 ? 109 LYS A CE  1 
ATOM   822  N  NZ  . LYS A 1 109 ? -11.650 8.694   13.003  1.00 37.21 ? 109 LYS A NZ  1 
ATOM   823  N  N   . GLU A 1 110 ? -13.070 2.131   14.823  1.00 14.30 ? 110 GLU A N   1 
ATOM   824  C  CA  . GLU A 1 110 ? -13.854 0.905   14.756  1.00 14.89 ? 110 GLU A CA  1 
ATOM   825  C  C   . GLU A 1 110 ? -13.628 0.171   13.425  1.00 14.21 ? 110 GLU A C   1 
ATOM   826  O  O   . GLU A 1 110 ? -13.058 0.730   12.489  1.00 13.48 ? 110 GLU A O   1 
ATOM   827  C  CB  . GLU A 1 110 ? -15.338 1.263   14.892  1.00 15.07 ? 110 GLU A CB  1 
ATOM   828  C  CG  . GLU A 1 110 ? -15.662 2.088   16.134  1.00 23.52 ? 110 GLU A CG  1 
ATOM   829  C  CD  . GLU A 1 110 ? -17.056 2.709   16.105  1.00 28.84 ? 110 GLU A CD  1 
ATOM   830  O  OE1 . GLU A 1 110 ? -17.327 3.544   15.216  1.00 25.31 ? 110 GLU A OE1 1 
ATOM   831  O  OE2 . GLU A 1 110 ? -17.885 2.360   16.975  1.00 29.82 ? 110 GLU A OE2 1 
ATOM   832  N  N   . TRP A 1 111 ? -14.067 -1.086  13.361  1.00 15.34 ? 111 TRP A N   1 
ATOM   833  C  CA  . TRP A 1 111 ? -13.968 -1.900  12.142  1.00 17.15 ? 111 TRP A CA  1 
ATOM   834  C  C   . TRP A 1 111 ? -14.453 -1.099  10.941  1.00 14.86 ? 111 TRP A C   1 
ATOM   835  O  O   . TRP A 1 111 ? -13.866 -1.145  9.857   1.00 14.34 ? 111 TRP A O   1 
ATOM   836  C  CB  . TRP A 1 111 ? -14.873 -3.126  12.245  1.00 18.70 ? 111 TRP A CB  1 
ATOM   837  C  CG  . TRP A 1 111 ? -14.280 -4.346  12.840  1.00 23.03 ? 111 TRP A CG  1 
ATOM   838  C  CD1 . TRP A 1 111 ? -13.537 -4.435  13.980  1.00 23.87 ? 111 TRP A CD1 1 
ATOM   839  C  CD2 . TRP A 1 111 ? -14.480 -5.683  12.376  1.00 21.89 ? 111 TRP A CD2 1 
ATOM   840  N  NE1 . TRP A 1 111 ? -13.259 -5.754  14.259  1.00 24.00 ? 111 TRP A NE1 1 
ATOM   841  C  CE2 . TRP A 1 111 ? -13.823 -6.543  13.291  1.00 24.03 ? 111 TRP A CE2 1 
ATOM   842  C  CE3 . TRP A 1 111 ? -15.144 -6.249  11.280  1.00 24.77 ? 111 TRP A CE3 1 
ATOM   843  C  CZ2 . TRP A 1 111 ? -13.819 -7.936  13.141  1.00 25.38 ? 111 TRP A CZ2 1 
ATOM   844  C  CZ3 . TRP A 1 111 ? -15.140 -7.634  11.127  1.00 28.03 ? 111 TRP A CZ3 1 
ATOM   845  C  CH2 . TRP A 1 111 ? -14.481 -8.461  12.057  1.00 27.01 ? 111 TRP A CH2 1 
ATOM   846  N  N   . SER A 1 112 ? -15.556 -0.389  11.155  1.00 12.91 ? 112 SER A N   1 
ATOM   847  C  CA  . SER A 1 112 ? -16.194 0.431   10.130  1.00 13.08 ? 112 SER A CA  1 
ATOM   848  C  C   . SER A 1 112 ? -15.240 1.348   9.369   1.00 13.45 ? 112 SER A C   1 
ATOM   849  O  O   . SER A 1 112 ? -15.390 1.533   8.159   1.00 14.28 ? 112 SER A O   1 
ATOM   850  C  CB  . SER A 1 112 ? -17.319 1.254   10.768  1.00 12.13 ? 112 SER A CB  1 
ATOM   851  O  OG  . SER A 1 112 ? -16.850 1.993   11.883  1.00 11.65 ? 112 SER A OG  1 
ATOM   852  N  N   . GLU A 1 113 ? -14.267 1.932   10.067  1.00 13.61 ? 113 GLU A N   1 
ATOM   853  C  CA  . GLU A 1 113 ? -13.310 2.815   9.402   1.00 12.72 ? 113 GLU A CA  1 
ATOM   854  C  C   . GLU A 1 113 ? -12.336 2.019   8.549   1.00 13.38 ? 113 GLU A C   1 
ATOM   855  O  O   . GLU A 1 113 ? -11.890 2.498   7.507   1.00 12.28 ? 113 GLU A O   1 
ATOM   856  C  CB  . GLU A 1 113 ? -12.540 3.669   10.416  1.00 14.08 ? 113 GLU A CB  1 
ATOM   857  C  CG  . GLU A 1 113 ? -13.364 4.809   10.989  1.00 19.77 ? 113 GLU A CG  1 
ATOM   858  C  CD  . GLU A 1 113 ? -13.753 5.828   9.931   1.00 17.69 ? 113 GLU A CD  1 
ATOM   859  O  OE1 . GLU A 1 113 ? -12.869 6.573   9.452   1.00 21.34 ? 113 GLU A OE1 1 
ATOM   860  O  OE2 . GLU A 1 113 ? -14.943 5.867   9.570   1.00 28.29 ? 113 GLU A OE2 1 
ATOM   861  N  N   . PHE A 1 114 ? -11.994 0.812   8.989   1.00 12.38 ? 114 PHE A N   1 
ATOM   862  C  CA  . PHE A 1 114 ? -11.092 -0.020  8.202   1.00 12.02 ? 114 PHE A CA  1 
ATOM   863  C  C   . PHE A 1 114 ? -11.817 -0.491  6.949   1.00 11.59 ? 114 PHE A C   1 
ATOM   864  O  O   . PHE A 1 114 ? -11.214 -0.637  5.885   1.00 10.49 ? 114 PHE A O   1 
ATOM   865  C  CB  . PHE A 1 114 ? -10.589 -1.220  9.012   1.00 11.21 ? 114 PHE A CB  1 
ATOM   866  C  CG  . PHE A 1 114 ? -9.594  -0.849  10.077  1.00 13.06 ? 114 PHE A CG  1 
ATOM   867  C  CD1 . PHE A 1 114 ? -10.006 -0.239  11.259  1.00 11.78 ? 114 PHE A CD1 1 
ATOM   868  C  CD2 . PHE A 1 114 ? -8.233  -1.060  9.869   1.00 11.47 ? 114 PHE A CD2 1 
ATOM   869  C  CE1 . PHE A 1 114 ? -9.074  0.159   12.216  1.00 10.13 ? 114 PHE A CE1 1 
ATOM   870  C  CE2 . PHE A 1 114 ? -7.295  -0.664  10.816  1.00 11.22 ? 114 PHE A CE2 1 
ATOM   871  C  CZ  . PHE A 1 114 ? -7.715  -0.053  11.994  1.00 9.48  ? 114 PHE A CZ  1 
ATOM   872  N  N   . GLN A 1 115 ? -13.117 -0.724  7.081   1.00 12.01 ? 115 GLN A N   1 
ATOM   873  C  CA  . GLN A 1 115 ? -13.928 -1.153  5.953   1.00 13.07 ? 115 GLN A CA  1 
ATOM   874  C  C   . GLN A 1 115 ? -14.013 -0.039  4.917   1.00 11.75 ? 115 GLN A C   1 
ATOM   875  O  O   . GLN A 1 115 ? -13.833 -0.283  3.724   1.00 11.92 ? 115 GLN A O   1 
ATOM   876  C  CB  . GLN A 1 115 ? -15.329 -1.551  6.436   1.00 12.67 ? 115 GLN A CB  1 
ATOM   877  C  CG  . GLN A 1 115 ? -15.375 -2.913  7.109   1.00 12.85 ? 115 GLN A CG  1 
ATOM   878  C  CD  . GLN A 1 115 ? -16.653 -3.156  7.896   1.00 14.84 ? 115 GLN A CD  1 
ATOM   879  O  OE1 . GLN A 1 115 ? -17.035 -4.299  8.136   1.00 18.55 ? 115 GLN A OE1 1 
ATOM   880  N  NE2 . GLN A 1 115 ? -17.300 -2.082  8.329   1.00 9.76  ? 115 GLN A NE2 1 
ATOM   881  N  N   . ARG A 1 116 ? -14.269 1.188   5.366   1.00 10.76 ? 116 ARG A N   1 
ATOM   882  C  CA  . ARG A 1 116 ? -14.363 2.312   4.434   1.00 11.45 ? 116 ARG A CA  1 
ATOM   883  C  C   . ARG A 1 116 ? -13.067 2.494   3.653   1.00 11.18 ? 116 ARG A C   1 
ATOM   884  O  O   . ARG A 1 116 ? -13.069 2.520   2.424   1.00 12.68 ? 116 ARG A O   1 
ATOM   885  C  CB  . ARG A 1 116 ? -14.689 3.619   5.170   1.00 12.36 ? 116 ARG A CB  1 
ATOM   886  C  CG  . ARG A 1 116 ? -14.731 4.829   4.237   1.00 16.50 ? 116 ARG A CG  1 
ATOM   887  C  CD  . ARG A 1 116 ? -15.288 6.065   4.918   1.00 18.10 ? 116 ARG A CD  1 
ATOM   888  N  NE  . ARG A 1 116 ? -14.435 6.617   5.971   1.00 17.37 ? 116 ARG A NE  1 
ATOM   889  C  CZ  . ARG A 1 116 ? -13.321 7.314   5.758   1.00 16.85 ? 116 ARG A CZ  1 
ATOM   890  N  NH1 . ARG A 1 116 ? -12.904 7.551   4.521   1.00 16.15 ? 116 ARG A NH1 1 
ATOM   891  N  NH2 . ARG A 1 116 ? -12.647 7.810   6.787   1.00 15.31 ? 116 ARG A NH2 1 
ATOM   892  N  N   . VAL A 1 117 ? -11.958 2.619   4.373   1.00 12.39 ? 117 VAL A N   1 
ATOM   893  C  CA  . VAL A 1 117 ? -10.664 2.811   3.734   1.00 10.88 ? 117 VAL A CA  1 
ATOM   894  C  C   . VAL A 1 117 ? -10.309 1.613   2.860   1.00 10.99 ? 117 VAL A C   1 
ATOM   895  O  O   . VAL A 1 117 ? -9.745  1.774   1.777   1.00 11.09 ? 117 VAL A O   1 
ATOM   896  C  CB  . VAL A 1 117 ? -9.566  3.040   4.798   1.00 13.26 ? 117 VAL A CB  1 
ATOM   897  C  CG1 . VAL A 1 117 ? -8.216  3.208   4.132   1.00 11.90 ? 117 VAL A CG1 1 
ATOM   898  C  CG2 . VAL A 1 117 ? -9.899  4.279   5.614   1.00 13.51 ? 117 VAL A CG2 1 
ATOM   899  N  N   . ARG A 1 118 ? -10.641 0.412   3.324   1.00 11.24 ? 118 ARG A N   1 
ATOM   900  C  CA  . ARG A 1 118 ? -10.367 -0.796  2.552   1.00 12.30 ? 118 ARG A CA  1 
ATOM   901  C  C   . ARG A 1 118 ? -10.967 -0.653  1.167   1.00 11.14 ? 118 ARG A C   1 
ATOM   902  O  O   . ARG A 1 118 ? -10.311 -0.896  0.155   1.00 10.88 ? 118 ARG A O   1 
ATOM   903  C  CB  . ARG A 1 118 ? -11.005 -2.016  3.210   1.00 11.18 ? 118 ARG A CB  1 
ATOM   904  C  CG  . ARG A 1 118 ? -10.906 -3.297  2.376   1.00 11.99 ? 118 ARG A CG  1 
ATOM   905  C  CD  . ARG A 1 118 ? -11.863 -4.337  2.928   1.00 13.54 ? 118 ARG A CD  1 
ATOM   906  N  NE  . ARG A 1 118 ? -13.247 -3.883  2.785   1.00 13.82 ? 118 ARG A NE  1 
ATOM   907  C  CZ  . ARG A 1 118 ? -14.272 -4.349  3.491   1.00 14.32 ? 118 ARG A CZ  1 
ATOM   908  N  NH1 . ARG A 1 118 ? -14.077 -5.292  4.404   1.00 10.87 ? 118 ARG A NH1 1 
ATOM   909  N  NH2 . ARG A 1 118 ? -15.492 -3.862  3.290   1.00 12.42 ? 118 ARG A NH2 1 
ATOM   910  N  N   . ASP A 1 119 ? -12.231 -0.256  1.128   1.00 13.56 ? 119 ASP A N   1 
ATOM   911  C  CA  . ASP A 1 119 ? -12.918 -0.128  -0.142  1.00 13.28 ? 119 ASP A CA  1 
ATOM   912  C  C   . ASP A 1 119 ? -12.507 1.072   -0.987  1.00 13.25 ? 119 ASP A C   1 
ATOM   913  O  O   . ASP A 1 119 ? -12.586 1.018   -2.217  1.00 14.13 ? 119 ASP A O   1 
ATOM   914  C  CB  . ASP A 1 119 ? -14.431 -0.177  0.091   1.00 11.62 ? 119 ASP A CB  1 
ATOM   915  C  CG  . ASP A 1 119 ? -14.863 -1.499  0.715   1.00 17.99 ? 119 ASP A CG  1 
ATOM   916  O  OD1 . ASP A 1 119 ? -14.252 -2.535  0.370   1.00 16.13 ? 119 ASP A OD1 1 
ATOM   917  O  OD2 . ASP A 1 119 ? -15.811 -1.513  1.527   1.00 16.54 ? 119 ASP A OD2 1 
ATOM   918  N  N   . GLU A 1 120 ? -12.053 2.149   -0.348  1.00 12.09 ? 120 GLU A N   1 
ATOM   919  C  CA  . GLU A 1 120 ? -11.597 3.310   -1.107  1.00 10.10 ? 120 GLU A CA  1 
ATOM   920  C  C   . GLU A 1 120 ? -10.294 2.915   -1.794  1.00 12.58 ? 120 GLU A C   1 
ATOM   921  O  O   . GLU A 1 120 ? -10.042 3.278   -2.945  1.00 11.68 ? 120 GLU A O   1 
ATOM   922  C  CB  . GLU A 1 120 ? -11.359 4.505   -0.181  1.00 13.13 ? 120 GLU A CB  1 
ATOM   923  C  CG  . GLU A 1 120 ? -12.628 5.081   0.425   1.00 13.66 ? 120 GLU A CG  1 
ATOM   924  C  CD  . GLU A 1 120 ? -12.350 6.188   1.427   1.00 19.10 ? 120 GLU A CD  1 
ATOM   925  O  OE1 . GLU A 1 120 ? -13.316 6.816   1.907   1.00 17.51 ? 120 GLU A OE1 1 
ATOM   926  O  OE2 . GLU A 1 120 ? -11.166 6.424   1.746   1.00 19.30 ? 120 GLU A OE2 1 
ATOM   927  N  N   . ILE A 1 121 ? -9.463  2.165   -1.076  1.00 11.39 ? 121 ILE A N   1 
ATOM   928  C  CA  . ILE A 1 121 ? -8.194  1.705   -1.625  1.00 11.93 ? 121 ILE A CA  1 
ATOM   929  C  C   . ILE A 1 121 ? -8.470  0.720   -2.758  1.00 13.62 ? 121 ILE A C   1 
ATOM   930  O  O   . ILE A 1 121 ? -7.811  0.758   -3.797  1.00 11.66 ? 121 ILE A O   1 
ATOM   931  C  CB  . ILE A 1 121 ? -7.326  1.031   -0.525  1.00 10.29 ? 121 ILE A CB  1 
ATOM   932  C  CG1 . ILE A 1 121 ? -6.879  2.085   0.487   1.00 11.78 ? 121 ILE A CG1 1 
ATOM   933  C  CG2 . ILE A 1 121 ? -6.127  0.322   -1.154  1.00 12.96 ? 121 ILE A CG2 1 
ATOM   934  C  CD1 . ILE A 1 121 ? -6.137  1.531   1.694   1.00 12.43 ? 121 ILE A CD1 1 
ATOM   935  N  N   . LYS A 1 122 ? -9.461  -0.148  -2.573  1.00 13.55 ? 122 LYS A N   1 
ATOM   936  C  CA  . LYS A 1 122 ? -9.799  -1.115  -3.612  1.00 14.01 ? 122 LYS A CA  1 
ATOM   937  C  C   . LYS A 1 122 ? -10.164 -0.382  -4.901  1.00 13.48 ? 122 LYS A C   1 
ATOM   938  O  O   . LYS A 1 122 ? -9.660  -0.706  -5.975  1.00 15.96 ? 122 LYS A O   1 
ATOM   939  C  CB  . LYS A 1 122 ? -10.982 -1.984  -3.191  1.00 11.90 ? 122 LYS A CB  1 
ATOM   940  C  CG  . LYS A 1 122 ? -11.338 -3.045  -4.226  1.00 12.29 ? 122 LYS A CG  1 
ATOM   941  C  CD  . LYS A 1 122 ? -12.683 -3.701  -3.944  1.00 15.86 ? 122 LYS A CD  1 
ATOM   942  C  CE  . LYS A 1 122 ? -12.994 -4.755  -5.002  1.00 20.46 ? 122 LYS A CE  1 
ATOM   943  N  NZ  . LYS A 1 122 ? -14.334 -5.370  -4.818  1.00 21.69 ? 122 LYS A NZ  1 
ATOM   944  N  N   . LEU A 1 123 ? -11.040 0.611   -4.783  1.00 13.09 ? 123 LEU A N   1 
ATOM   945  C  CA  . LEU A 1 123 ? -11.485 1.389   -5.936  1.00 14.51 ? 123 LEU A CA  1 
ATOM   946  C  C   . LEU A 1 123 ? -10.310 2.082   -6.629  1.00 13.73 ? 123 LEU A C   1 
ATOM   947  O  O   . LEU A 1 123 ? -10.207 2.068   -7.856  1.00 14.10 ? 123 LEU A O   1 
ATOM   948  C  CB  . LEU A 1 123 ? -12.519 2.432   -5.493  1.00 13.44 ? 123 LEU A CB  1 
ATOM   949  C  CG  . LEU A 1 123 ? -13.257 3.203   -6.589  1.00 18.31 ? 123 LEU A CG  1 
ATOM   950  C  CD1 . LEU A 1 123 ? -14.084 2.232   -7.424  1.00 16.39 ? 123 LEU A CD1 1 
ATOM   951  C  CD2 . LEU A 1 123 ? -14.158 4.252   -5.959  1.00 18.59 ? 123 LEU A CD2 1 
ATOM   952  N  N   . ALA A 1 124 ? -9.413  2.672   -5.845  1.00 12.85 ? 124 ALA A N   1 
ATOM   953  C  CA  . ALA A 1 124 ? -8.261  3.365   -6.418  1.00 13.37 ? 124 ALA A CA  1 
ATOM   954  C  C   . ALA A 1 124 ? -7.369  2.417   -7.216  1.00 14.93 ? 124 ALA A C   1 
ATOM   955  O  O   . ALA A 1 124 ? -6.928  2.745   -8.320  1.00 13.33 ? 124 ALA A O   1 
ATOM   956  C  CB  . ALA A 1 124 ? -7.446  4.044   -5.307  1.00 13.94 ? 124 ALA A CB  1 
ATOM   957  N  N   . ILE A 1 125 ? -7.111  1.237   -6.659  1.00 14.73 ? 125 ILE A N   1 
ATOM   958  C  CA  . ILE A 1 125 ? -6.259  0.258   -7.324  1.00 14.86 ? 125 ILE A CA  1 
ATOM   959  C  C   . ILE A 1 125 ? -6.917  -0.324  -8.571  1.00 14.71 ? 125 ILE A C   1 
ATOM   960  O  O   . ILE A 1 125 ? -6.249  -0.554  -9.578  1.00 12.69 ? 125 ILE A O   1 
ATOM   961  C  CB  . ILE A 1 125 ? -5.857  -0.871  -6.344  1.00 14.38 ? 125 ILE A CB  1 
ATOM   962  C  CG1 . ILE A 1 125 ? -4.972  -0.286  -5.239  1.00 13.87 ? 125 ILE A CG1 1 
ATOM   963  C  CG2 . ILE A 1 125 ? -5.145  -1.989  -7.089  1.00 12.95 ? 125 ILE A CG2 1 
ATOM   964  C  CD1 . ILE A 1 125 ? -4.547  -1.287  -4.169  1.00 11.35 ? 125 ILE A CD1 1 
ATOM   965  N  N   . GLU A 1 126 ? -8.223  -0.562  -8.503  1.00 13.91 ? 126 GLU A N   1 
ATOM   966  C  CA  . GLU A 1 126 ? -8.956  -1.090  -9.647  1.00 14.32 ? 126 GLU A CA  1 
ATOM   967  C  C   . GLU A 1 126 ? -8.930  -0.097  -10.799 1.00 13.64 ? 126 GLU A C   1 
ATOM   968  O  O   . GLU A 1 126 ? -8.723  -0.477  -11.954 1.00 13.41 ? 126 GLU A O   1 
ATOM   969  C  CB  . GLU A 1 126 ? -10.411 -1.376  -9.275  1.00 16.58 ? 126 GLU A CB  1 
ATOM   970  C  CG  . GLU A 1 126 ? -10.615 -2.542  -8.336  1.00 22.39 ? 126 GLU A CG  1 
ATOM   971  C  CD  . GLU A 1 126 ? -12.080 -2.755  -8.005  1.00 25.43 ? 126 GLU A CD  1 
ATOM   972  O  OE1 . GLU A 1 126 ? -12.688 -1.862  -7.374  1.00 22.80 ? 126 GLU A OE1 1 
ATOM   973  O  OE2 . GLU A 1 126 ? -12.626 -3.811  -8.385  1.00 29.42 ? 126 GLU A OE2 1 
ATOM   974  N  N   . LYS A 1 127 ? -9.154  1.178   -10.494 1.00 13.89 ? 127 LYS A N   1 
ATOM   975  C  CA  . LYS A 1 127 ? -9.150  2.188   -11.542 1.00 13.85 ? 127 LYS A CA  1 
ATOM   976  C  C   . LYS A 1 127 ? -7.751  2.369   -12.121 1.00 14.86 ? 127 LYS A C   1 
ATOM   977  O  O   . LYS A 1 127 ? -7.595  2.648   -13.312 1.00 14.88 ? 127 LYS A O   1 
ATOM   978  C  CB  . LYS A 1 127 ? -9.705  3.515   -11.019 1.00 15.02 ? 127 LYS A CB  1 
ATOM   979  C  CG  . LYS A 1 127 ? -11.182 3.431   -10.652 1.00 17.88 ? 127 LYS A CG  1 
ATOM   980  C  CD  . LYS A 1 127 ? -11.824 4.804   -10.593 1.00 26.29 ? 127 LYS A CD  1 
ATOM   981  C  CE  . LYS A 1 127 ? -13.324 4.704   -10.351 1.00 29.70 ? 127 LYS A CE  1 
ATOM   982  N  NZ  . LYS A 1 127 ? -13.962 6.052   -10.302 1.00 33.45 ? 127 LYS A NZ  1 
ATOM   983  N  N   . PHE A 1 128 ? -6.738  2.201   -11.278 1.00 13.07 ? 128 PHE A N   1 
ATOM   984  C  CA  . PHE A 1 128 ? -5.353  2.312   -11.724 1.00 14.60 ? 128 PHE A CA  1 
ATOM   985  C  C   . PHE A 1 128 ? -5.100  1.239   -12.780 1.00 14.53 ? 128 PHE A C   1 
ATOM   986  O  O   . PHE A 1 128 ? -4.496  1.494   -13.821 1.00 13.95 ? 128 PHE A O   1 
ATOM   987  C  CB  . PHE A 1 128 ? -4.389  2.084   -10.557 1.00 15.49 ? 128 PHE A CB  1 
ATOM   988  C  CG  . PHE A 1 128 ? -2.944  2.062   -10.969 1.00 15.90 ? 128 PHE A CG  1 
ATOM   989  C  CD1 . PHE A 1 128 ? -2.304  3.230   -11.368 1.00 16.27 ? 128 PHE A CD1 1 
ATOM   990  C  CD2 . PHE A 1 128 ? -2.244  0.857   -11.030 1.00 13.36 ? 128 PHE A CD2 1 
ATOM   991  C  CE1 . PHE A 1 128 ? -0.989  3.205   -11.826 1.00 15.76 ? 128 PHE A CE1 1 
ATOM   992  C  CE2 . PHE A 1 128 ? -0.925  0.823   -11.491 1.00 15.83 ? 128 PHE A CE2 1 
ATOM   993  C  CZ  . PHE A 1 128 ? -0.301  1.999   -11.890 1.00 16.45 ? 128 PHE A CZ  1 
ATOM   994  N  N   . LYS A 1 129 ? -5.580  0.034   -12.489 1.00 13.08 ? 129 LYS A N   1 
ATOM   995  C  CA  . LYS A 1 129 ? -5.424  -1.117  -13.371 1.00 14.76 ? 129 LYS A CA  1 
ATOM   996  C  C   . LYS A 1 129 ? -6.170  -0.930  -14.685 1.00 16.05 ? 129 LYS A C   1 
ATOM   997  O  O   . LYS A 1 129 ? -5.745  -1.434  -15.722 1.00 16.00 ? 129 LYS A O   1 
ATOM   998  C  CB  . LYS A 1 129 ? -5.921  -2.374  -12.639 1.00 17.49 ? 129 LYS A CB  1 
ATOM   999  C  CG  . LYS A 1 129 ? -5.889  -3.695  -13.413 1.00 21.56 ? 129 LYS A CG  1 
ATOM   1000 C  CD  . LYS A 1 129 ? -7.063  -3.839  -14.365 1.00 32.37 ? 129 LYS A CD  1 
ATOM   1001 C  CE  . LYS A 1 129 ? -7.124  -5.245  -14.957 1.00 35.33 ? 129 LYS A CE  1 
ATOM   1002 N  NZ  . LYS A 1 129 ? -5.895  -5.599  -15.719 1.00 36.99 ? 129 LYS A NZ  1 
ATOM   1003 N  N   . LEU A 1 130 ? -7.273  -0.195  -14.635 1.00 15.23 ? 130 LEU A N   1 
ATOM   1004 C  CA  . LEU A 1 130 ? -8.100  0.033   -15.815 1.00 17.20 ? 130 LEU A CA  1 
ATOM   1005 C  C   . LEU A 1 130 ? -7.769  1.293   -16.617 1.00 17.67 ? 130 LEU A C   1 
ATOM   1006 O  O   . LEU A 1 130 ? -8.497  1.634   -17.550 1.00 18.97 ? 130 LEU A O   1 
ATOM   1007 C  CB  . LEU A 1 130 ? -9.574  0.066   -15.400 1.00 16.95 ? 130 LEU A CB  1 
ATOM   1008 C  CG  . LEU A 1 130 ? -10.100 -1.215  -14.743 1.00 18.52 ? 130 LEU A CG  1 
ATOM   1009 C  CD1 . LEU A 1 130 ? -11.483 -0.974  -14.152 1.00 17.09 ? 130 LEU A CD1 1 
ATOM   1010 C  CD2 . LEU A 1 130 ? -10.137 -2.336  -15.770 1.00 17.53 ? 130 LEU A CD2 1 
ATOM   1011 N  N   . ARG A 1 131 ? -6.679  1.976   -16.273 1.00 16.77 ? 131 ARG A N   1 
ATOM   1012 C  CA  . ARG A 1 131 ? -6.306  3.196   -16.991 1.00 17.80 ? 131 ARG A CA  1 
ATOM   1013 C  C   . ARG A 1 131 ? -6.072  2.943   -18.478 1.00 20.49 ? 131 ARG A C   1 
ATOM   1014 O  O   . ARG A 1 131 ? -5.793  1.786   -18.842 1.00 22.78 ? 131 ARG A O   1 
ATOM   1015 C  CB  . ARG A 1 131 ? -5.041  3.813   -16.383 1.00 17.62 ? 131 ARG A CB  1 
ATOM   1016 C  CG  . ARG A 1 131 ? -5.227  4.414   -14.996 1.00 17.63 ? 131 ARG A CG  1 
ATOM   1017 C  CD  . ARG A 1 131 ? -3.928  5.029   -14.492 1.00 20.33 ? 131 ARG A CD  1 
ATOM   1018 N  NE  . ARG A 1 131 ? -4.104  5.733   -13.224 1.00 21.33 ? 131 ARG A NE  1 
ATOM   1019 C  CZ  . ARG A 1 131 ? -3.125  6.358   -12.575 1.00 21.92 ? 131 ARG A CZ  1 
ATOM   1020 N  NH1 . ARG A 1 131 ? -1.893  6.365   -13.072 1.00 19.63 ? 131 ARG A NH1 1 
ATOM   1021 N  NH2 . ARG A 1 131 ? -3.381  6.987   -11.436 1.00 19.96 ? 131 ARG A NH2 1 
ATOM   1022 O  OXT . ARG A 1 131 ? -6.141  3.917   -19.258 1.00 22.60 ? 131 ARG A OXT 1 
HETATM 1023 K  K   . K   B 2 .   ? 5.029   -5.194  3.416   1.00 13.84 ? 152 K   A K   1 
HETATM 1024 CL CL  . LCP C 3 .   ? -0.608  2.785   7.449   1.00 14.38 ? 153 LCP A CL  1 
HETATM 1025 O  O1  . LCP C 3 .   ? 0.044   4.097   7.636   1.00 11.75 ? 153 LCP A O1  1 
HETATM 1026 O  O2  . LCP C 3 .   ? -0.373  2.300   6.074   1.00 12.88 ? 153 LCP A O2  1 
HETATM 1027 O  O3  . LCP C 3 .   ? -2.068  2.994   7.600   1.00 14.55 ? 153 LCP A O3  1 
HETATM 1028 O  O4  . LCP C 3 .   ? -0.097  1.794   8.409   1.00 13.90 ? 153 LCP A O4  1 
HETATM 1029 C  C6  . MNB D 4 .   ? 10.924  7.701   1.222   1.00 32.72 ? 151 MNB A C6  1 
HETATM 1030 C  C1  . MNB D 4 .   ? 11.484  7.829   2.494   1.00 36.23 ? 151 MNB A C1  1 
HETATM 1031 C  C2  . MNB D 4 .   ? 10.721  8.370   3.527   1.00 36.17 ? 151 MNB A C2  1 
HETATM 1032 C  C3  . MNB D 4 .   ? 9.423   8.794   3.273   1.00 31.17 ? 151 MNB A C3  1 
HETATM 1033 C  C4  . MNB D 4 .   ? 8.869   8.687   2.000   1.00 31.53 ? 151 MNB A C4  1 
HETATM 1034 C  C5  . MNB D 4 .   ? 9.630   8.136   0.973   1.00 33.02 ? 151 MNB A C5  1 
HETATM 1035 S  S5  . MNB D 4 .   ? 9.036   8.012   -0.734  1.00 32.57 ? 151 MNB A S5  1 
HETATM 1036 C  C10 . MNB D 4 .   ? 12.972  7.514   2.652   1.00 42.18 ? 151 MNB A C10 1 
HETATM 1037 O  O12 . MNB D 4 .   ? 13.499  6.635   1.972   1.00 43.67 ? 151 MNB A O12 1 
HETATM 1038 O  O11 . MNB D 4 .   ? 13.669  8.138   3.452   1.00 45.02 ? 151 MNB A O11 1 
HETATM 1039 N  N7  . MNB D 4 .   ? 11.179  8.463   4.777   1.00 39.31 ? 151 MNB A N7  1 
HETATM 1040 O  O9  . MNB D 4 .   ? 10.334  8.982   5.794   1.00 38.09 ? 151 MNB A O9  1 
HETATM 1041 O  O8  . MNB D 4 .   ? 12.480  8.025   5.127   1.00 43.05 ? 151 MNB A O8  1 
HETATM 1042 O  O   . HOH E 5 .   ? -2.782  3.106   10.259  1.00 19.96 ? 201 HOH A O   1 
HETATM 1043 O  O   . HOH E 5 .   ? -2.517  0.971   12.155  1.00 14.23 ? 202 HOH A O   1 
HETATM 1044 O  O   . HOH E 5 .   ? -1.472  1.990   14.250  1.00 24.22 ? 203 HOH A O   1 
HETATM 1045 O  O   . HOH E 5 .   ? -17.656 -10.228 8.545   1.00 21.27 ? 204 HOH A O   1 
HETATM 1046 O  O   . HOH E 5 .   ? 6.079   -5.771  0.837   1.00 16.36 ? 205 HOH A O   1 
HETATM 1047 O  O   . HOH E 5 .   ? 5.063   -7.676  -1.020  1.00 20.21 ? 206 HOH A O   1 
HETATM 1048 O  O   . HOH E 5 .   ? 4.535   -8.479  2.929   1.00 18.05 ? 207 HOH A O   1 
HETATM 1049 O  O   . HOH E 5 .   ? 8.086   -10.378 3.238   1.00 37.22 ? 208 HOH A O   1 
HETATM 1050 O  O   . HOH E 5 .   ? 8.886   -4.072  1.362   1.00 32.23 ? 209 HOH A O   1 
HETATM 1051 O  O   . HOH E 5 .   ? 12.233  -3.607  4.172   1.00 22.65 ? 210 HOH A O   1 
HETATM 1052 O  O   . HOH E 5 .   ? 11.887  -3.802  7.417   1.00 20.04 ? 211 HOH A O   1 
HETATM 1053 O  O   . HOH E 5 .   ? 14.491  -3.973  8.734   1.00 30.15 ? 212 HOH A O   1 
HETATM 1054 O  O   . HOH E 5 .   ? -17.673 -0.048  22.334  1.00 24.98 ? 213 HOH A O   1 
HETATM 1055 O  O   . HOH E 5 .   ? 14.847  -6.340  11.458  1.00 35.65 ? 214 HOH A O   1 
HETATM 1056 O  O   . HOH E 5 .   ? 13.029  7.748   7.919   1.00 33.17 ? 215 HOH A O   1 
HETATM 1057 O  O   . HOH E 5 .   ? 11.321  3.288   6.611   1.00 19.11 ? 216 HOH A O   1 
HETATM 1058 O  O   . HOH E 5 .   ? 14.307  2.892   5.820   1.00 23.25 ? 217 HOH A O   1 
HETATM 1059 O  O   . HOH E 5 .   ? 17.020  3.693   4.943   1.00 25.35 ? 218 HOH A O   1 
HETATM 1060 O  O   . HOH E 5 .   ? -9.728  10.845  1.785   1.00 44.66 ? 219 HOH A O   1 
HETATM 1061 O  O   . HOH E 5 .   ? 13.106  6.357   16.783  1.00 33.61 ? 220 HOH A O   1 
HETATM 1062 O  O   . HOH E 5 .   ? 15.816  5.459   16.028  1.00 18.25 ? 221 HOH A O   1 
HETATM 1063 O  O   . HOH E 5 .   ? 15.817  5.791   13.071  1.00 32.02 ? 222 HOH A O   1 
HETATM 1064 O  O   . HOH E 5 .   ? 13.191  6.510   12.380  1.00 44.07 ? 223 HOH A O   1 
HETATM 1065 O  O   . HOH E 5 .   ? -14.703 -0.428  -3.388  1.00 15.72 ? 224 HOH A O   1 
HETATM 1066 O  O   . HOH E 5 .   ? -14.872 -1.176  -6.022  1.00 18.71 ? 225 HOH A O   1 
HETATM 1067 O  O   . HOH E 5 .   ? -17.207 0.431   -6.576  1.00 20.53 ? 226 HOH A O   1 
HETATM 1068 O  O   . HOH E 5 .   ? -6.679  5.274   -9.158  1.00 19.02 ? 227 HOH A O   1 
HETATM 1069 O  O   . HOH E 5 .   ? -6.197  0.185   15.662  1.00 8.06  ? 228 HOH A O   1 
HETATM 1070 O  O   . HOH E 5 .   ? -0.350  -2.440  13.576  1.00 15.48 ? 229 HOH A O   1 
HETATM 1071 O  O   . HOH E 5 .   ? -9.855  8.326   2.972   1.00 15.65 ? 230 HOH A O   1 
HETATM 1072 O  O   . HOH E 5 .   ? -1.972  -10.959 0.294   1.00 18.19 ? 231 HOH A O   1 
HETATM 1073 O  O   . HOH E 5 .   ? -3.537  -10.603 -2.008  1.00 16.17 ? 232 HOH A O   1 
HETATM 1074 O  O   . HOH E 5 .   ? -0.985  -13.318 3.472   1.00 19.30 ? 233 HOH A O   1 
HETATM 1075 O  O   . HOH E 5 .   ? -6.752  -10.944 5.825   1.00 13.19 ? 234 HOH A O   1 
HETATM 1076 O  O   . HOH E 5 .   ? -15.809 -4.560  -0.394  1.00 20.92 ? 235 HOH A O   1 
HETATM 1077 O  O   . HOH E 5 .   ? -9.049  0.103   16.734  1.00 20.43 ? 236 HOH A O   1 
HETATM 1078 O  O   . HOH E 5 .   ? -6.635  -2.544  15.625  1.00 19.79 ? 237 HOH A O   1 
HETATM 1079 O  O   . HOH E 5 .   ? -6.184  10.417  8.881   1.00 22.66 ? 238 HOH A O   1 
HETATM 1080 O  O   . HOH E 5 .   ? -1.410  -8.940  13.401  1.00 20.53 ? 239 HOH A O   1 
HETATM 1081 O  O   . HOH E 5 .   ? -7.329  -10.065 13.186  1.00 25.92 ? 240 HOH A O   1 
HETATM 1082 O  O   . HOH E 5 .   ? -14.767 -2.028  16.135  1.00 22.49 ? 241 HOH A O   1 
HETATM 1083 O  O   . HOH E 5 .   ? -10.090 13.448  5.332   1.00 21.12 ? 242 HOH A O   1 
HETATM 1084 O  O   . HOH E 5 .   ? -14.689 4.544   14.569  1.00 23.70 ? 243 HOH A O   1 
HETATM 1085 O  O   . HOH E 5 .   ? 0.195   12.670  -7.129  1.00 28.78 ? 244 HOH A O   1 
HETATM 1086 O  O   . HOH E 5 .   ? -19.496 3.763   13.726  1.00 20.58 ? 245 HOH A O   1 
HETATM 1087 O  O   . HOH E 5 .   ? -13.800 9.543   1.844   1.00 25.57 ? 246 HOH A O   1 
HETATM 1088 O  O   . HOH E 5 .   ? -6.643  6.101   -12.141 1.00 24.18 ? 247 HOH A O   1 
HETATM 1089 O  O   . HOH E 5 .   ? -6.890  -4.616  17.367  1.00 26.06 ? 248 HOH A O   1 
HETATM 1090 O  O   . HOH E 5 .   ? -2.225  1.010   -15.156 1.00 23.77 ? 249 HOH A O   1 
HETATM 1091 O  O   . HOH E 5 .   ? 11.008  14.474  9.021   1.00 32.98 ? 250 HOH A O   1 
HETATM 1092 O  O   . HOH E 5 .   ? -14.683 -6.413  -2.079  1.00 26.83 ? 251 HOH A O   1 
HETATM 1093 O  O   . HOH E 5 .   ? -0.682  4.801   -15.339 1.00 31.37 ? 252 HOH A O   1 
HETATM 1094 O  O   . HOH E 5 .   ? 17.468  12.170  -8.579  1.00 28.46 ? 253 HOH A O   1 
HETATM 1095 O  O   . HOH E 5 .   ? -16.692 -2.214  -2.273  1.00 24.69 ? 254 HOH A O   1 
HETATM 1096 O  O   . HOH E 5 .   ? -10.115 8.204   10.493  1.00 30.39 ? 255 HOH A O   1 
HETATM 1097 O  O   . HOH E 5 .   ? -15.531 3.217   0.908   1.00 21.86 ? 256 HOH A O   1 
HETATM 1098 O  O   . HOH E 5 .   ? 8.796   -10.341 -11.765 1.00 28.45 ? 257 HOH A O   1 
HETATM 1099 O  O   . HOH E 5 .   ? 15.794  15.057  -1.161  1.00 23.64 ? 258 HOH A O   1 
HETATM 1100 O  O   . HOH E 5 .   ? -4.844  12.091  -2.593  1.00 26.26 ? 259 HOH A O   1 
HETATM 1101 O  O   . HOH E 5 .   ? -1.143  -1.732  -15.329 1.00 29.57 ? 260 HOH A O   1 
HETATM 1102 O  O   . HOH E 5 .   ? 2.708   -4.045  -16.154 1.00 24.92 ? 261 HOH A O   1 
HETATM 1103 O  O   . HOH E 5 .   ? -6.656  7.321   13.065  1.00 28.61 ? 262 HOH A O   1 
HETATM 1104 O  O   . HOH E 5 .   ? -0.585  9.105   8.922   1.00 26.67 ? 263 HOH A O   1 
HETATM 1105 O  O   . HOH E 5 .   ? 3.859   -9.219  -5.625  1.00 34.62 ? 264 HOH A O   1 
HETATM 1106 O  O   . HOH E 5 .   ? 3.728   11.020  -11.632 1.00 39.54 ? 265 HOH A O   1 
HETATM 1107 O  O   . HOH E 5 .   ? -3.949  11.229  4.060   1.00 29.94 ? 266 HOH A O   1 
HETATM 1108 O  O   . HOH E 5 .   ? -17.692 -11.711 4.322   1.00 36.54 ? 267 HOH A O   1 
HETATM 1109 O  O   . HOH E 5 .   ? -2.592  10.358  7.753   1.00 28.64 ? 268 HOH A O   1 
HETATM 1110 O  O   . HOH E 5 .   ? 9.677   13.061  -3.846  1.00 30.69 ? 269 HOH A O   1 
HETATM 1111 O  O   . HOH E 5 .   ? -6.031  -14.449 -0.336  1.00 34.22 ? 270 HOH A O   1 
HETATM 1112 O  O   . HOH E 5 .   ? 4.625   -4.947  -17.940 1.00 36.59 ? 271 HOH A O   1 
HETATM 1113 O  O   . HOH E 5 .   ? 5.524   -13.243 4.052   1.00 27.20 ? 272 HOH A O   1 
HETATM 1114 O  O   . HOH E 5 .   ? -20.125 3.719   17.794  1.00 26.58 ? 273 HOH A O   1 
HETATM 1115 O  O   . HOH E 5 .   ? -5.108  -11.390 13.884  1.00 33.93 ? 274 HOH A O   1 
HETATM 1116 O  O   . HOH E 5 .   ? -3.128  -8.366  -12.638 1.00 35.39 ? 275 HOH A O   1 
HETATM 1117 O  O   . HOH E 5 .   ? 8.734   4.672   -13.969 1.00 30.89 ? 276 HOH A O   1 
HETATM 1118 O  O   . HOH E 5 .   ? 18.496  -2.743  0.891   1.00 31.24 ? 277 HOH A O   1 
HETATM 1119 O  O   . HOH E 5 .   ? -8.770  -6.452  16.961  1.00 24.62 ? 278 HOH A O   1 
HETATM 1120 O  O   . HOH E 5 .   ? 0.301   3.223   11.686  1.00 34.44 ? 279 HOH A O   1 
HETATM 1121 O  O   . HOH E 5 .   ? 17.466  11.899  -2.343  1.00 24.49 ? 280 HOH A O   1 
HETATM 1122 O  O   . HOH E 5 .   ? -2.881  12.863  2.172   1.00 34.13 ? 281 HOH A O   1 
HETATM 1123 O  O   . HOH E 5 .   ? -3.403  -18.299 3.346   1.00 25.94 ? 282 HOH A O   1 
HETATM 1124 O  O   . HOH E 5 .   ? 3.291   -10.289 -8.794  1.00 23.19 ? 283 HOH A O   1 
HETATM 1125 O  O   . HOH E 5 .   ? -8.578  -9.543  15.528  1.00 33.64 ? 284 HOH A O   1 
HETATM 1126 O  O   . HOH E 5 .   ? -3.989  -12.932 12.063  1.00 32.73 ? 285 HOH A O   1 
HETATM 1127 O  O   . HOH E 5 .   ? -15.930 5.965   0.904   1.00 30.30 ? 286 HOH A O   1 
HETATM 1128 O  O   . HOH E 5 .   ? 19.462  10.847  -3.756  1.00 31.02 ? 287 HOH A O   1 
HETATM 1129 O  O   . HOH E 5 .   ? -16.409 -3.479  -5.690  1.00 37.90 ? 288 HOH A O   1 
HETATM 1130 O  O   . HOH E 5 .   ? -18.083 0.906   19.039  1.00 29.85 ? 289 HOH A O   1 
HETATM 1131 O  O   . HOH E 5 .   ? -6.620  -13.754 6.791   1.00 35.89 ? 290 HOH A O   1 
HETATM 1132 O  O   . HOH E 5 .   ? 5.934   6.457   11.415  1.00 27.05 ? 291 HOH A O   1 
HETATM 1133 O  O   . HOH E 5 .   ? -20.983 5.319   15.482  1.00 26.50 ? 292 HOH A O   1 
HETATM 1134 O  O   . HOH E 5 .   ? 7.479   2.537   -15.847 1.00 41.04 ? 293 HOH A O   1 
HETATM 1135 O  O   . HOH E 5 .   ? 16.150  8.603   -3.552  1.00 33.33 ? 294 HOH A O   1 
HETATM 1136 O  O   . HOH E 5 .   ? 10.784  7.354   13.212  1.00 26.79 ? 295 HOH A O   1 
HETATM 1137 O  O   . HOH E 5 .   ? 4.034   -11.602 1.873   1.00 41.61 ? 296 HOH A O   1 
HETATM 1138 O  O   . HOH E 5 .   ? -13.105 -10.742 9.207   1.00 28.22 ? 297 HOH A O   1 
HETATM 1139 O  O   . HOH E 5 .   ? -3.719  11.101  10.128  1.00 32.01 ? 298 HOH A O   1 
HETATM 1140 O  O   . HOH E 5 .   ? 1.140   -1.626  -16.836 1.00 28.32 ? 299 HOH A O   1 
HETATM 1141 O  O   . HOH E 5 .   ? -0.802  -17.923 4.973   1.00 33.71 ? 300 HOH A O   1 
HETATM 1142 O  O   . HOH E 5 .   ? -9.323  16.161  3.636   1.00 35.17 ? 301 HOH A O   1 
HETATM 1143 O  O   . HOH E 5 .   ? -6.199  7.334   -7.476  1.00 43.73 ? 302 HOH A O   1 
HETATM 1144 O  O   . HOH E 5 .   ? -13.773 9.160   10.858  1.00 36.93 ? 303 HOH A O   1 
HETATM 1145 O  O   . HOH E 5 .   ? -2.502  10.740  -9.034  1.00 41.51 ? 304 HOH A O   1 
HETATM 1146 O  O   . HOH E 5 .   ? -7.420  -4.904  -17.968 1.00 56.62 ? 305 HOH A O   1 
HETATM 1147 O  O   . HOH E 5 .   ? -15.371 3.746   -1.939  1.00 36.49 ? 306 HOH A O   1 
HETATM 1148 O  O   . HOH E 5 .   ? 2.232   6.741   -13.084 1.00 38.77 ? 307 HOH A O   1 
HETATM 1149 O  O   . HOH E 5 .   ? -1.405  -15.849 2.223   1.00 40.43 ? 308 HOH A O   1 
HETATM 1150 O  O   . HOH E 5 .   ? 9.149   -6.482  -20.651 1.00 37.74 ? 309 HOH A O   1 
HETATM 1151 O  O   . HOH E 5 .   ? 10.696  -7.555  -22.888 1.00 43.34 ? 310 HOH A O   1 
HETATM 1152 O  O   . HOH E 5 .   ? 11.011  -3.151  -13.155 1.00 44.15 ? 311 HOH A O   1 
HETATM 1153 O  O   . HOH E 5 .   ? -6.277  -14.769 -14.245 1.00 43.71 ? 312 HOH A O   1 
HETATM 1154 O  O   . HOH E 5 .   ? -6.038  1.599   -21.479 1.00 40.01 ? 313 HOH A O   1 
HETATM 1155 O  O   . HOH E 5 .   ? 0.270   -13.388 -15.383 1.00 41.53 ? 314 HOH A O   1 
HETATM 1156 O  O   . HOH E 5 .   ? -1.844  -5.767  -14.267 1.00 34.07 ? 315 HOH A O   1 
HETATM 1157 O  O   . HOH E 5 .   ? 6.103   -10.305 -8.376  1.00 21.22 ? 316 HOH A O   1 
HETATM 1158 O  O   . HOH E 5 .   ? 19.267  5.246   -4.510  1.00 21.89 ? 317 HOH A O   1 
HETATM 1159 O  O   . HOH E 5 .   ? 8.584   1.881   15.412  1.00 43.33 ? 318 HOH A O   1 
HETATM 1160 O  O   . HOH E 5 .   ? -3.262  -10.120 14.905  1.00 30.77 ? 319 HOH A O   1 
HETATM 1161 O  O   . HOH E 5 .   ? -2.120  -11.566 16.812  1.00 30.27 ? 320 HOH A O   1 
HETATM 1162 O  O   . HOH E 5 .   ? -17.479 -12.188 6.606   1.00 38.78 ? 321 HOH A O   1 
HETATM 1163 O  O   . HOH E 5 .   ? 0.415   -13.992 11.645  1.00 42.90 ? 322 HOH A O   1 
HETATM 1164 O  O   . HOH E 5 .   ? 12.439  -0.222  -12.535 1.00 45.68 ? 323 HOH A O   1 
HETATM 1165 O  O   . HOH E 5 .   ? 4.839   14.622  8.710   1.00 34.81 ? 324 HOH A O   1 
HETATM 1166 O  O   . HOH E 5 .   ? 12.274  5.577   6.125   1.00 36.88 ? 325 HOH A O   1 
# 
